data_8PSN
#
_entry.id   8PSN
#
_cell.length_a   1.00
_cell.length_b   1.00
_cell.length_c   1.00
_cell.angle_alpha   90.00
_cell.angle_beta   90.00
_cell.angle_gamma   90.00
#
_symmetry.space_group_name_H-M   'P 1'
#
loop_
_entity.id
_entity.type
_entity.pdbx_description
1 polymer 'Polymerase acidic protein (PA-like)'
2 polymer 'Putative PB1'
3 polymer 'RNA-dependent RNA polymerase'
4 polymer "5' vRNA end - vRNA loop (40-mer)"
5 polymer "DNA (5'-D(*(CTP))-3')"
6 non-polymer 'ZINC ION'
7 non-polymer 'MAGNESIUM ION'
8 water water
#
loop_
_entity_poly.entity_id
_entity_poly.type
_entity_poly.pdbx_seq_one_letter_code
_entity_poly.pdbx_strand_id
1 'polypeptide(L)'
;MDSRFAQLTGVFCDDFTYSEGSRRFLSSYSTVERRPGVPVEGDCYDCLKNKWIAFELEGQPRKFPKATVRCILNNDATYV
CSEQEYQQICKVQFKDYLEIDGVVKVGHKASYDAELRERLLELPHPKSGPKPRIEWVAPPRLADISKETAELKRQYGFFE
CSKFLACGEECGLDQEARELILNEYARDREFEFRNGGWIQRYTVASHKPATQKILPLPASAPLARELLMLIARSTTQAGK
VLHSDNTSILAVPVMRDSGKHSKRRPTASTHHLVVGLSKPGCEHDFEFDGYRAAVHVMHLDPKQSANIGEQDFVSTREIY
KLDMLELPPISRKGDLDRASGLETRWDVILLLECLDSTRVSQAVAQHFNRHRLALSVCKDEFRKGYQLASEIRGTIPLSS
LYYSLCAVRLRMTVHPFAR
;
A
2 'polypeptide(L)'
;MWAFQEGVCKGNLLSGPTSMKAPDSAARESIDRASEIMTGKSYNAVHTGDLSKLPNQGESPLRIVDSDLYSERSCCWVIE
KEGRVVCKSTTLTRGMTSLLNTTKCSSPSELICKVLTVESLSEKIGDTSVEELLSHGRYFKCALRDQERGKPKSRAIFLS
HPFFRLLSSVVETHARSVLSKVSAVYTATASAEQRAMMAAQVVESRKHVLNGDCTKYNEAIDADTLLKVWDAIGMGSIGV
MLAYMVRRKCVLIKDTLVECPGGMLMGMFNATATLALQGTTDRFLSFSDDFITSFNSPAELREIEDLLFASCHNLSLKKS
YISVASLEINSCTLTRDGDLATGLGCTAGVPFRGPLVTLKQTAAMLSGAVDSGVMPFHSAERLFQIKQQECAYRYNNPTY
TTRNEDFLPTCLGGKTVISFQSLLTWDCHPFWYQVHPDGPDTIDQKVLSVLASKTRRRRTRLEALSDLDPLVPHRLLVSE
SDVSKIRAARQAHLKSLGLEQPTNFNYAIYKAVQPTAGC
;
B
3 'polypeptide(L)'
;MSQFGKSFKGRTEVTITEYRSHTVKDVHRSLLTADKSLRKSFCFRNALNQFLDKDLPLLPIRPKLESRVAVKKSKLRSQL
SFRPGLTQEEAIDLYNKGYDGDSVSGALQDRVVNEPVAYSSADNDKFHRGLAALGYTLADRAFDTCESGFVRAIPTTPCG
FICCGPGSFKDSLGFVIKIGEFWHMYDGFQHFVAVEDAKFLASKSPSFWLAKRLAKRLNLVPKEDPSVAAAECPCKKVWE
ASFARAPTALDPFGGRAFCDQGWVYHRDVGYATANHISQETLFQQALSVRNLGPQGSANVSGSIHTALDRLRAAYSRGTP
ASRSILQGLANLITPVGENFECDLDKRKLNIKALRSPERYITIEGLVVNLDDVVRGFYLDKAKVTVLSRSKWMGYEDLPQ
KPPNGTFYCRKRKAMLLISCSPGTYAKKRKVAVQEDRFKDMRVENFREVAENMDLNQGSGSENLYFQGHHHHHHHHHH
;
C
4 'polyribonucleotide' GCAAAUCUUUCUCACGUCCUGACUUGUGAGUAAAAUUUGG V,S
5 'polydeoxyribonucleotide' (CTP) E
#
loop_
_chem_comp.id
_chem_comp.type
_chem_comp.name
_chem_comp.formula
A RNA linking ADENOSINE-5'-MONOPHOSPHATE 'C10 H14 N5 O7 P'
C RNA linking CYTIDINE-5'-MONOPHOSPHATE 'C9 H14 N3 O8 P'
CTP non-polymer CYTIDINE-5'-TRIPHOSPHATE 'C9 H16 N3 O14 P3'
G RNA linking GUANOSINE-5'-MONOPHOSPHATE 'C10 H14 N5 O8 P'
MG non-polymer 'MAGNESIUM ION' 'Mg 2'
U RNA linking URIDINE-5'-MONOPHOSPHATE 'C9 H13 N2 O9 P'
ZN non-polymer 'ZINC ION' 'Zn 2'
#
# COMPACT_ATOMS: atom_id res chain seq x y z
N MET A 1 -14.60 -8.55 26.89
CA MET A 1 -15.04 -9.69 26.06
C MET A 1 -13.83 -10.51 25.62
N ASP A 2 -13.74 -11.74 26.12
CA ASP A 2 -12.62 -12.63 25.82
C ASP A 2 -13.16 -14.01 25.49
N SER A 3 -12.65 -14.59 24.40
CA SER A 3 -13.15 -15.90 23.95
C SER A 3 -12.85 -17.01 24.95
N ARG A 4 -11.86 -16.81 25.83
CA ARG A 4 -11.54 -17.84 26.81
C ARG A 4 -12.77 -18.25 27.62
N PHE A 5 -13.59 -17.28 27.98
CA PHE A 5 -14.78 -17.54 28.79
C PHE A 5 -15.99 -17.94 27.97
N ALA A 6 -15.89 -17.92 26.64
CA ALA A 6 -17.06 -18.19 25.81
C ALA A 6 -17.70 -19.52 26.20
N GLN A 7 -16.91 -20.59 26.22
CA GLN A 7 -17.42 -21.89 26.63
C GLN A 7 -18.07 -21.80 28.01
N LEU A 8 -17.39 -21.16 28.95
CA LEU A 8 -17.96 -20.96 30.28
C LEU A 8 -19.34 -20.34 30.18
N THR A 9 -19.46 -19.27 29.39
CA THR A 9 -20.75 -18.62 29.24
C THR A 9 -21.79 -19.60 28.73
N GLY A 10 -21.41 -20.42 27.74
CA GLY A 10 -22.36 -21.39 27.21
C GLY A 10 -22.85 -22.35 28.29
N VAL A 11 -21.99 -22.70 29.24
CA VAL A 11 -22.40 -23.57 30.33
C VAL A 11 -23.34 -22.83 31.27
N PHE A 12 -23.10 -21.53 31.50
CA PHE A 12 -23.90 -20.78 32.47
C PHE A 12 -25.35 -20.71 32.02
N CYS A 13 -25.59 -20.44 30.74
CA CYS A 13 -26.95 -20.34 30.24
C CYS A 13 -27.68 -21.68 30.39
N ASP A 14 -27.22 -22.69 29.66
CA ASP A 14 -27.73 -24.05 29.77
C ASP A 14 -29.25 -24.02 29.69
N ASP A 15 -29.77 -23.61 28.53
CA ASP A 15 -31.20 -23.73 28.22
C ASP A 15 -32.09 -23.26 29.37
N PHE A 16 -31.65 -22.23 30.09
CA PHE A 16 -32.50 -21.61 31.10
C PHE A 16 -33.52 -20.70 30.42
N THR A 17 -34.77 -20.80 30.87
CA THR A 17 -35.88 -20.12 30.23
C THR A 17 -36.61 -19.23 31.23
N TYR A 18 -37.24 -18.19 30.70
CA TYR A 18 -38.07 -17.27 31.47
C TYR A 18 -39.32 -16.93 30.67
N SER A 19 -40.33 -16.43 31.36
CA SER A 19 -41.60 -16.07 30.74
C SER A 19 -42.21 -17.27 30.01
N GLU A 20 -42.06 -18.45 30.62
CA GLU A 20 -42.66 -19.69 30.10
C GLU A 20 -42.17 -19.99 28.68
N GLY A 21 -40.86 -20.22 28.57
CA GLY A 21 -40.29 -20.70 27.32
C GLY A 21 -39.17 -19.84 26.77
N SER A 22 -39.31 -18.52 26.83
CA SER A 22 -38.30 -17.64 26.28
C SER A 22 -36.98 -17.83 27.02
N ARG A 23 -35.88 -17.77 26.28
CA ARG A 23 -34.56 -17.99 26.88
C ARG A 23 -34.25 -16.91 27.89
N ARG A 24 -33.70 -17.32 29.03
CA ARG A 24 -33.41 -16.37 30.11
C ARG A 24 -32.07 -15.67 29.89
N PHE A 25 -31.01 -16.44 29.70
CA PHE A 25 -29.66 -15.90 29.57
C PHE A 25 -29.24 -15.90 28.11
N LEU A 26 -28.74 -14.76 27.65
CA LEU A 26 -28.27 -14.58 26.28
C LEU A 26 -26.76 -14.44 26.31
N SER A 27 -26.07 -15.33 25.59
CA SER A 27 -24.61 -15.32 25.57
C SER A 27 -24.11 -14.30 24.55
N SER A 28 -23.13 -13.48 24.96
CA SER A 28 -22.55 -12.49 24.06
C SER A 28 -21.60 -13.12 23.05
N TYR A 29 -21.25 -14.38 23.21
CA TYR A 29 -20.38 -15.08 22.27
C TYR A 29 -21.15 -15.87 21.22
N SER A 30 -22.47 -15.83 21.25
CA SER A 30 -23.31 -16.56 20.31
C SER A 30 -23.93 -15.58 19.32
N THR A 31 -23.84 -15.91 18.03
CA THR A 31 -24.36 -15.04 16.99
C THR A 31 -25.87 -15.09 16.87
N VAL A 32 -26.53 -16.02 17.57
CA VAL A 32 -27.99 -16.11 17.53
C VAL A 32 -28.63 -15.69 18.85
N GLU A 33 -27.95 -15.87 19.98
CA GLU A 33 -28.48 -15.42 21.25
C GLU A 33 -28.22 -13.93 21.50
N ARG A 34 -27.31 -13.33 20.74
CA ARG A 34 -27.01 -11.91 20.91
C ARG A 34 -28.21 -11.07 20.50
N ARG A 35 -28.48 -10.02 21.26
CA ARG A 35 -29.54 -9.09 20.92
C ARG A 35 -29.05 -8.16 19.80
N PRO A 36 -29.72 -8.12 18.64
CA PRO A 36 -29.24 -7.25 17.57
C PRO A 36 -29.33 -5.78 17.93
N GLY A 37 -28.35 -5.02 17.45
CA GLY A 37 -28.33 -3.59 17.71
C GLY A 37 -28.22 -3.24 19.18
N VAL A 38 -27.41 -3.98 19.93
CA VAL A 38 -27.21 -3.72 21.35
C VAL A 38 -25.75 -3.98 21.70
N PRO A 39 -24.99 -2.97 22.12
CA PRO A 39 -23.62 -3.23 22.59
C PRO A 39 -23.62 -4.17 23.79
N VAL A 40 -22.58 -5.00 23.87
CA VAL A 40 -22.46 -5.98 24.93
C VAL A 40 -21.68 -5.37 26.08
N GLU A 41 -22.19 -5.52 27.29
CA GLU A 41 -21.56 -5.02 28.50
C GLU A 41 -21.10 -6.13 29.43
N GLY A 42 -21.29 -7.40 29.06
CA GLY A 42 -20.87 -8.50 29.90
C GLY A 42 -20.81 -9.77 29.08
N ASP A 43 -20.41 -10.85 29.76
CA ASP A 43 -20.34 -12.15 29.09
C ASP A 43 -21.73 -12.63 28.67
N CYS A 44 -22.72 -12.45 29.53
CA CYS A 44 -24.08 -12.86 29.23
C CYS A 44 -25.04 -11.77 29.73
N TYR A 45 -26.30 -11.91 29.34
CA TYR A 45 -27.34 -10.93 29.69
C TYR A 45 -28.55 -11.68 30.20
N ASP A 46 -29.00 -11.33 31.40
CA ASP A 46 -30.22 -11.87 31.98
C ASP A 46 -31.39 -10.98 31.58
N CYS A 47 -32.32 -11.53 30.79
CA CYS A 47 -33.44 -10.75 30.29
C CYS A 47 -34.45 -10.45 31.39
N LEU A 48 -34.78 -11.45 32.20
CA LEU A 48 -35.80 -11.27 33.22
C LEU A 48 -35.41 -10.14 34.17
N LYS A 49 -34.19 -10.18 34.69
CA LYS A 49 -33.68 -9.10 35.54
C LYS A 49 -33.03 -7.99 34.75
N ASN A 50 -32.83 -8.17 33.44
CA ASN A 50 -32.25 -7.14 32.58
C ASN A 50 -30.91 -6.65 33.15
N LYS A 51 -29.98 -7.58 33.28
CA LYS A 51 -28.68 -7.23 33.84
C LYS A 51 -27.58 -8.05 33.17
N TRP A 52 -26.45 -7.40 32.91
CA TRP A 52 -25.30 -8.08 32.33
C TRP A 52 -24.50 -8.78 33.42
N ILE A 53 -23.95 -9.94 33.07
CA ILE A 53 -23.14 -10.75 33.99
C ILE A 53 -21.82 -11.06 33.30
N ALA A 54 -20.72 -10.86 34.01
CA ALA A 54 -19.39 -11.15 33.51
C ALA A 54 -18.64 -12.03 34.51
N PHE A 55 -17.92 -13.02 33.99
CA PHE A 55 -17.18 -13.96 34.82
C PHE A 55 -15.72 -13.52 34.90
N GLU A 56 -15.21 -13.42 36.12
CA GLU A 56 -13.82 -13.05 36.37
C GLU A 56 -13.17 -14.05 37.32
N LEU A 57 -11.85 -14.12 37.24
CA LEU A 57 -11.06 -14.94 38.14
C LEU A 57 -10.71 -14.14 39.39
N GLU A 58 -10.40 -14.83 40.47
CA GLU A 58 -10.04 -14.15 41.71
C GLU A 58 -8.84 -13.25 41.47
N GLY A 59 -9.01 -11.95 41.69
CA GLY A 59 -7.92 -11.00 41.54
C GLY A 59 -7.54 -10.67 40.11
N GLN A 60 -8.43 -10.89 39.14
CA GLN A 60 -8.16 -10.60 37.73
C GLN A 60 -9.30 -9.78 37.16
N PRO A 61 -9.27 -8.47 37.33
CA PRO A 61 -10.33 -7.62 36.78
C PRO A 61 -10.38 -7.67 35.26
N ARG A 62 -11.58 -7.48 34.72
CA ARG A 62 -11.82 -7.44 33.29
C ARG A 62 -12.48 -6.13 32.90
N LYS A 63 -12.19 -5.66 31.69
CA LYS A 63 -12.66 -4.36 31.21
C LYS A 63 -14.13 -4.49 30.84
N PHE A 64 -14.98 -4.24 31.84
CA PHE A 64 -16.43 -4.22 31.69
C PHE A 64 -16.99 -3.06 32.48
N PRO A 65 -18.19 -2.58 32.12
CA PRO A 65 -18.80 -1.50 32.91
C PRO A 65 -19.00 -1.91 34.36
N LYS A 66 -18.93 -0.91 35.24
CA LYS A 66 -18.99 -1.20 36.68
C LYS A 66 -20.32 -1.85 37.06
N ALA A 67 -21.43 -1.40 36.46
CA ALA A 67 -22.73 -1.95 36.81
C ALA A 67 -22.85 -3.43 36.51
N THR A 68 -21.99 -3.96 35.63
CA THR A 68 -22.06 -5.38 35.28
C THR A 68 -21.81 -6.24 36.52
N VAL A 69 -22.63 -7.26 36.70
CA VAL A 69 -22.50 -8.16 37.83
C VAL A 69 -21.34 -9.10 37.59
N ARG A 70 -20.46 -9.24 38.58
CA ARG A 70 -19.26 -10.04 38.48
C ARG A 70 -19.43 -11.34 39.26
N CYS A 71 -19.14 -12.45 38.61
CA CYS A 71 -19.18 -13.78 39.22
C CYS A 71 -17.74 -14.25 39.39
N ILE A 72 -17.12 -13.86 40.51
CA ILE A 72 -15.73 -14.18 40.73
C ILE A 72 -15.58 -15.68 40.91
N LEU A 73 -14.67 -16.28 40.15
CA LEU A 73 -14.39 -17.72 40.21
C LEU A 73 -13.23 -17.91 41.16
N ASN A 74 -13.52 -18.29 42.40
CA ASN A 74 -12.47 -18.45 43.40
C ASN A 74 -11.51 -19.56 43.01
N ASN A 75 -10.26 -19.44 43.46
CA ASN A 75 -9.20 -20.31 43.00
C ASN A 75 -9.37 -21.76 43.43
N ASP A 76 -10.04 -22.03 44.55
CA ASP A 76 -10.00 -23.36 45.13
C ASP A 76 -11.32 -24.10 45.08
N ALA A 77 -12.37 -23.55 45.71
CA ALA A 77 -13.57 -24.34 45.94
C ALA A 77 -14.83 -23.74 45.31
N THR A 78 -15.14 -22.48 45.62
CA THR A 78 -16.47 -21.96 45.37
C THR A 78 -16.43 -20.84 44.32
N TYR A 79 -17.62 -20.32 44.03
CA TYR A 79 -17.80 -19.19 43.12
C TYR A 79 -18.64 -18.16 43.85
N VAL A 80 -18.14 -16.92 43.92
CA VAL A 80 -18.76 -15.88 44.75
C VAL A 80 -19.24 -14.75 43.85
N CYS A 81 -20.49 -14.35 44.03
CA CYS A 81 -21.06 -13.26 43.25
C CYS A 81 -21.87 -12.35 44.16
N SER A 82 -22.02 -11.09 43.75
CA SER A 82 -22.81 -10.14 44.52
C SER A 82 -24.25 -10.61 44.66
N GLU A 83 -24.83 -11.15 43.59
CA GLU A 83 -26.18 -11.66 43.61
C GLU A 83 -26.17 -13.13 44.04
N GLN A 84 -27.05 -13.47 44.99
CA GLN A 84 -27.09 -14.84 45.49
C GLN A 84 -27.58 -15.81 44.43
N GLU A 85 -28.55 -15.40 43.62
CA GLU A 85 -29.09 -16.29 42.59
C GLU A 85 -28.01 -16.68 41.59
N TYR A 86 -27.19 -15.72 41.16
CA TYR A 86 -26.10 -16.04 40.24
C TYR A 86 -25.08 -16.96 40.90
N GLN A 87 -24.82 -16.77 42.19
CA GLN A 87 -23.93 -17.69 42.90
C GLN A 87 -24.48 -19.11 42.90
N GLN A 88 -25.77 -19.26 43.17
CA GLN A 88 -26.38 -20.58 43.14
C GLN A 88 -26.33 -21.20 41.74
N ILE A 89 -26.57 -20.38 40.72
CA ILE A 89 -26.49 -20.87 39.35
C ILE A 89 -25.08 -21.34 39.03
N CYS A 90 -24.07 -20.57 39.45
CA CYS A 90 -22.69 -20.98 39.24
C CYS A 90 -22.40 -22.30 39.95
N LYS A 91 -22.87 -22.44 41.18
CA LYS A 91 -22.61 -23.67 41.93
C LYS A 91 -23.25 -24.87 41.24
N VAL A 92 -24.52 -24.74 40.84
CA VAL A 92 -25.22 -25.88 40.25
C VAL A 92 -24.67 -26.21 38.86
N GLN A 93 -24.38 -25.19 38.06
CA GLN A 93 -23.95 -25.43 36.69
C GLN A 93 -22.52 -25.94 36.63
N PHE A 94 -21.63 -25.39 37.45
CA PHE A 94 -20.22 -25.78 37.44
C PHE A 94 -20.00 -26.98 38.37
N LYS A 95 -20.75 -28.06 38.08
CA LYS A 95 -20.58 -29.29 38.85
C LYS A 95 -19.17 -29.84 38.68
N ASP A 96 -18.66 -29.85 37.45
CA ASP A 96 -17.29 -30.24 37.18
C ASP A 96 -16.40 -29.00 37.31
N TYR A 97 -15.14 -29.13 36.91
CA TYR A 97 -14.17 -28.04 36.97
C TYR A 97 -13.74 -27.72 35.54
N LEU A 98 -14.38 -26.73 34.94
CA LEU A 98 -14.02 -26.27 33.60
C LEU A 98 -12.91 -25.23 33.71
N GLU A 99 -11.73 -25.72 34.09
CA GLU A 99 -10.56 -24.86 34.20
C GLU A 99 -10.30 -24.18 32.87
N ILE A 100 -10.10 -22.87 32.93
CA ILE A 100 -9.85 -22.07 31.73
C ILE A 100 -8.35 -21.93 31.54
N ASP A 101 -7.87 -22.16 30.33
CA ASP A 101 -6.44 -22.04 30.05
C ASP A 101 -5.98 -20.62 30.29
N GLY A 102 -4.71 -20.49 30.68
CA GLY A 102 -4.13 -19.18 30.91
C GLY A 102 -3.80 -18.47 29.61
N VAL A 103 -3.35 -17.23 29.77
CA VAL A 103 -3.00 -16.39 28.62
C VAL A 103 -1.62 -16.81 28.13
N VAL A 104 -1.54 -17.13 26.83
CA VAL A 104 -0.27 -17.54 26.23
C VAL A 104 0.47 -16.30 25.75
N LYS A 105 1.75 -16.20 26.09
CA LYS A 105 2.59 -15.08 25.70
C LYS A 105 3.44 -15.45 24.50
N VAL A 106 3.85 -14.43 23.74
CA VAL A 106 4.61 -14.68 22.52
C VAL A 106 5.95 -15.32 22.84
N GLY A 107 6.58 -14.89 23.93
CA GLY A 107 7.85 -15.46 24.33
C GLY A 107 7.69 -16.72 25.16
N HIS A 108 6.70 -17.54 24.82
CA HIS A 108 6.44 -18.77 25.56
C HIS A 108 7.40 -19.85 25.12
N LYS A 109 8.15 -20.41 26.06
CA LYS A 109 9.12 -21.45 25.76
C LYS A 109 8.44 -22.82 25.85
N ALA A 110 8.43 -23.55 24.73
CA ALA A 110 7.80 -24.85 24.69
C ALA A 110 8.75 -25.93 25.18
N SER A 111 8.21 -27.12 25.41
CA SER A 111 9.02 -28.23 25.89
C SER A 111 10.05 -28.66 24.86
N TYR A 112 9.77 -28.44 23.57
CA TYR A 112 10.66 -28.87 22.49
C TYR A 112 11.62 -27.78 22.05
N ASP A 113 11.69 -26.66 22.77
CA ASP A 113 12.58 -25.58 22.38
C ASP A 113 14.03 -26.04 22.33
N ALA A 114 14.47 -26.73 23.39
CA ALA A 114 15.86 -27.17 23.45
C ALA A 114 16.17 -28.19 22.36
N GLU A 115 15.25 -29.12 22.11
CA GLU A 115 15.48 -30.14 21.09
C GLU A 115 15.60 -29.50 19.70
N LEU A 116 14.71 -28.56 19.39
CA LEU A 116 14.77 -27.90 18.09
C LEU A 116 16.01 -27.04 17.96
N ARG A 117 16.43 -26.41 19.07
CA ARG A 117 17.67 -25.64 19.03
C ARG A 117 18.86 -26.53 18.78
N GLU A 118 18.90 -27.72 19.39
CA GLU A 118 19.97 -28.66 19.12
C GLU A 118 19.95 -29.09 17.65
N ARG A 119 18.78 -29.40 17.12
CA ARG A 119 18.68 -29.79 15.72
C ARG A 119 19.18 -28.69 14.80
N LEU A 120 18.81 -27.44 15.09
CA LEU A 120 19.26 -26.32 14.27
C LEU A 120 20.77 -26.14 14.39
N LEU A 121 21.33 -26.36 15.58
CA LEU A 121 22.77 -26.27 15.76
C LEU A 121 23.49 -27.32 14.92
N GLU A 122 22.96 -28.54 14.86
CA GLU A 122 23.59 -29.59 14.09
C GLU A 122 23.50 -29.37 12.58
N LEU A 123 22.71 -28.41 12.13
CA LEU A 123 22.56 -28.14 10.71
C LEU A 123 23.64 -27.21 10.20
N PRO A 124 23.83 -27.12 8.89
CA PRO A 124 24.91 -26.28 8.35
C PRO A 124 24.72 -24.81 8.70
N HIS A 125 25.85 -24.12 8.79
CA HIS A 125 25.89 -22.69 9.09
C HIS A 125 26.71 -21.98 8.03
N PRO A 126 26.47 -20.69 7.82
CA PRO A 126 27.26 -19.95 6.82
C PRO A 126 28.67 -19.65 7.32
N LYS A 127 29.54 -19.33 6.36
CA LYS A 127 30.91 -18.93 6.64
C LYS A 127 31.07 -17.46 6.29
N SER A 128 31.88 -16.76 7.08
CA SER A 128 32.08 -15.34 6.85
C SER A 128 32.65 -15.09 5.46
N GLY A 129 32.04 -14.14 4.74
CA GLY A 129 32.52 -13.75 3.44
C GLY A 129 33.62 -12.71 3.54
N PRO A 130 34.18 -12.33 2.40
CA PRO A 130 35.23 -11.30 2.41
C PRO A 130 34.63 -9.90 2.45
N LYS A 131 35.29 -9.02 3.20
CA LYS A 131 34.84 -7.64 3.27
C LYS A 131 35.20 -6.93 1.97
N PRO A 132 34.24 -6.42 1.21
CA PRO A 132 34.57 -5.83 -0.10
C PRO A 132 35.22 -4.47 0.03
N ARG A 133 36.13 -4.19 -0.90
CA ARG A 133 36.80 -2.91 -0.98
C ARG A 133 36.00 -1.98 -1.88
N ILE A 134 35.52 -0.88 -1.32
CA ILE A 134 34.66 0.06 -2.04
C ILE A 134 35.49 1.29 -2.38
N GLU A 135 35.57 1.59 -3.68
CA GLU A 135 36.24 2.79 -4.17
C GLU A 135 35.22 3.64 -4.91
N TRP A 136 35.15 4.91 -4.55
CA TRP A 136 34.18 5.83 -5.13
C TRP A 136 34.87 6.73 -6.15
N VAL A 137 34.30 6.80 -7.35
CA VAL A 137 34.87 7.53 -8.46
C VAL A 137 33.76 8.32 -9.15
N ALA A 138 34.13 9.10 -10.16
CA ALA A 138 33.17 9.87 -10.90
C ALA A 138 32.31 8.94 -11.77
N PRO A 139 31.12 9.38 -12.14
CA PRO A 139 30.26 8.55 -13.01
C PRO A 139 30.86 8.40 -14.40
N PRO A 140 30.45 7.38 -15.14
CA PRO A 140 31.09 7.12 -16.44
C PRO A 140 30.90 8.27 -17.42
N ARG A 141 31.88 8.42 -18.31
CA ARG A 141 31.87 9.47 -19.31
C ARG A 141 31.21 8.98 -20.61
N LEU A 142 31.17 9.86 -21.61
CA LEU A 142 30.60 9.50 -22.90
C LEU A 142 31.36 8.35 -23.55
N ALA A 143 32.67 8.26 -23.31
CA ALA A 143 33.47 7.24 -23.96
C ALA A 143 33.02 5.84 -23.57
N ASP A 144 32.63 5.64 -22.30
CA ASP A 144 32.19 4.33 -21.87
C ASP A 144 30.91 3.91 -22.59
N ILE A 145 29.95 4.83 -22.73
CA ILE A 145 28.72 4.51 -23.44
C ILE A 145 29.00 4.21 -24.90
N SER A 146 29.88 5.01 -25.52
CA SER A 146 30.25 4.76 -26.90
C SER A 146 30.90 3.39 -27.04
N LYS A 147 31.75 3.01 -26.09
CA LYS A 147 32.37 1.70 -26.12
C LYS A 147 31.35 0.58 -26.02
N GLU A 148 30.35 0.75 -25.14
CA GLU A 148 29.31 -0.26 -25.02
C GLU A 148 28.53 -0.41 -26.33
N THR A 149 28.16 0.72 -26.95
CA THR A 149 27.43 0.67 -28.21
C THR A 149 28.27 0.01 -29.30
N ALA A 150 29.56 0.35 -29.35
CA ALA A 150 30.45 -0.25 -30.35
C ALA A 150 30.58 -1.75 -30.12
N GLU A 151 30.66 -2.17 -28.86
CA GLU A 151 30.73 -3.59 -28.56
C GLU A 151 29.49 -4.31 -29.05
N LEU A 152 28.31 -3.74 -28.79
CA LEU A 152 27.08 -4.35 -29.29
C LEU A 152 27.10 -4.45 -30.81
N LYS A 153 27.48 -3.36 -31.48
CA LYS A 153 27.50 -3.34 -32.94
C LYS A 153 28.43 -4.42 -33.48
N ARG A 154 29.65 -4.49 -32.96
CA ARG A 154 30.60 -5.48 -33.44
C ARG A 154 30.12 -6.89 -33.17
N GLN A 155 29.55 -7.13 -31.99
CA GLN A 155 29.16 -8.49 -31.63
C GLN A 155 28.00 -8.97 -32.48
N TYR A 156 27.02 -8.12 -32.76
CA TYR A 156 25.78 -8.57 -33.38
C TYR A 156 25.56 -8.05 -34.80
N GLY A 157 25.98 -6.82 -35.10
CA GLY A 157 25.78 -6.29 -36.43
C GLY A 157 24.35 -5.79 -36.64
N PHE A 158 24.00 -5.65 -37.91
CA PHE A 158 22.71 -5.07 -38.30
C PHE A 158 22.04 -5.93 -39.36
N PHE A 159 20.71 -5.88 -39.38
CA PHE A 159 19.94 -6.52 -40.44
C PHE A 159 19.93 -5.63 -41.69
N GLU A 160 19.58 -6.23 -42.82
CA GLU A 160 19.49 -5.49 -44.06
C GLU A 160 18.21 -4.64 -44.13
N CYS A 161 17.14 -5.09 -43.46
CA CYS A 161 15.87 -4.38 -43.44
C CYS A 161 15.43 -4.20 -41.99
N SER A 162 14.31 -3.50 -41.81
CA SER A 162 13.78 -3.21 -40.48
C SER A 162 12.85 -4.29 -39.96
N LYS A 163 12.49 -5.27 -40.77
CA LYS A 163 11.63 -6.39 -40.35
C LYS A 163 10.31 -5.80 -39.85
N PHE A 164 9.76 -6.30 -38.73
CA PHE A 164 8.42 -5.88 -38.32
C PHE A 164 8.36 -4.40 -37.99
N LEU A 165 9.48 -3.78 -37.63
CA LEU A 165 9.49 -2.34 -37.38
C LEU A 165 9.06 -1.57 -38.63
N ALA A 166 9.40 -2.08 -39.81
CA ALA A 166 8.98 -1.45 -41.05
C ALA A 166 7.47 -1.37 -41.17
N CYS A 167 6.73 -2.22 -40.45
CA CYS A 167 5.29 -2.17 -40.47
C CYS A 167 4.74 -0.90 -39.83
N GLY A 168 5.58 -0.12 -39.14
CA GLY A 168 5.14 1.16 -38.62
C GLY A 168 4.89 2.20 -39.68
N GLU A 169 5.23 1.92 -40.93
CA GLU A 169 5.00 2.81 -42.05
C GLU A 169 4.02 2.16 -43.02
N GLU A 170 3.18 2.99 -43.63
CA GLU A 170 2.16 2.48 -44.54
C GLU A 170 2.79 1.84 -45.77
N CYS A 171 2.24 0.70 -46.18
CA CYS A 171 2.62 0.06 -47.43
C CYS A 171 1.70 0.56 -48.53
N GLY A 172 2.26 0.70 -49.74
CA GLY A 172 1.51 1.26 -50.84
C GLY A 172 0.46 0.34 -51.41
N LEU A 173 -0.46 -0.12 -50.57
CA LEU A 173 -1.57 -0.97 -51.01
C LEU A 173 -2.82 -0.59 -50.25
N ASP A 174 -3.97 -0.77 -50.91
CA ASP A 174 -5.25 -0.49 -50.29
C ASP A 174 -5.74 -1.72 -49.52
N GLN A 175 -6.92 -1.58 -48.90
CA GLN A 175 -7.41 -2.62 -48.01
C GLN A 175 -7.56 -3.96 -48.73
N GLU A 176 -8.23 -3.95 -49.89
CA GLU A 176 -8.45 -5.20 -50.60
C GLU A 176 -7.14 -5.85 -51.01
N ALA A 177 -6.20 -5.05 -51.52
CA ALA A 177 -4.91 -5.60 -51.92
C ALA A 177 -4.14 -6.14 -50.73
N ARG A 178 -4.21 -5.45 -49.59
CA ARG A 178 -3.53 -5.93 -48.39
C ARG A 178 -4.09 -7.27 -47.94
N GLU A 179 -5.43 -7.39 -47.90
CA GLU A 179 -6.03 -8.65 -47.52
C GLU A 179 -5.65 -9.77 -48.48
N LEU A 180 -5.69 -9.46 -49.79
CA LEU A 180 -5.33 -10.46 -50.79
C LEU A 180 -3.89 -10.93 -50.59
N ILE A 181 -2.97 -9.98 -50.40
CA ILE A 181 -1.56 -10.33 -50.26
C ILE A 181 -1.34 -11.18 -49.01
N LEU A 182 -1.98 -10.79 -47.90
CA LEU A 182 -1.80 -11.56 -46.67
C LEU A 182 -2.35 -12.98 -46.80
N ASN A 183 -3.54 -13.11 -47.39
CA ASN A 183 -4.13 -14.43 -47.56
C ASN A 183 -3.26 -15.31 -48.47
N GLU A 184 -2.75 -14.74 -49.56
CA GLU A 184 -1.95 -15.55 -50.47
C GLU A 184 -0.57 -15.86 -49.89
N TYR A 185 -0.03 -14.97 -49.05
CA TYR A 185 1.20 -15.30 -48.35
C TYR A 185 0.97 -16.46 -47.38
N ALA A 186 -0.16 -16.44 -46.68
CA ALA A 186 -0.49 -17.57 -45.82
C ALA A 186 -0.62 -18.85 -46.64
N ARG A 187 -1.28 -18.78 -47.79
CA ARG A 187 -1.44 -19.94 -48.65
C ARG A 187 -0.10 -20.48 -49.12
N ASP A 188 0.80 -19.59 -49.54
CA ASP A 188 2.10 -20.02 -50.06
C ASP A 188 2.95 -20.71 -49.00
N ARG A 189 2.69 -20.46 -47.72
CA ARG A 189 3.45 -21.04 -46.63
C ARG A 189 2.85 -22.34 -46.12
N GLU A 190 1.85 -22.88 -46.81
CA GLU A 190 1.21 -24.14 -46.42
C GLU A 190 0.55 -24.03 -45.05
N PHE A 191 0.05 -22.84 -44.71
CA PHE A 191 -0.74 -22.70 -43.49
C PHE A 191 -2.07 -23.42 -43.65
N GLU A 192 -2.41 -24.26 -42.66
CA GLU A 192 -3.66 -25.00 -42.73
C GLU A 192 -4.84 -24.04 -42.63
N PHE A 193 -5.87 -24.32 -43.42
CA PHE A 193 -7.09 -23.52 -43.42
C PHE A 193 -8.22 -24.33 -42.79
N ARG A 194 -8.87 -23.75 -41.78
CA ARG A 194 -9.90 -24.47 -41.05
C ARG A 194 -10.86 -23.46 -40.43
N ASN A 195 -12.16 -23.69 -40.62
CA ASN A 195 -13.20 -22.84 -40.04
C ASN A 195 -13.02 -21.39 -40.47
N GLY A 196 -12.53 -21.17 -41.68
CA GLY A 196 -12.30 -19.82 -42.15
C GLY A 196 -11.14 -19.11 -41.49
N GLY A 197 -10.16 -19.86 -40.98
CA GLY A 197 -9.03 -19.26 -40.31
C GLY A 197 -7.76 -20.00 -40.65
N TRP A 198 -6.64 -19.28 -40.53
CA TRP A 198 -5.32 -19.82 -40.83
C TRP A 198 -4.66 -20.33 -39.56
N ILE A 199 -3.95 -21.45 -39.67
CA ILE A 199 -3.22 -22.05 -38.55
C ILE A 199 -1.85 -22.45 -39.05
N GLN A 200 -0.83 -22.19 -38.24
CA GLN A 200 0.53 -22.61 -38.51
C GLN A 200 0.84 -23.84 -37.66
N ARG A 201 1.26 -24.91 -38.32
CA ARG A 201 1.52 -26.18 -37.65
C ARG A 201 3.01 -26.44 -37.59
N TYR A 202 3.45 -27.05 -36.49
CA TYR A 202 4.85 -27.37 -36.28
C TYR A 202 4.97 -28.82 -35.81
N THR A 203 6.11 -29.44 -36.12
CA THR A 203 6.39 -30.80 -35.74
C THR A 203 7.60 -30.92 -34.82
N VAL A 204 8.74 -30.35 -35.21
CA VAL A 204 9.98 -30.44 -34.44
C VAL A 204 10.56 -29.04 -34.29
N ALA A 205 11.40 -28.88 -33.28
CA ALA A 205 12.06 -27.62 -32.97
C ALA A 205 13.56 -27.83 -32.90
N SER A 206 14.31 -26.88 -33.46
CA SER A 206 15.76 -26.94 -33.38
C SER A 206 16.27 -26.72 -31.97
N HIS A 207 15.45 -26.15 -31.09
CA HIS A 207 15.79 -25.96 -29.68
C HIS A 207 17.03 -25.08 -29.53
N LYS A 208 17.23 -24.14 -30.45
CA LYS A 208 18.28 -23.14 -30.34
C LYS A 208 17.71 -21.78 -30.69
N PRO A 209 18.23 -20.71 -30.10
CA PRO A 209 17.66 -19.38 -30.35
C PRO A 209 17.88 -18.93 -31.79
N ALA A 210 16.98 -18.07 -32.26
CA ALA A 210 17.10 -17.50 -33.59
C ALA A 210 18.22 -16.47 -33.61
N THR A 211 18.64 -16.11 -34.82
CA THR A 211 19.71 -15.13 -34.98
C THR A 211 19.29 -13.78 -34.43
N GLN A 212 20.23 -13.08 -33.81
CA GLN A 212 19.98 -11.77 -33.21
C GLN A 212 20.84 -10.73 -33.92
N LYS A 213 20.19 -9.67 -34.42
CA LYS A 213 20.89 -8.56 -35.03
C LYS A 213 20.10 -7.29 -34.75
N ILE A 214 20.78 -6.15 -34.88
CA ILE A 214 20.15 -4.85 -34.61
C ILE A 214 19.32 -4.43 -35.81
N LEU A 215 18.11 -3.95 -35.54
CA LEU A 215 17.21 -3.51 -36.60
C LEU A 215 17.50 -2.07 -36.98
N PRO A 216 17.81 -1.76 -38.24
CA PRO A 216 17.94 -0.35 -38.63
C PRO A 216 16.62 0.38 -38.48
N LEU A 217 16.71 1.67 -38.18
CA LEU A 217 15.53 2.47 -37.88
C LEU A 217 14.84 2.90 -39.17
N PRO A 218 13.55 2.61 -39.35
CA PRO A 218 12.80 3.22 -40.45
C PRO A 218 12.73 4.73 -40.29
N ALA A 219 12.31 5.39 -41.36
CA ALA A 219 12.27 6.85 -41.36
C ALA A 219 11.31 7.39 -40.30
N SER A 220 10.12 6.79 -40.20
CA SER A 220 9.11 7.26 -39.27
C SER A 220 8.20 6.09 -38.89
N ALA A 221 7.16 6.38 -38.12
CA ALA A 221 6.21 5.37 -37.70
C ALA A 221 4.83 5.99 -37.49
N PRO A 222 4.22 6.53 -38.54
CA PRO A 222 2.89 7.14 -38.37
C PRO A 222 1.81 6.15 -37.97
N LEU A 223 2.01 4.86 -38.21
CA LEU A 223 1.01 3.85 -37.95
C LEU A 223 1.25 3.09 -36.64
N ALA A 224 1.98 3.69 -35.71
CA ALA A 224 2.27 3.01 -34.44
C ALA A 224 0.99 2.72 -33.67
N ARG A 225 0.09 3.71 -33.59
CA ARG A 225 -1.15 3.53 -32.85
C ARG A 225 -2.00 2.42 -33.47
N GLU A 226 -2.17 2.47 -34.79
CA GLU A 226 -2.93 1.43 -35.48
C GLU A 226 -2.27 0.07 -35.31
N LEU A 227 -0.94 0.03 -35.40
CA LEU A 227 -0.23 -1.24 -35.26
C LEU A 227 -0.47 -1.85 -33.89
N LEU A 228 -0.35 -1.04 -32.83
CA LEU A 228 -0.55 -1.57 -31.49
C LEU A 228 -2.00 -1.99 -31.26
N MET A 229 -2.95 -1.18 -31.76
CA MET A 229 -4.36 -1.56 -31.63
C MET A 229 -4.64 -2.88 -32.34
N LEU A 230 -4.08 -3.05 -33.53
CA LEU A 230 -4.32 -4.28 -34.28
C LEU A 230 -3.65 -5.47 -33.62
N ILE A 231 -2.47 -5.28 -33.02
CA ILE A 231 -1.84 -6.36 -32.29
C ILE A 231 -2.68 -6.76 -31.10
N ALA A 232 -3.26 -5.78 -30.41
CA ALA A 232 -4.15 -6.08 -29.29
C ALA A 232 -5.38 -6.86 -29.77
N ARG A 233 -5.97 -6.43 -30.89
CA ARG A 233 -7.21 -7.04 -31.36
C ARG A 233 -6.99 -8.43 -31.93
N SER A 234 -5.85 -8.67 -32.57
CA SER A 234 -5.70 -9.87 -33.39
C SER A 234 -5.63 -11.14 -32.55
N THR A 235 -4.86 -11.11 -31.46
CA THR A 235 -4.66 -12.32 -30.67
C THR A 235 -5.98 -12.83 -30.09
N THR A 236 -6.90 -11.93 -29.78
CA THR A 236 -8.23 -12.33 -29.33
C THR A 236 -9.11 -12.79 -30.47
N GLN A 237 -8.72 -12.53 -31.73
CA GLN A 237 -9.50 -12.89 -32.89
C GLN A 237 -8.58 -13.47 -33.97
N ALA A 238 -7.68 -14.36 -33.56
CA ALA A 238 -6.64 -14.85 -34.45
C ALA A 238 -7.24 -15.74 -35.54
N GLY A 239 -6.47 -15.88 -36.63
CA GLY A 239 -6.85 -16.71 -37.75
C GLY A 239 -7.40 -15.96 -38.94
N LYS A 240 -7.84 -14.71 -38.74
CA LYS A 240 -8.44 -13.91 -39.80
C LYS A 240 -7.65 -12.61 -39.97
N VAL A 241 -7.67 -12.09 -41.19
CA VAL A 241 -7.02 -10.81 -41.46
C VAL A 241 -7.81 -9.70 -40.80
N LEU A 242 -7.13 -8.86 -40.03
CA LEU A 242 -7.74 -7.73 -39.36
C LEU A 242 -7.23 -6.43 -39.97
N HIS A 243 -8.16 -5.52 -40.28
CA HIS A 243 -7.87 -4.28 -40.96
C HIS A 243 -7.97 -3.09 -40.01
N SER A 244 -7.42 -1.97 -40.47
CA SER A 244 -7.57 -0.69 -39.81
C SER A 244 -7.69 0.37 -40.91
N ASP A 245 -7.55 1.64 -40.52
CA ASP A 245 -7.68 2.71 -41.50
C ASP A 245 -6.62 2.60 -42.60
N ASN A 246 -5.38 2.29 -42.23
CA ASN A 246 -4.27 2.35 -43.16
C ASN A 246 -3.39 1.11 -43.20
N THR A 247 -3.72 0.06 -42.45
CA THR A 247 -2.87 -1.13 -42.43
C THR A 247 -3.70 -2.34 -42.01
N SER A 248 -3.07 -3.51 -42.13
CA SER A 248 -3.71 -4.77 -41.79
C SER A 248 -2.67 -5.71 -41.22
N ILE A 249 -3.13 -6.72 -40.49
CA ILE A 249 -2.27 -7.77 -39.97
C ILE A 249 -3.03 -9.09 -39.98
N LEU A 250 -2.30 -10.16 -39.70
CA LEU A 250 -2.89 -11.50 -39.63
C LEU A 250 -2.20 -12.27 -38.51
N ALA A 251 -2.96 -12.66 -37.50
CA ALA A 251 -2.42 -13.44 -36.38
C ALA A 251 -2.80 -14.90 -36.59
N VAL A 252 -1.79 -15.76 -36.76
CA VAL A 252 -1.98 -17.17 -37.03
C VAL A 252 -1.61 -17.95 -35.77
N PRO A 253 -2.55 -18.66 -35.14
CA PRO A 253 -2.16 -19.50 -34.01
C PRO A 253 -1.18 -20.58 -34.43
N VAL A 254 -0.25 -20.89 -33.53
CA VAL A 254 0.79 -21.88 -33.76
C VAL A 254 0.49 -23.08 -32.86
N MET A 255 0.04 -24.17 -33.46
CA MET A 255 -0.34 -25.37 -32.72
C MET A 255 0.37 -26.59 -33.29
N ARG A 256 0.68 -27.53 -32.40
CA ARG A 256 1.41 -28.73 -32.80
C ARG A 256 0.56 -29.60 -33.72
N ASP A 257 1.19 -30.16 -34.75
CA ASP A 257 0.54 -31.09 -35.65
C ASP A 257 0.72 -32.50 -35.09
N SER A 258 -0.38 -33.14 -34.72
CA SER A 258 -0.38 -34.45 -34.08
C SER A 258 -1.14 -35.47 -34.91
N GLY A 259 -1.02 -35.38 -36.23
CA GLY A 259 -1.65 -36.34 -37.11
C GLY A 259 -3.10 -36.01 -37.42
N LYS A 260 -3.94 -37.04 -37.52
CA LYS A 260 -5.35 -36.82 -37.86
C LYS A 260 -6.04 -35.98 -36.80
N HIS A 261 -5.80 -36.28 -35.53
CA HIS A 261 -6.36 -35.52 -34.42
C HIS A 261 -5.31 -34.52 -33.94
N SER A 262 -5.54 -33.25 -34.21
CA SER A 262 -4.62 -32.18 -33.82
C SER A 262 -5.41 -31.05 -33.17
N LYS A 263 -4.74 -30.33 -32.28
CA LYS A 263 -5.37 -29.19 -31.61
C LYS A 263 -6.04 -28.28 -32.64
N ARG A 264 -7.36 -28.16 -32.53
CA ARG A 264 -8.12 -27.37 -33.48
C ARG A 264 -8.33 -25.93 -33.05
N ARG A 265 -8.21 -25.64 -31.75
CA ARG A 265 -8.39 -24.30 -31.23
C ARG A 265 -7.28 -23.98 -30.24
N PRO A 266 -6.82 -22.71 -30.22
CA PRO A 266 -5.79 -22.27 -29.29
C PRO A 266 -6.44 -22.07 -27.92
N THR A 267 -5.69 -22.34 -26.85
CA THR A 267 -6.14 -22.20 -25.44
C THR A 267 -5.54 -20.86 -24.92
N ALA A 268 -5.23 -20.71 -23.63
CA ALA A 268 -4.62 -19.48 -23.08
C ALA A 268 -3.10 -19.45 -23.30
N SER A 269 -2.50 -20.54 -23.78
CA SER A 269 -1.03 -20.63 -23.98
C SER A 269 -0.58 -20.78 -25.45
N THR A 270 -1.46 -20.81 -26.47
CA THR A 270 -0.96 -20.96 -27.82
C THR A 270 -0.27 -19.68 -28.27
N HIS A 271 0.90 -19.81 -28.88
CA HIS A 271 1.59 -18.66 -29.42
C HIS A 271 0.98 -18.26 -30.77
N HIS A 272 1.24 -17.03 -31.17
CA HIS A 272 0.70 -16.46 -32.39
C HIS A 272 1.84 -15.93 -33.25
N LEU A 273 1.74 -16.18 -34.55
CA LEU A 273 2.61 -15.57 -35.54
C LEU A 273 1.86 -14.38 -36.12
N VAL A 274 2.31 -13.17 -35.80
CA VAL A 274 1.72 -11.96 -36.32
C VAL A 274 2.42 -11.61 -37.62
N VAL A 275 1.66 -11.46 -38.69
CA VAL A 275 2.19 -11.19 -40.03
C VAL A 275 1.70 -9.81 -40.44
N GLY A 276 2.64 -8.96 -40.84
CA GLY A 276 2.32 -7.60 -41.24
C GLY A 276 2.99 -7.25 -42.55
N LEU A 277 2.51 -6.15 -43.14
CA LEU A 277 2.92 -5.71 -44.46
C LEU A 277 3.70 -4.40 -44.36
N SER A 278 4.64 -4.22 -45.29
CA SER A 278 5.39 -2.98 -45.40
C SER A 278 5.81 -2.79 -46.85
N LYS A 279 6.40 -1.64 -47.14
CA LYS A 279 6.84 -1.35 -48.49
C LYS A 279 7.90 -2.37 -48.93
N PRO A 280 7.83 -2.87 -50.16
CA PRO A 280 8.82 -3.86 -50.60
C PRO A 280 10.20 -3.23 -50.75
N GLY A 281 11.20 -4.11 -50.86
CA GLY A 281 12.57 -3.66 -50.99
C GLY A 281 13.58 -4.52 -50.26
N CYS A 282 13.12 -5.56 -49.58
CA CYS A 282 14.02 -6.44 -48.84
C CYS A 282 13.85 -7.89 -49.29
N GLU A 283 14.51 -8.81 -48.60
CA GLU A 283 14.43 -10.22 -48.94
C GLU A 283 13.05 -10.82 -48.68
N HIS A 284 12.19 -10.11 -47.96
CA HIS A 284 10.87 -10.62 -47.60
C HIS A 284 9.78 -10.20 -48.58
N ASP A 285 10.15 -9.70 -49.74
CA ASP A 285 9.16 -9.28 -50.72
C ASP A 285 8.26 -10.43 -51.12
N PHE A 286 6.97 -10.13 -51.27
CA PHE A 286 5.98 -11.08 -51.74
C PHE A 286 5.20 -10.44 -52.88
N GLU A 287 4.96 -11.23 -53.93
CA GLU A 287 4.32 -10.76 -55.15
C GLU A 287 3.10 -11.61 -55.45
N PHE A 288 2.01 -10.96 -55.83
CA PHE A 288 0.80 -11.67 -56.23
C PHE A 288 -0.10 -10.73 -57.01
N ASP A 289 -0.42 -11.11 -58.25
CA ASP A 289 -1.31 -10.31 -59.11
C ASP A 289 -0.79 -8.88 -59.26
N GLY A 290 0.53 -8.75 -59.36
CA GLY A 290 1.16 -7.45 -59.51
C GLY A 290 1.30 -6.67 -58.23
N TYR A 291 0.73 -7.14 -57.13
CA TYR A 291 0.88 -6.48 -55.83
C TYR A 291 2.15 -6.97 -55.17
N ARG A 292 3.02 -6.03 -54.78
CA ARG A 292 4.29 -6.33 -54.15
C ARG A 292 4.33 -5.71 -52.77
N ALA A 293 4.75 -6.48 -51.78
CA ALA A 293 4.85 -5.95 -50.42
C ALA A 293 5.75 -6.84 -49.58
N ALA A 294 6.52 -6.22 -48.69
CA ALA A 294 7.35 -6.98 -47.77
C ALA A 294 6.49 -7.54 -46.65
N VAL A 295 6.62 -8.84 -46.40
CA VAL A 295 5.83 -9.53 -45.39
C VAL A 295 6.77 -9.89 -44.24
N HIS A 296 6.44 -9.43 -43.04
CA HIS A 296 7.29 -9.63 -41.88
C HIS A 296 6.51 -10.29 -40.76
N VAL A 297 7.18 -11.17 -40.02
CA VAL A 297 6.52 -12.03 -39.05
C VAL A 297 7.11 -11.78 -37.68
N MET A 298 6.31 -12.07 -36.65
CA MET A 298 6.73 -11.93 -35.26
C MET A 298 6.07 -13.02 -34.45
N HIS A 299 6.86 -13.87 -33.81
CA HIS A 299 6.35 -14.97 -32.99
C HIS A 299 6.22 -14.50 -31.55
N LEU A 300 5.00 -14.47 -31.04
CA LEU A 300 4.71 -13.94 -29.71
C LEU A 300 3.93 -14.95 -28.90
N ASP A 301 4.22 -15.02 -27.61
CA ASP A 301 3.36 -15.75 -26.69
C ASP A 301 2.23 -14.85 -26.20
N PRO A 302 1.14 -15.42 -25.68
CA PRO A 302 -0.01 -14.59 -25.34
C PRO A 302 0.32 -13.44 -24.39
N LYS A 303 1.18 -13.67 -23.41
CA LYS A 303 1.54 -12.59 -22.49
C LYS A 303 2.26 -11.46 -23.20
N GLN A 304 3.21 -11.80 -24.09
CA GLN A 304 3.92 -10.76 -24.83
C GLN A 304 2.98 -9.96 -25.70
N SER A 305 2.06 -10.64 -26.40
CA SER A 305 1.13 -9.93 -27.27
C SER A 305 0.20 -9.04 -26.47
N ALA A 306 -0.29 -9.52 -25.32
CA ALA A 306 -1.13 -8.69 -24.47
C ALA A 306 -0.37 -7.46 -23.97
N ASN A 307 0.89 -7.66 -23.56
CA ASN A 307 1.70 -6.54 -23.08
C ASN A 307 1.94 -5.51 -24.19
N ILE A 308 2.21 -5.99 -25.40
CA ILE A 308 2.49 -5.07 -26.50
C ILE A 308 1.23 -4.31 -26.89
N GLY A 309 0.09 -4.99 -26.92
CA GLY A 309 -1.12 -4.38 -27.44
C GLY A 309 -1.77 -3.36 -26.51
N GLU A 310 -1.46 -3.41 -25.22
CA GLU A 310 -2.10 -2.54 -24.25
C GLU A 310 -1.40 -1.19 -24.06
N GLN A 311 -0.23 -1.00 -24.67
CA GLN A 311 0.49 0.25 -24.52
C GLN A 311 -0.21 1.37 -25.26
N ASP A 312 -0.19 2.56 -24.68
CA ASP A 312 -0.80 3.75 -25.27
C ASP A 312 0.32 4.63 -25.83
N PHE A 313 0.42 4.67 -27.16
CA PHE A 313 1.51 5.39 -27.81
C PHE A 313 1.32 6.91 -27.71
N VAL A 314 0.11 7.40 -27.96
CA VAL A 314 -0.12 8.84 -28.05
C VAL A 314 0.07 9.50 -26.69
N SER A 315 -0.54 8.92 -25.64
CA SER A 315 -0.42 9.51 -24.32
C SER A 315 1.01 9.47 -23.83
N THR A 316 1.72 8.36 -24.08
CA THR A 316 3.12 8.29 -23.70
C THR A 316 3.94 9.36 -24.40
N ARG A 317 3.70 9.55 -25.69
CA ARG A 317 4.45 10.56 -26.44
C ARG A 317 4.17 11.96 -25.89
N GLU A 318 2.91 12.26 -25.60
CA GLU A 318 2.57 13.60 -25.09
C GLU A 318 3.18 13.83 -23.71
N ILE A 319 3.10 12.82 -22.83
CA ILE A 319 3.69 12.95 -21.50
C ILE A 319 5.19 13.19 -21.60
N TYR A 320 5.86 12.45 -22.49
CA TYR A 320 7.29 12.69 -22.69
C TYR A 320 7.53 14.09 -23.24
N LYS A 321 6.71 14.54 -24.18
CA LYS A 321 6.87 15.87 -24.76
C LYS A 321 6.71 16.97 -23.73
N LEU A 322 5.95 16.73 -22.66
CA LEU A 322 5.69 17.80 -21.70
C LEU A 322 6.97 18.49 -21.25
N ASP A 323 8.00 17.73 -20.89
CA ASP A 323 9.23 18.27 -20.29
C ASP A 323 10.45 17.71 -21.00
N MET A 324 10.46 17.77 -22.32
CA MET A 324 11.51 17.18 -23.13
C MET A 324 12.35 18.26 -23.79
N LEU A 325 13.66 18.03 -23.83
CA LEU A 325 14.57 18.90 -24.57
C LEU A 325 14.45 18.63 -26.06
N GLU A 326 15.09 19.49 -26.86
CA GLU A 326 15.04 19.33 -28.31
C GLU A 326 15.66 18.01 -28.71
N LEU A 327 14.96 17.28 -29.58
CA LEU A 327 15.41 15.97 -30.03
C LEU A 327 16.26 16.13 -31.29
N PRO A 328 17.51 15.69 -31.30
CA PRO A 328 18.35 15.88 -32.49
C PRO A 328 17.95 14.92 -33.60
N PRO A 329 18.30 15.25 -34.85
CA PRO A 329 18.05 14.30 -35.95
C PRO A 329 19.09 13.19 -35.93
N ILE A 330 18.62 11.94 -36.04
CA ILE A 330 19.48 10.78 -35.94
C ILE A 330 19.47 10.03 -37.26
N SER A 331 20.53 9.26 -37.49
CA SER A 331 20.68 8.52 -38.73
C SER A 331 19.92 7.20 -38.65
N ARG A 332 20.07 6.37 -39.67
CA ARG A 332 19.38 5.08 -39.72
C ARG A 332 19.86 4.12 -38.64
N LYS A 333 21.07 4.33 -38.10
CA LYS A 333 21.65 3.45 -37.10
C LYS A 333 21.79 4.12 -35.75
N GLY A 334 20.99 5.16 -35.49
CA GLY A 334 21.02 5.83 -34.20
C GLY A 334 22.15 6.81 -34.00
N ASP A 335 22.86 7.17 -35.05
CA ASP A 335 23.97 8.12 -34.95
C ASP A 335 23.46 9.53 -35.22
N LEU A 336 24.15 10.51 -34.63
CA LEU A 336 23.81 11.91 -34.84
C LEU A 336 24.10 12.31 -36.28
N ASP A 337 23.11 12.91 -36.94
CA ASP A 337 23.23 13.32 -38.34
C ASP A 337 22.52 14.66 -38.49
N ARG A 338 23.29 15.75 -38.39
CA ARG A 338 22.71 17.08 -38.51
C ARG A 338 22.36 17.43 -39.95
N ALA A 339 23.07 16.83 -40.92
CA ALA A 339 22.89 17.19 -42.32
C ALA A 339 21.87 16.32 -43.03
N SER A 340 21.75 15.03 -42.67
CA SER A 340 20.85 14.13 -43.36
C SER A 340 20.09 13.23 -42.39
N GLY A 341 19.86 13.72 -41.16
CA GLY A 341 19.11 12.96 -40.18
C GLY A 341 17.64 13.32 -40.18
N LEU A 342 16.87 12.56 -39.39
CA LEU A 342 15.44 12.77 -39.24
C LEU A 342 15.09 12.78 -37.77
N GLU A 343 14.23 13.72 -37.38
CA GLU A 343 13.74 13.78 -36.01
C GLU A 343 12.56 12.85 -35.77
N THR A 344 11.95 12.30 -36.81
CA THR A 344 10.83 11.39 -36.65
C THR A 344 11.26 9.99 -36.26
N ARG A 345 12.57 9.69 -36.25
CA ARG A 345 13.04 8.38 -35.84
C ARG A 345 12.84 8.15 -34.35
N TRP A 346 12.61 9.21 -33.57
CA TRP A 346 12.35 9.03 -32.15
C TRP A 346 10.98 8.39 -31.91
N ASP A 347 9.99 8.72 -32.74
CA ASP A 347 8.72 8.00 -32.69
C ASP A 347 8.94 6.52 -33.00
N VAL A 348 9.86 6.21 -33.91
CA VAL A 348 10.15 4.82 -34.22
C VAL A 348 10.83 4.14 -33.04
N ILE A 349 11.70 4.86 -32.33
CA ILE A 349 12.34 4.29 -31.16
C ILE A 349 11.31 4.02 -30.07
N LEU A 350 10.35 4.94 -29.88
CA LEU A 350 9.28 4.70 -28.92
C LEU A 350 8.43 3.51 -29.33
N LEU A 351 8.15 3.36 -30.62
CA LEU A 351 7.40 2.21 -31.09
C LEU A 351 8.17 0.91 -30.82
N LEU A 352 9.49 0.94 -31.04
CA LEU A 352 10.31 -0.22 -30.75
C LEU A 352 10.28 -0.56 -29.27
N GLU A 353 10.32 0.47 -28.41
CA GLU A 353 10.18 0.23 -26.98
C GLU A 353 8.85 -0.42 -26.65
N CYS A 354 7.78 0.05 -27.28
CA CYS A 354 6.46 -0.55 -27.05
C CYS A 354 6.43 -2.00 -27.52
N LEU A 355 7.05 -2.28 -28.67
CA LEU A 355 7.05 -3.64 -29.21
C LEU A 355 7.88 -4.58 -28.36
N ASP A 356 8.92 -4.07 -27.70
CA ASP A 356 9.80 -4.90 -26.89
C ASP A 356 9.06 -5.32 -25.62
N SER A 357 8.54 -6.54 -25.62
CA SER A 357 7.87 -7.05 -24.43
C SER A 357 8.82 -7.20 -23.25
N THR A 358 10.13 -7.27 -23.51
CA THR A 358 11.09 -7.36 -22.42
C THR A 358 11.27 -6.03 -21.71
N ARG A 359 11.01 -4.92 -22.41
CA ARG A 359 11.11 -3.58 -21.82
C ARG A 359 12.50 -3.36 -21.22
N VAL A 360 13.53 -3.79 -21.94
CA VAL A 360 14.90 -3.60 -21.48
C VAL A 360 15.26 -2.13 -21.38
N SER A 361 14.59 -1.27 -22.15
CA SER A 361 14.88 0.16 -22.09
C SER A 361 14.59 0.74 -20.72
N GLN A 362 13.73 0.11 -19.92
CA GLN A 362 13.44 0.61 -18.59
C GLN A 362 14.65 0.51 -17.68
N ALA A 363 15.41 -0.59 -17.77
CA ALA A 363 16.62 -0.72 -16.99
C ALA A 363 17.64 0.35 -17.35
N VAL A 364 17.81 0.60 -18.65
CA VAL A 364 18.73 1.65 -19.09
C VAL A 364 18.25 3.01 -18.59
N ALA A 365 16.93 3.25 -18.63
CA ALA A 365 16.40 4.51 -18.16
C ALA A 365 16.67 4.72 -16.67
N GLN A 366 16.45 3.67 -15.87
CA GLN A 366 16.70 3.78 -14.43
C GLN A 366 18.19 4.00 -14.15
N HIS A 367 19.05 3.27 -14.84
CA HIS A 367 20.49 3.46 -14.63
C HIS A 367 20.94 4.85 -15.07
N PHE A 368 20.35 5.38 -16.15
CA PHE A 368 20.70 6.71 -16.59
C PHE A 368 20.21 7.77 -15.62
N ASN A 369 19.04 7.55 -15.00
CA ASN A 369 18.57 8.44 -13.96
C ASN A 369 19.55 8.46 -12.80
N ARG A 370 20.00 7.27 -12.36
CA ARG A 370 21.00 7.20 -11.30
C ARG A 370 22.28 7.91 -11.72
N HIS A 371 22.69 7.73 -12.97
CA HIS A 371 23.91 8.36 -13.47
C HIS A 371 23.80 9.87 -13.44
N ARG A 372 22.65 10.41 -13.85
CA ARG A 372 22.47 11.85 -13.85
C ARG A 372 22.42 12.41 -12.43
N LEU A 373 21.84 11.66 -11.50
CA LEU A 373 21.70 12.14 -10.13
C LEU A 373 22.91 11.85 -9.25
N ALA A 374 23.93 11.18 -9.78
CA ALA A 374 25.05 10.71 -8.96
C ALA A 374 26.21 11.68 -9.00
N LEU A 375 26.82 11.89 -7.83
CA LEU A 375 28.08 12.63 -7.72
C LEU A 375 29.27 11.69 -7.74
N SER A 376 29.17 10.56 -7.03
CA SER A 376 30.21 9.54 -7.02
C SER A 376 29.55 8.17 -7.12
N VAL A 377 30.27 7.22 -7.72
CA VAL A 377 29.79 5.86 -7.89
C VAL A 377 30.95 4.90 -7.61
N CYS A 378 30.60 3.63 -7.44
CA CYS A 378 31.61 2.60 -7.23
C CYS A 378 32.40 2.37 -8.50
N LYS A 379 33.70 2.13 -8.35
CA LYS A 379 34.57 1.99 -9.50
C LYS A 379 34.33 0.65 -10.20
N ASP A 380 34.16 0.71 -11.52
CA ASP A 380 34.02 -0.45 -12.41
C ASP A 380 32.72 -1.21 -12.23
N GLU A 381 31.87 -0.81 -11.29
CA GLU A 381 30.61 -1.50 -11.03
C GLU A 381 29.40 -0.73 -11.53
N PHE A 382 29.37 0.60 -11.33
CA PHE A 382 28.27 1.39 -11.86
C PHE A 382 28.25 1.33 -13.39
N ARG A 383 29.41 1.35 -14.03
CA ARG A 383 29.46 1.26 -15.48
C ARG A 383 28.86 -0.04 -15.97
N LYS A 384 29.15 -1.15 -15.28
CA LYS A 384 28.67 -2.45 -15.72
C LYS A 384 27.15 -2.53 -15.70
N GLY A 385 26.49 -1.60 -15.02
CA GLY A 385 25.04 -1.55 -15.06
C GLY A 385 24.47 -1.26 -16.43
N TYR A 386 25.30 -0.76 -17.34
CA TYR A 386 24.89 -0.52 -18.71
C TYR A 386 25.07 -1.72 -19.62
N GLN A 387 25.59 -2.84 -19.09
CA GLN A 387 25.82 -4.05 -19.87
C GLN A 387 24.68 -5.01 -19.56
N LEU A 388 23.66 -5.01 -20.43
CA LEU A 388 22.45 -5.80 -20.21
C LEU A 388 22.18 -6.79 -21.34
N ALA A 389 23.14 -6.99 -22.24
CA ALA A 389 22.93 -7.90 -23.36
C ALA A 389 22.82 -9.35 -22.89
N SER A 390 23.35 -9.68 -21.71
CA SER A 390 23.29 -11.04 -21.20
C SER A 390 21.94 -11.38 -20.59
N GLU A 391 21.09 -10.40 -20.32
CA GLU A 391 19.80 -10.61 -19.69
C GLU A 391 18.65 -10.65 -20.69
N ILE A 392 18.94 -10.53 -21.99
CA ILE A 392 17.91 -10.46 -23.02
C ILE A 392 18.28 -11.38 -24.17
N ARG A 393 17.29 -11.67 -25.01
CA ARG A 393 17.50 -12.53 -26.17
C ARG A 393 16.44 -12.22 -27.20
N GLY A 394 16.87 -12.04 -28.46
CA GLY A 394 15.96 -11.74 -29.54
C GLY A 394 16.32 -10.45 -30.26
N THR A 395 15.91 -10.34 -31.53
CA THR A 395 16.26 -9.15 -32.30
C THR A 395 15.62 -7.90 -31.72
N ILE A 396 14.35 -7.99 -31.32
CA ILE A 396 13.61 -6.81 -30.86
C ILE A 396 14.20 -6.32 -29.53
N PRO A 397 14.36 -7.16 -28.51
CA PRO A 397 15.01 -6.69 -27.28
C PRO A 397 16.42 -6.16 -27.51
N LEU A 398 17.19 -6.82 -28.38
CA LEU A 398 18.56 -6.38 -28.63
C LEU A 398 18.58 -4.99 -29.26
N SER A 399 17.71 -4.77 -30.26
CA SER A 399 17.63 -3.46 -30.87
C SER A 399 17.15 -2.41 -29.89
N SER A 400 16.19 -2.78 -29.03
CA SER A 400 15.71 -1.83 -28.03
C SER A 400 16.83 -1.41 -27.10
N LEU A 401 17.63 -2.38 -26.64
CA LEU A 401 18.75 -2.05 -25.77
C LEU A 401 19.78 -1.19 -26.49
N TYR A 402 20.08 -1.54 -27.75
CA TYR A 402 21.07 -0.77 -28.50
C TYR A 402 20.62 0.67 -28.68
N TYR A 403 19.35 0.88 -29.00
CA TYR A 403 18.87 2.24 -29.24
C TYR A 403 18.66 2.99 -27.94
N SER A 404 18.40 2.30 -26.83
CA SER A 404 18.42 2.98 -25.54
C SER A 404 19.81 3.50 -25.21
N LEU A 405 20.84 2.67 -25.44
CA LEU A 405 22.21 3.13 -25.24
C LEU A 405 22.55 4.27 -26.20
N CYS A 406 22.06 4.18 -27.44
CA CYS A 406 22.28 5.27 -28.39
C CYS A 406 21.63 6.56 -27.92
N ALA A 407 20.42 6.48 -27.36
CA ALA A 407 19.77 7.66 -26.83
C ALA A 407 20.55 8.24 -25.66
N VAL A 408 21.08 7.39 -24.79
CA VAL A 408 21.89 7.87 -23.68
C VAL A 408 23.11 8.62 -24.21
N ARG A 409 23.79 8.03 -25.21
CA ARG A 409 24.95 8.68 -25.81
C ARG A 409 24.57 10.00 -26.46
N LEU A 410 23.45 10.03 -27.17
CA LEU A 410 23.02 11.24 -27.85
C LEU A 410 22.71 12.34 -26.85
N ARG A 411 22.08 11.99 -25.72
CA ARG A 411 21.82 12.98 -24.69
C ARG A 411 23.12 13.50 -24.09
N MET A 412 24.06 12.59 -23.81
CA MET A 412 25.33 13.01 -23.23
C MET A 412 26.12 13.89 -24.18
N THR A 413 25.90 13.74 -25.49
CA THR A 413 26.62 14.53 -26.49
C THR A 413 25.94 15.88 -26.73
N VAL A 414 24.66 15.86 -27.12
CA VAL A 414 23.98 17.08 -27.53
C VAL A 414 23.72 17.99 -26.34
N HIS A 415 23.34 17.42 -25.20
CA HIS A 415 23.00 18.19 -24.00
C HIS A 415 23.80 17.64 -22.82
N PRO A 416 25.10 17.92 -22.76
CA PRO A 416 25.90 17.40 -21.65
C PRO A 416 25.40 17.87 -20.30
N PHE A 417 25.49 16.99 -19.31
CA PHE A 417 25.07 17.31 -17.95
C PHE A 417 26.24 17.18 -16.98
N MET B 1 13.34 8.69 -25.32
CA MET B 1 12.86 10.07 -25.03
C MET B 1 12.95 10.36 -23.54
N TRP B 2 12.99 9.30 -22.73
CA TRP B 2 13.28 9.45 -21.32
C TRP B 2 14.69 9.99 -21.09
N ALA B 3 15.59 9.82 -22.06
CA ALA B 3 16.96 10.31 -21.91
C ALA B 3 17.04 11.81 -22.09
N PHE B 4 16.16 12.39 -22.90
CA PHE B 4 16.18 13.82 -23.20
C PHE B 4 15.22 14.61 -22.32
N GLN B 5 14.88 14.08 -21.15
CA GLN B 5 14.06 14.81 -20.20
C GLN B 5 14.91 15.84 -19.46
N GLU B 6 14.34 17.04 -19.28
CA GLU B 6 15.05 18.08 -18.53
C GLU B 6 15.23 17.68 -17.08
N GLY B 7 14.21 17.06 -16.48
CA GLY B 7 14.26 16.65 -15.09
C GLY B 7 14.50 15.17 -14.92
N VAL B 8 14.27 14.70 -13.69
CA VAL B 8 14.46 13.29 -13.38
C VAL B 8 13.33 12.47 -13.99
N CYS B 9 13.66 11.27 -14.47
CA CYS B 9 12.66 10.41 -15.10
C CYS B 9 13.17 8.97 -15.07
N LYS B 10 12.36 8.07 -14.53
CA LYS B 10 12.69 6.65 -14.48
C LYS B 10 12.19 5.87 -15.68
N GLY B 11 11.46 6.52 -16.60
CA GLY B 11 10.93 5.82 -17.74
C GLY B 11 9.89 4.76 -17.37
N ASN B 12 8.95 5.13 -16.50
CA ASN B 12 7.91 4.22 -16.06
C ASN B 12 6.63 4.34 -16.89
N LEU B 13 6.68 5.02 -18.04
CA LEU B 13 5.46 5.28 -18.79
C LEU B 13 4.88 4.01 -19.40
N LEU B 14 5.72 3.04 -19.75
CA LEU B 14 5.26 1.77 -20.30
C LEU B 14 5.20 0.72 -19.20
N SER B 15 4.47 -0.36 -19.47
CA SER B 15 4.33 -1.45 -18.53
C SER B 15 5.68 -2.14 -18.33
N GLY B 16 5.70 -3.10 -17.41
CA GLY B 16 6.90 -3.85 -17.12
C GLY B 16 7.07 -5.06 -18.02
N PRO B 17 8.19 -5.77 -17.86
CA PRO B 17 8.42 -6.96 -18.69
C PRO B 17 7.47 -8.10 -18.34
N THR B 18 7.19 -8.93 -19.34
CA THR B 18 6.39 -10.12 -19.14
C THR B 18 6.77 -11.17 -20.17
N SER B 19 6.52 -12.42 -19.83
CA SER B 19 6.77 -13.55 -20.72
C SER B 19 6.13 -14.79 -20.10
N MET B 20 6.00 -15.83 -20.92
CA MET B 20 5.40 -17.08 -20.49
C MET B 20 6.43 -18.12 -20.08
N LYS B 21 7.70 -17.76 -20.00
CA LYS B 21 8.73 -18.73 -19.67
C LYS B 21 8.54 -19.25 -18.26
N ALA B 22 8.97 -20.51 -18.05
CA ALA B 22 8.79 -21.15 -16.76
C ALA B 22 9.72 -20.52 -15.72
N PRO B 23 9.35 -20.58 -14.44
CA PRO B 23 10.17 -20.00 -13.38
C PRO B 23 11.30 -20.89 -12.89
N ASP B 24 11.53 -22.04 -13.52
CA ASP B 24 12.54 -22.96 -13.01
C ASP B 24 13.93 -22.34 -13.04
N SER B 25 14.26 -21.65 -14.14
CA SER B 25 15.60 -21.09 -14.29
C SER B 25 15.90 -20.05 -13.21
N ALA B 26 14.98 -19.10 -13.01
CA ALA B 26 15.20 -18.05 -12.04
C ALA B 26 15.32 -18.61 -10.62
N ALA B 27 14.44 -19.57 -10.28
CA ALA B 27 14.53 -20.19 -8.97
C ALA B 27 15.86 -20.90 -8.78
N ARG B 28 16.33 -21.59 -9.82
CA ARG B 28 17.62 -22.27 -9.73
C ARG B 28 18.75 -21.27 -9.53
N GLU B 29 18.73 -20.15 -10.26
CA GLU B 29 19.79 -19.16 -10.06
C GLU B 29 19.76 -18.59 -8.65
N SER B 30 18.56 -18.30 -8.13
CA SER B 30 18.47 -17.77 -6.77
C SER B 30 19.01 -18.77 -5.76
N ILE B 31 18.63 -20.04 -5.88
CA ILE B 31 19.10 -21.05 -4.95
C ILE B 31 20.61 -21.23 -5.07
N ASP B 32 21.14 -21.21 -6.29
CA ASP B 32 22.58 -21.34 -6.48
C ASP B 32 23.32 -20.17 -5.85
N ARG B 33 22.80 -18.96 -5.99
CA ARG B 33 23.43 -17.80 -5.38
C ARG B 33 23.41 -17.91 -3.86
N ALA B 34 22.28 -18.34 -3.30
CA ALA B 34 22.22 -18.53 -1.84
C ALA B 34 23.23 -19.58 -1.39
N SER B 35 23.32 -20.69 -2.12
CA SER B 35 24.29 -21.73 -1.76
C SER B 35 25.72 -21.20 -1.83
N GLU B 36 26.03 -20.43 -2.87
CA GLU B 36 27.36 -19.87 -3.01
C GLU B 36 27.68 -18.93 -1.85
N ILE B 37 26.70 -18.11 -1.44
CA ILE B 37 26.91 -17.22 -0.31
C ILE B 37 27.13 -18.02 0.96
N MET B 38 26.43 -19.16 1.10
CA MET B 38 26.60 -19.98 2.30
C MET B 38 28.05 -20.45 2.45
N THR B 39 28.75 -20.65 1.34
CA THR B 39 30.15 -21.07 1.39
C THR B 39 31.10 -19.97 1.86
N GLY B 40 30.61 -18.74 1.99
CA GLY B 40 31.46 -17.63 2.37
C GLY B 40 32.48 -17.26 1.32
N LYS B 41 32.07 -17.20 0.06
CA LYS B 41 32.94 -16.83 -1.04
C LYS B 41 32.56 -15.50 -1.68
N SER B 42 31.30 -15.34 -2.10
CA SER B 42 30.90 -14.13 -2.79
C SER B 42 30.57 -13.00 -1.82
N TYR B 43 29.57 -13.21 -0.97
CA TYR B 43 29.08 -12.19 -0.04
C TYR B 43 29.15 -12.73 1.39
N ASN B 44 28.64 -11.93 2.32
CA ASN B 44 28.66 -12.26 3.74
C ASN B 44 27.23 -12.41 4.25
N ALA B 45 26.95 -13.52 4.91
CA ALA B 45 25.65 -13.76 5.53
C ALA B 45 25.78 -14.01 7.03
N VAL B 46 26.93 -13.70 7.63
CA VAL B 46 27.16 -13.89 9.06
C VAL B 46 27.00 -12.54 9.74
N HIS B 47 26.05 -12.44 10.67
CA HIS B 47 25.73 -11.19 11.34
C HIS B 47 26.62 -11.04 12.57
N THR B 48 27.40 -9.97 12.61
CA THR B 48 28.29 -9.69 13.72
C THR B 48 27.89 -8.47 14.54
N GLY B 49 26.82 -7.78 14.14
CA GLY B 49 26.38 -6.62 14.90
C GLY B 49 25.77 -7.02 16.24
N ASP B 50 25.64 -6.02 17.11
CA ASP B 50 25.15 -6.23 18.47
C ASP B 50 23.69 -5.81 18.54
N LEU B 51 22.83 -6.74 18.98
CA LEU B 51 21.40 -6.48 19.11
C LEU B 51 20.92 -6.65 20.55
N SER B 52 21.83 -6.61 21.52
CA SER B 52 21.46 -6.81 22.91
C SER B 52 20.64 -5.66 23.48
N LYS B 53 20.57 -4.54 22.80
CA LYS B 53 19.85 -3.36 23.30
C LYS B 53 18.38 -3.35 22.92
N LEU B 54 17.94 -4.25 22.04
CA LEU B 54 16.56 -4.22 21.59
C LEU B 54 15.62 -4.56 22.76
N PRO B 55 14.47 -3.90 22.86
CA PRO B 55 13.54 -4.22 23.94
C PRO B 55 12.98 -5.63 23.78
N ASN B 56 12.65 -6.24 24.91
CA ASN B 56 12.12 -7.60 24.94
C ASN B 56 10.60 -7.56 24.95
N GLN B 57 9.98 -8.31 24.02
CA GLN B 57 8.54 -8.37 23.89
C GLN B 57 7.98 -9.72 24.31
N GLY B 58 8.76 -10.52 25.04
CA GLY B 58 8.32 -11.85 25.41
C GLY B 58 7.12 -11.88 26.33
N GLU B 59 6.82 -10.78 27.03
CA GLU B 59 5.70 -10.72 27.95
C GLU B 59 4.41 -10.27 27.29
N SER B 60 4.45 -9.87 26.02
CA SER B 60 3.24 -9.44 25.34
C SER B 60 2.31 -10.63 25.12
N PRO B 61 1.00 -10.44 25.28
CA PRO B 61 0.07 -11.52 24.98
C PRO B 61 0.15 -11.92 23.50
N LEU B 62 -0.09 -13.20 23.25
CA LEU B 62 -0.05 -13.74 21.89
C LEU B 62 -1.38 -13.46 21.20
N ARG B 63 -1.35 -12.57 20.20
CA ARG B 63 -2.53 -12.22 19.44
C ARG B 63 -2.25 -12.41 17.95
N ILE B 64 -3.30 -12.75 17.19
CA ILE B 64 -3.19 -13.01 15.77
C ILE B 64 -4.27 -12.22 15.04
N VAL B 65 -3.89 -11.50 13.99
CA VAL B 65 -4.84 -10.80 13.14
C VAL B 65 -5.41 -11.80 12.14
N ASP B 66 -6.67 -12.20 12.34
CA ASP B 66 -7.25 -13.24 11.50
C ASP B 66 -7.36 -12.79 10.05
N SER B 67 -7.65 -11.51 9.81
CA SER B 67 -7.84 -11.03 8.45
C SER B 67 -6.57 -11.23 7.62
N ASP B 68 -5.40 -11.00 8.22
CA ASP B 68 -4.14 -11.18 7.51
C ASP B 68 -3.87 -12.64 7.17
N LEU B 69 -4.60 -13.58 7.75
CA LEU B 69 -4.40 -15.00 7.53
C LEU B 69 -5.32 -15.57 6.46
N TYR B 70 -6.16 -14.75 5.84
CA TYR B 70 -7.06 -15.19 4.78
C TYR B 70 -6.96 -14.21 3.61
N SER B 71 -6.84 -14.75 2.41
CA SER B 71 -6.73 -13.92 1.21
C SER B 71 -7.01 -14.77 -0.01
N GLU B 72 -7.24 -14.11 -1.13
CA GLU B 72 -7.43 -14.80 -2.40
C GLU B 72 -6.11 -15.11 -3.10
N ARG B 73 -4.99 -14.74 -2.51
CA ARG B 73 -3.67 -15.00 -3.09
C ARG B 73 -3.30 -16.47 -2.92
N SER B 74 -2.28 -16.89 -3.67
CA SER B 74 -1.92 -18.29 -3.73
C SER B 74 -1.00 -18.68 -2.57
N CYS B 75 -0.89 -19.99 -2.36
CA CYS B 75 -0.02 -20.55 -1.34
C CYS B 75 0.12 -22.04 -1.62
N CYS B 76 1.02 -22.69 -0.89
CA CYS B 76 1.34 -24.09 -1.06
C CYS B 76 0.74 -24.90 0.08
N TRP B 77 0.02 -25.96 -0.27
CA TRP B 77 -0.55 -26.89 0.69
C TRP B 77 0.09 -28.25 0.49
N VAL B 78 0.62 -28.84 1.56
CA VAL B 78 1.37 -30.09 1.49
C VAL B 78 0.46 -31.22 1.95
N ILE B 79 0.40 -32.28 1.13
CA ILE B 79 -0.37 -33.48 1.46
C ILE B 79 0.50 -34.70 1.19
N GLU B 80 0.00 -35.86 1.62
CA GLU B 80 0.71 -37.13 1.45
C GLU B 80 -0.25 -38.15 0.87
N LYS B 81 -0.04 -38.52 -0.39
CA LYS B 81 -0.96 -39.44 -1.06
C LYS B 81 -0.63 -40.89 -0.73
N GLU B 82 0.58 -41.34 -1.09
CA GLU B 82 1.03 -42.71 -0.90
C GLU B 82 2.41 -42.72 -0.27
N GLY B 83 2.58 -41.93 0.79
CA GLY B 83 3.87 -41.76 1.41
C GLY B 83 4.76 -40.74 0.71
N ARG B 84 4.30 -40.15 -0.39
CA ARG B 84 5.04 -39.14 -1.12
C ARG B 84 4.42 -37.78 -0.86
N VAL B 85 5.26 -36.77 -0.67
CA VAL B 85 4.79 -35.42 -0.41
C VAL B 85 4.37 -34.79 -1.73
N VAL B 86 3.17 -34.20 -1.74
CA VAL B 86 2.64 -33.48 -2.89
C VAL B 86 2.36 -32.05 -2.46
N CYS B 87 2.91 -31.10 -3.21
CA CYS B 87 2.69 -29.68 -2.99
C CYS B 87 1.64 -29.20 -3.99
N LYS B 88 0.53 -28.68 -3.49
CA LYS B 88 -0.58 -28.21 -4.30
C LYS B 88 -0.70 -26.69 -4.18
N SER B 89 -1.10 -26.05 -5.26
CA SER B 89 -1.34 -24.62 -5.27
C SER B 89 -2.80 -24.37 -4.88
N THR B 90 -3.01 -23.61 -3.81
CA THR B 90 -4.36 -23.32 -3.34
C THR B 90 -4.42 -21.90 -2.82
N THR B 91 -5.62 -21.34 -2.81
CA THR B 91 -5.81 -20.02 -2.24
C THR B 91 -5.43 -20.05 -0.75
N LEU B 92 -4.84 -18.96 -0.27
CA LEU B 92 -4.39 -18.92 1.12
C LEU B 92 -5.54 -19.21 2.07
N THR B 93 -6.73 -18.71 1.76
CA THR B 93 -7.90 -19.06 2.57
C THR B 93 -8.15 -20.56 2.56
N ARG B 94 -8.08 -21.17 1.39
CA ARG B 94 -8.28 -22.62 1.30
C ARG B 94 -7.19 -23.37 2.05
N GLY B 95 -5.93 -22.92 1.93
CA GLY B 95 -4.86 -23.57 2.65
C GLY B 95 -5.03 -23.50 4.15
N MET B 96 -5.41 -22.32 4.66
CA MET B 96 -5.60 -22.19 6.11
C MET B 96 -6.81 -22.98 6.58
N THR B 97 -7.87 -23.02 5.78
CA THR B 97 -9.02 -23.86 6.12
C THR B 97 -8.62 -25.33 6.19
N SER B 98 -7.81 -25.79 5.23
CA SER B 98 -7.35 -27.17 5.26
C SER B 98 -6.48 -27.43 6.48
N LEU B 99 -5.60 -26.50 6.83
CA LEU B 99 -4.77 -26.67 8.02
C LEU B 99 -5.63 -26.76 9.27
N LEU B 100 -6.62 -25.88 9.40
CA LEU B 100 -7.49 -25.92 10.57
C LEU B 100 -8.30 -27.21 10.62
N ASN B 101 -8.77 -27.68 9.47
CA ASN B 101 -9.48 -28.95 9.44
C ASN B 101 -8.58 -30.10 9.87
N THR B 102 -7.34 -30.10 9.40
CA THR B 102 -6.41 -31.16 9.78
C THR B 102 -6.11 -31.14 11.27
N THR B 103 -5.90 -29.95 11.83
CA THR B 103 -5.62 -29.83 13.26
C THR B 103 -6.86 -29.81 14.12
N LYS B 104 -8.06 -29.74 13.52
CA LYS B 104 -9.32 -29.70 14.26
C LYS B 104 -9.31 -28.54 15.25
N CYS B 105 -8.86 -27.38 14.79
CA CYS B 105 -8.79 -26.17 15.60
C CYS B 105 -9.79 -25.15 15.09
N SER B 106 -10.51 -24.51 16.01
CA SER B 106 -11.56 -23.57 15.62
C SER B 106 -10.97 -22.35 14.90
N SER B 107 -9.87 -21.81 15.40
CA SER B 107 -9.26 -20.61 14.86
C SER B 107 -7.75 -20.75 14.91
N PRO B 108 -7.03 -19.97 14.10
CA PRO B 108 -5.56 -20.04 14.15
C PRO B 108 -4.97 -19.73 15.51
N SER B 109 -5.61 -18.89 16.31
CA SER B 109 -5.11 -18.62 17.66
C SER B 109 -5.16 -19.88 18.52
N GLU B 110 -6.26 -20.63 18.43
CA GLU B 110 -6.33 -21.90 19.14
C GLU B 110 -5.25 -22.85 18.66
N LEU B 111 -5.00 -22.87 17.35
CA LEU B 111 -3.97 -23.75 16.79
C LEU B 111 -2.59 -23.38 17.33
N ILE B 112 -2.28 -22.08 17.38
CA ILE B 112 -0.95 -21.69 17.85
C ILE B 112 -0.79 -21.98 19.33
N CYS B 113 -1.86 -21.77 20.12
CA CYS B 113 -1.79 -22.09 21.53
C CYS B 113 -1.56 -23.59 21.74
N LYS B 114 -2.30 -24.42 20.99
CA LYS B 114 -2.11 -25.86 21.10
C LYS B 114 -0.71 -26.27 20.69
N VAL B 115 -0.18 -25.66 19.62
CA VAL B 115 1.17 -25.97 19.16
C VAL B 115 2.18 -25.60 20.23
N LEU B 116 1.99 -24.47 20.90
CA LEU B 116 2.91 -24.03 21.94
C LEU B 116 2.70 -24.76 23.27
N THR B 117 1.63 -25.53 23.40
CA THR B 117 1.37 -26.22 24.67
C THR B 117 1.20 -27.73 24.48
N VAL B 118 2.13 -28.35 23.76
CA VAL B 118 2.18 -29.81 23.60
C VAL B 118 3.44 -30.33 24.28
N GLU B 119 3.29 -31.40 25.05
CA GLU B 119 4.40 -31.91 25.84
C GLU B 119 5.55 -32.44 25.00
N SER B 120 5.30 -32.79 23.74
CA SER B 120 6.36 -33.33 22.89
C SER B 120 6.02 -33.07 21.43
N LEU B 121 7.05 -33.20 20.58
CA LEU B 121 6.85 -33.02 19.15
C LEU B 121 5.96 -34.10 18.56
N SER B 122 5.96 -35.30 19.14
CA SER B 122 5.18 -36.42 18.61
C SER B 122 3.72 -36.38 19.03
N GLU B 123 3.35 -35.56 20.00
CA GLU B 123 1.96 -35.49 20.43
C GLU B 123 1.08 -35.04 19.26
N LYS B 124 -0.08 -35.67 19.14
CA LYS B 124 -0.96 -35.44 18.01
C LYS B 124 -1.89 -34.25 18.28
N ILE B 125 -1.97 -33.36 17.30
CA ILE B 125 -2.92 -32.24 17.34
C ILE B 125 -3.94 -32.48 16.24
N GLY B 126 -5.04 -33.14 16.59
CA GLY B 126 -6.02 -33.54 15.59
C GLY B 126 -5.52 -34.70 14.75
N ASP B 127 -5.26 -34.45 13.47
CA ASP B 127 -4.75 -35.46 12.56
C ASP B 127 -3.27 -35.28 12.25
N THR B 128 -2.57 -34.42 12.97
CA THR B 128 -1.17 -34.12 12.69
C THR B 128 -0.45 -33.92 14.02
N SER B 129 0.82 -33.50 13.93
CA SER B 129 1.64 -33.24 15.10
C SER B 129 2.57 -32.08 14.77
N VAL B 130 3.23 -31.54 15.81
CA VAL B 130 4.14 -30.43 15.59
C VAL B 130 5.30 -30.87 14.71
N GLU B 131 5.75 -32.12 14.87
CA GLU B 131 6.80 -32.64 14.01
C GLU B 131 6.36 -32.63 12.55
N GLU B 132 5.16 -33.16 12.28
CA GLU B 132 4.65 -33.17 10.91
C GLU B 132 4.41 -31.75 10.40
N LEU B 133 3.91 -30.87 11.26
CA LEU B 133 3.70 -29.48 10.85
C LEU B 133 5.00 -28.82 10.45
N LEU B 134 6.06 -29.02 11.25
CA LEU B 134 7.36 -28.44 10.92
C LEU B 134 7.91 -29.04 9.63
N SER B 135 7.72 -30.35 9.44
CA SER B 135 8.19 -30.96 8.20
C SER B 135 7.48 -30.39 6.99
N HIS B 136 6.16 -30.19 7.09
CA HIS B 136 5.38 -29.71 5.96
C HIS B 136 5.58 -28.22 5.70
N GLY B 137 5.87 -27.44 6.74
CA GLY B 137 6.01 -26.01 6.57
C GLY B 137 7.28 -25.55 5.90
N ARG B 138 8.21 -26.46 5.64
CA ARG B 138 9.46 -26.13 4.99
C ARG B 138 9.40 -26.25 3.46
N TYR B 139 8.24 -26.58 2.90
CA TYR B 139 8.09 -26.78 1.47
C TYR B 139 7.57 -25.51 0.82
N PHE B 140 8.21 -25.10 -0.27
CA PHE B 140 7.84 -23.91 -1.02
C PHE B 140 7.63 -24.27 -2.48
N LYS B 141 6.88 -23.41 -3.17
CA LYS B 141 6.65 -23.57 -4.60
C LYS B 141 7.10 -22.31 -5.34
N CYS B 142 7.75 -22.49 -6.48
CA CYS B 142 8.31 -21.37 -7.22
C CYS B 142 7.33 -20.83 -8.25
N ALA B 143 7.43 -19.53 -8.52
CA ALA B 143 6.65 -18.89 -9.56
C ALA B 143 7.42 -17.67 -10.04
N LEU B 144 6.98 -17.11 -11.17
CA LEU B 144 7.64 -15.94 -11.74
C LEU B 144 6.97 -14.65 -11.26
N ARG B 145 7.78 -13.61 -11.10
CA ARG B 145 7.31 -12.28 -10.73
C ARG B 145 7.60 -11.37 -11.91
N ASP B 146 6.60 -11.15 -12.76
CA ASP B 146 6.74 -10.35 -13.95
C ASP B 146 6.24 -8.94 -13.69
N GLN B 147 6.28 -8.10 -14.74
CA GLN B 147 5.80 -6.72 -14.68
C GLN B 147 6.60 -5.89 -13.68
N GLU B 148 7.86 -6.26 -13.46
CA GLU B 148 8.76 -5.49 -12.60
C GLU B 148 9.61 -4.59 -13.50
N ARG B 149 9.32 -3.29 -13.48
CA ARG B 149 10.01 -2.36 -14.36
C ARG B 149 11.51 -2.37 -14.06
N GLY B 150 12.31 -2.39 -15.12
CA GLY B 150 13.75 -2.38 -14.98
C GLY B 150 14.37 -3.73 -14.70
N LYS B 151 13.61 -4.82 -14.84
CA LYS B 151 14.11 -6.18 -14.60
C LYS B 151 13.79 -7.01 -15.83
N PRO B 152 14.59 -6.91 -16.89
CA PRO B 152 14.28 -7.69 -18.10
C PRO B 152 14.16 -9.18 -17.85
N LYS B 153 14.97 -9.73 -16.96
CA LYS B 153 14.89 -11.13 -16.57
C LYS B 153 14.08 -11.23 -15.28
N SER B 154 12.88 -11.80 -15.39
CA SER B 154 11.97 -11.83 -14.26
C SER B 154 12.55 -12.64 -13.10
N ARG B 155 12.23 -12.21 -11.89
CA ARG B 155 12.69 -12.86 -10.67
C ARG B 155 11.73 -13.99 -10.29
N ALA B 156 12.16 -14.78 -9.31
CA ALA B 156 11.38 -15.91 -8.81
C ALA B 156 10.84 -15.57 -7.42
N ILE B 157 9.54 -15.79 -7.25
CA ILE B 157 8.88 -15.63 -5.96
C ILE B 157 8.43 -17.01 -5.49
N PHE B 158 8.07 -17.10 -4.22
CA PHE B 158 7.82 -18.39 -3.58
C PHE B 158 6.53 -18.38 -2.80
N LEU B 159 5.81 -19.49 -2.89
CA LEU B 159 4.58 -19.73 -2.16
C LEU B 159 4.89 -20.66 -0.99
N SER B 160 4.45 -20.27 0.20
CA SER B 160 4.77 -20.96 1.44
C SER B 160 3.55 -21.73 1.96
N HIS B 161 3.75 -22.41 3.11
CA HIS B 161 2.74 -23.22 3.76
C HIS B 161 1.90 -22.37 4.72
N PRO B 162 0.62 -22.72 4.92
CA PRO B 162 -0.19 -21.93 5.87
C PRO B 162 0.40 -21.83 7.27
N PHE B 163 1.02 -22.90 7.76
CA PHE B 163 1.65 -22.86 9.08
C PHE B 163 2.81 -21.85 9.10
N PHE B 164 3.61 -21.85 8.04
CA PHE B 164 4.69 -20.88 7.91
C PHE B 164 4.14 -19.46 7.93
N ARG B 165 3.06 -19.22 7.19
CA ARG B 165 2.44 -17.90 7.20
C ARG B 165 1.92 -17.54 8.58
N LEU B 166 1.34 -18.52 9.28
CA LEU B 166 0.77 -18.28 10.60
C LEU B 166 1.84 -17.81 11.57
N LEU B 167 3.01 -18.45 11.56
CA LEU B 167 4.09 -18.00 12.45
C LEU B 167 4.71 -16.70 11.95
N SER B 168 4.82 -16.54 10.64
CA SER B 168 5.44 -15.35 10.07
C SER B 168 4.66 -14.10 10.42
N SER B 169 3.32 -14.20 10.43
CA SER B 169 2.52 -13.05 10.77
C SER B 169 2.85 -12.54 12.18
N VAL B 170 2.95 -13.45 13.14
CA VAL B 170 3.26 -13.06 14.52
C VAL B 170 4.63 -12.41 14.59
N VAL B 171 5.64 -13.08 14.03
CA VAL B 171 7.00 -12.57 14.16
C VAL B 171 7.12 -11.22 13.46
N GLU B 172 6.47 -11.06 12.30
CA GLU B 172 6.57 -9.81 11.56
C GLU B 172 5.83 -8.68 12.28
N THR B 173 4.68 -8.98 12.88
CA THR B 173 3.99 -7.95 13.66
C THR B 173 4.86 -7.47 14.80
N HIS B 174 5.48 -8.40 15.52
CA HIS B 174 6.32 -7.98 16.64
C HIS B 174 7.58 -7.25 16.16
N ALA B 175 8.15 -7.66 15.03
CA ALA B 175 9.29 -6.93 14.49
C ALA B 175 8.91 -5.51 14.10
N ARG B 176 7.73 -5.33 13.50
CA ARG B 176 7.27 -4.00 13.15
C ARG B 176 7.07 -3.15 14.39
N SER B 177 6.49 -3.73 15.45
CA SER B 177 6.32 -2.98 16.69
C SER B 177 7.67 -2.56 17.27
N VAL B 178 8.63 -3.48 17.28
CA VAL B 178 9.95 -3.16 17.82
C VAL B 178 10.60 -2.07 16.99
N LEU B 179 10.43 -2.12 15.66
CA LEU B 179 10.96 -1.06 14.81
C LEU B 179 10.34 0.28 15.16
N SER B 180 9.02 0.30 15.34
CA SER B 180 8.36 1.55 15.74
C SER B 180 8.91 2.05 17.07
N LYS B 181 9.31 1.15 17.96
CA LYS B 181 9.84 1.57 19.25
C LYS B 181 11.31 1.97 19.21
N VAL B 182 12.08 1.51 18.24
CA VAL B 182 13.53 1.62 18.26
C VAL B 182 14.06 2.58 17.18
N SER B 183 13.49 2.54 15.98
CA SER B 183 14.04 3.31 14.88
C SER B 183 13.99 4.81 15.19
N ALA B 184 14.99 5.54 14.68
CA ALA B 184 15.02 6.98 14.87
C ALA B 184 13.80 7.65 14.25
N VAL B 185 13.44 7.24 13.04
CA VAL B 185 12.22 7.67 12.38
C VAL B 185 11.53 6.42 11.84
N TYR B 186 10.31 6.16 12.31
CA TYR B 186 9.59 4.97 11.87
C TYR B 186 9.10 5.16 10.44
N THR B 187 9.38 4.19 9.58
CA THR B 187 9.04 4.31 8.16
C THR B 187 8.52 3.00 7.57
N ALA B 188 8.30 1.97 8.39
CA ALA B 188 7.89 0.67 7.83
C ALA B 188 6.54 0.77 7.14
N THR B 189 5.59 1.49 7.74
CA THR B 189 4.24 1.60 7.19
C THR B 189 4.04 2.84 6.33
N ALA B 190 5.04 3.70 6.20
CA ALA B 190 4.91 4.92 5.42
C ALA B 190 5.08 4.64 3.93
N SER B 191 4.59 5.57 3.11
CA SER B 191 4.73 5.47 1.67
C SER B 191 6.10 6.00 1.23
N ALA B 192 6.39 5.82 -0.06
CA ALA B 192 7.68 6.28 -0.59
C ALA B 192 7.82 7.78 -0.44
N GLU B 193 6.77 8.54 -0.75
CA GLU B 193 6.85 9.99 -0.66
C GLU B 193 7.09 10.44 0.77
N GLN B 194 6.36 9.87 1.73
CA GLN B 194 6.55 10.24 3.13
C GLN B 194 7.96 9.90 3.59
N ARG B 195 8.46 8.74 3.18
CA ARG B 195 9.83 8.37 3.53
C ARG B 195 10.82 9.37 2.98
N ALA B 196 10.64 9.80 1.72
CA ALA B 196 11.55 10.78 1.14
C ALA B 196 11.48 12.11 1.89
N MET B 197 10.27 12.57 2.22
CA MET B 197 10.13 13.84 2.92
C MET B 197 10.80 13.80 4.29
N MET B 198 10.66 12.68 5.01
CA MET B 198 11.31 12.57 6.31
C MET B 198 12.82 12.45 6.17
N ALA B 199 13.28 11.71 5.15
CA ALA B 199 14.71 11.53 4.95
C ALA B 199 15.39 12.85 4.60
N ALA B 200 14.71 13.72 3.85
CA ALA B 200 15.27 15.01 3.54
C ALA B 200 15.61 15.78 4.82
N GLN B 201 14.64 15.85 5.74
CA GLN B 201 14.88 16.56 7.00
C GLN B 201 15.96 15.87 7.81
N VAL B 202 15.98 14.54 7.82
CA VAL B 202 16.97 13.82 8.62
C VAL B 202 18.38 14.10 8.09
N VAL B 203 18.57 14.10 6.77
CA VAL B 203 19.89 14.24 6.18
C VAL B 203 20.28 15.69 5.93
N GLU B 204 19.39 16.65 6.20
CA GLU B 204 19.71 18.05 5.94
C GLU B 204 20.92 18.54 6.73
N SER B 205 21.32 17.83 7.78
CA SER B 205 22.38 18.30 8.67
C SER B 205 23.78 17.92 8.20
N ARG B 206 23.92 17.20 7.09
CA ARG B 206 25.22 16.74 6.63
C ARG B 206 25.36 16.97 5.14
N LYS B 207 26.60 16.88 4.65
CA LYS B 207 26.91 17.29 3.28
C LYS B 207 26.54 16.22 2.27
N HIS B 208 27.17 15.05 2.37
CA HIS B 208 26.98 13.99 1.38
C HIS B 208 25.86 13.06 1.80
N VAL B 209 25.06 12.63 0.82
CA VAL B 209 23.94 11.72 1.05
C VAL B 209 24.24 10.43 0.29
N LEU B 210 24.26 9.31 1.01
CA LEU B 210 24.44 7.99 0.42
C LEU B 210 23.07 7.36 0.23
N ASN B 211 22.68 7.14 -1.03
CA ASN B 211 21.46 6.44 -1.38
C ASN B 211 21.86 5.01 -1.75
N GLY B 212 21.37 4.05 -0.98
CA GLY B 212 21.92 2.70 -1.04
C GLY B 212 20.87 1.63 -1.26
N ASP B 213 21.22 0.66 -2.09
CA ASP B 213 20.51 -0.59 -2.27
C ASP B 213 21.47 -1.73 -2.00
N CYS B 214 20.93 -2.84 -1.50
CA CYS B 214 21.72 -4.04 -1.28
C CYS B 214 21.51 -5.02 -2.43
N THR B 215 22.50 -5.88 -2.64
CA THR B 215 22.48 -6.85 -3.73
C THR B 215 22.09 -8.21 -3.18
N LYS B 216 21.14 -8.86 -3.84
CA LYS B 216 20.62 -10.17 -3.42
C LYS B 216 20.33 -10.15 -1.91
N TYR B 217 19.45 -9.23 -1.54
CA TYR B 217 19.17 -8.99 -0.13
C TYR B 217 18.61 -10.23 0.55
N ASN B 218 17.68 -10.93 -0.10
CA ASN B 218 17.04 -12.07 0.52
C ASN B 218 18.00 -13.25 0.66
N GLU B 219 18.89 -13.44 -0.33
CA GLU B 219 19.79 -14.58 -0.32
C GLU B 219 20.91 -14.45 0.70
N ALA B 220 21.13 -13.26 1.26
CA ALA B 220 22.18 -13.03 2.23
C ALA B 220 21.64 -12.89 3.66
N ILE B 221 20.35 -13.11 3.87
CA ILE B 221 19.75 -13.07 5.20
C ILE B 221 19.54 -14.52 5.63
N ASP B 222 20.36 -14.99 6.55
CA ASP B 222 20.38 -16.39 6.93
C ASP B 222 19.40 -16.67 8.05
N ALA B 223 19.14 -17.96 8.29
CA ALA B 223 18.29 -18.36 9.41
C ALA B 223 18.92 -17.96 10.73
N ASP B 224 20.25 -17.95 10.81
CA ASP B 224 20.92 -17.53 12.04
C ASP B 224 20.63 -16.07 12.36
N THR B 225 20.66 -15.21 11.34
CA THR B 225 20.35 -13.80 11.57
C THR B 225 18.90 -13.63 12.03
N LEU B 226 17.97 -14.34 11.39
CA LEU B 226 16.58 -14.23 11.79
C LEU B 226 16.39 -14.71 13.22
N LEU B 227 17.01 -15.83 13.59
CA LEU B 227 16.90 -16.34 14.95
C LEU B 227 17.52 -15.36 15.95
N LYS B 228 18.65 -14.76 15.59
CA LYS B 228 19.28 -13.78 16.48
C LYS B 228 18.35 -12.60 16.72
N VAL B 229 17.74 -12.08 15.66
CA VAL B 229 16.84 -10.95 15.81
C VAL B 229 15.62 -11.35 16.65
N TRP B 230 15.06 -12.54 16.38
CA TRP B 230 13.86 -12.97 17.09
C TRP B 230 14.14 -13.24 18.56
N ASP B 231 15.35 -13.71 18.89
CA ASP B 231 15.73 -13.90 20.28
C ASP B 231 16.01 -12.58 20.97
N ALA B 232 16.53 -11.59 20.25
CA ALA B 232 16.76 -10.28 20.84
C ALA B 232 15.45 -9.65 21.30
N ILE B 233 14.36 -9.87 20.56
CA ILE B 233 13.06 -9.29 20.89
C ILE B 233 12.16 -10.28 21.62
N GLY B 234 12.65 -11.46 21.96
CA GLY B 234 11.89 -12.41 22.76
C GLY B 234 10.73 -13.04 22.06
N MET B 235 10.99 -13.79 20.98
CA MET B 235 9.95 -14.53 20.28
C MET B 235 9.79 -15.96 20.78
N GLY B 236 10.64 -16.40 21.69
CA GLY B 236 10.47 -17.71 22.29
C GLY B 236 10.55 -18.83 21.27
N SER B 237 9.65 -19.81 21.42
CA SER B 237 9.68 -21.00 20.59
C SER B 237 9.16 -20.74 19.18
N ILE B 238 8.34 -19.70 18.98
CA ILE B 238 7.86 -19.38 17.65
C ILE B 238 9.04 -19.06 16.73
N GLY B 239 9.97 -18.24 17.21
CA GLY B 239 11.14 -17.92 16.42
C GLY B 239 12.00 -19.13 16.14
N VAL B 240 12.15 -20.01 17.14
CA VAL B 240 12.94 -21.22 16.94
C VAL B 240 12.33 -22.09 15.85
N MET B 241 11.00 -22.27 15.90
CA MET B 241 10.33 -23.09 14.90
C MET B 241 10.47 -22.45 13.52
N LEU B 242 10.30 -21.13 13.42
CA LEU B 242 10.41 -20.46 12.13
C LEU B 242 11.81 -20.60 11.57
N ALA B 243 12.83 -20.41 12.42
CA ALA B 243 14.21 -20.55 11.95
C ALA B 243 14.50 -21.98 11.53
N TYR B 244 14.00 -22.96 12.27
CA TYR B 244 14.19 -24.36 11.89
C TYR B 244 13.57 -24.64 10.53
N MET B 245 12.35 -24.15 10.29
CA MET B 245 11.72 -24.34 9.00
C MET B 245 12.47 -23.61 7.88
N VAL B 246 13.01 -22.44 8.17
CA VAL B 246 13.74 -21.68 7.16
C VAL B 246 15.03 -22.40 6.79
N ARG B 247 15.72 -22.99 7.78
CA ARG B 247 16.98 -23.66 7.49
C ARG B 247 16.77 -24.91 6.64
N ARG B 248 15.65 -25.61 6.81
CA ARG B 248 15.37 -26.85 6.11
C ARG B 248 14.43 -26.65 4.93
N LYS B 249 14.30 -25.42 4.43
CA LYS B 249 13.34 -25.16 3.37
C LYS B 249 13.71 -25.91 2.10
N CYS B 250 12.68 -26.36 1.37
CA CYS B 250 12.86 -27.05 0.10
C CYS B 250 11.93 -26.41 -0.92
N VAL B 251 12.45 -26.14 -2.12
CA VAL B 251 11.70 -25.49 -3.19
C VAL B 251 11.37 -26.52 -4.25
N LEU B 252 10.11 -26.58 -4.67
CA LEU B 252 9.69 -27.46 -5.75
C LEU B 252 9.93 -26.74 -7.07
N ILE B 253 10.97 -27.16 -7.78
CA ILE B 253 11.30 -26.63 -9.10
C ILE B 253 10.80 -27.62 -10.13
N LYS B 254 9.75 -27.23 -10.86
CA LYS B 254 9.18 -28.06 -11.90
C LYS B 254 8.66 -29.36 -11.31
N ASP B 255 9.56 -30.31 -11.04
CA ASP B 255 9.18 -31.61 -10.51
C ASP B 255 10.14 -32.15 -9.46
N THR B 256 11.16 -31.39 -9.05
CA THR B 256 12.16 -31.87 -8.12
C THR B 256 12.26 -30.91 -6.93
N LEU B 257 12.50 -31.48 -5.75
CA LEU B 257 12.68 -30.68 -4.54
C LEU B 257 14.16 -30.36 -4.39
N VAL B 258 14.48 -29.07 -4.31
CA VAL B 258 15.86 -28.59 -4.19
C VAL B 258 16.01 -27.91 -2.84
N GLU B 259 17.06 -28.28 -2.11
CA GLU B 259 17.31 -27.71 -0.80
C GLU B 259 17.90 -26.32 -0.92
N CYS B 260 17.47 -25.42 -0.03
CA CYS B 260 17.97 -24.05 0.02
C CYS B 260 18.31 -23.71 1.47
N PRO B 261 19.44 -24.21 1.98
CA PRO B 261 19.79 -23.94 3.38
C PRO B 261 19.91 -22.46 3.71
N GLY B 262 20.42 -21.65 2.78
CA GLY B 262 20.63 -20.25 3.02
C GLY B 262 19.53 -19.37 2.43
N GLY B 263 19.53 -18.11 2.88
CA GLY B 263 18.58 -17.14 2.39
C GLY B 263 17.23 -17.22 3.09
N MET B 264 16.34 -16.31 2.68
CA MET B 264 14.99 -16.24 3.24
C MET B 264 13.91 -16.16 2.16
N LEU B 265 14.24 -16.45 0.90
CA LEU B 265 13.27 -16.61 -0.18
C LEU B 265 12.43 -15.35 -0.40
N MET B 266 13.12 -14.31 -0.85
CA MET B 266 12.50 -13.15 -1.49
C MET B 266 11.49 -12.46 -0.56
N GLY B 267 12.04 -11.88 0.50
CA GLY B 267 11.26 -11.02 1.36
C GLY B 267 10.20 -11.71 2.19
N MET B 268 10.52 -12.89 2.73
CA MET B 268 9.59 -13.53 3.65
C MET B 268 9.53 -12.78 4.98
N PHE B 269 10.63 -12.16 5.39
CA PHE B 269 10.70 -11.37 6.62
C PHE B 269 11.34 -10.03 6.30
N ASN B 270 10.53 -9.07 5.85
CA ASN B 270 11.05 -7.74 5.56
C ASN B 270 11.33 -6.99 6.85
N ALA B 271 10.40 -7.04 7.81
CA ALA B 271 10.58 -6.31 9.07
C ALA B 271 11.77 -6.85 9.85
N THR B 272 11.91 -8.18 9.92
CA THR B 272 13.03 -8.76 10.65
C THR B 272 14.35 -8.40 9.99
N ALA B 273 14.39 -8.44 8.65
CA ALA B 273 15.62 -8.08 7.94
C ALA B 273 15.98 -6.62 8.20
N THR B 274 14.99 -5.73 8.19
CA THR B 274 15.25 -4.33 8.49
C THR B 274 15.74 -4.16 9.92
N LEU B 275 15.13 -4.89 10.86
CA LEU B 275 15.55 -4.81 12.26
C LEU B 275 16.97 -5.32 12.44
N ALA B 276 17.40 -6.25 11.60
CA ALA B 276 18.77 -6.75 11.69
C ALA B 276 19.79 -5.61 11.57
N LEU B 277 19.44 -4.56 10.83
CA LEU B 277 20.30 -3.38 10.70
C LEU B 277 19.92 -2.32 11.73
N GLN B 278 18.63 -1.98 11.82
CA GLN B 278 18.20 -0.91 12.71
C GLN B 278 18.48 -1.22 14.17
N GLY B 279 18.61 -2.49 14.53
CA GLY B 279 18.90 -2.85 15.90
C GLY B 279 20.33 -2.68 16.34
N THR B 280 21.23 -2.36 15.41
CA THR B 280 22.63 -2.16 15.72
C THR B 280 23.09 -0.72 15.57
N THR B 281 22.30 0.13 14.92
CA THR B 281 22.68 1.52 14.70
C THR B 281 21.43 2.33 14.42
N ASP B 282 21.56 3.65 14.56
CA ASP B 282 20.47 4.58 14.28
C ASP B 282 20.87 5.64 13.25
N ARG B 283 21.92 5.39 12.48
CA ARG B 283 22.38 6.33 11.47
C ARG B 283 21.79 6.08 10.09
N PHE B 284 20.93 5.07 9.95
CA PHE B 284 20.34 4.72 8.67
C PHE B 284 18.83 4.96 8.72
N LEU B 285 18.30 5.54 7.64
CA LEU B 285 16.85 5.57 7.42
C LEU B 285 16.57 4.55 6.32
N SER B 286 16.05 3.39 6.70
CA SER B 286 16.02 2.24 5.81
C SER B 286 14.74 1.44 5.99
N PHE B 287 14.38 0.72 4.93
CA PHE B 287 13.43 -0.38 5.02
C PHE B 287 13.74 -1.36 3.90
N SER B 288 13.52 -2.64 4.17
CA SER B 288 13.89 -3.70 3.24
C SER B 288 15.38 -3.49 2.95
N ASP B 289 15.80 -3.44 1.68
CA ASP B 289 17.19 -3.16 1.34
C ASP B 289 17.39 -1.73 0.85
N ASP B 290 16.36 -0.90 0.85
CA ASP B 290 16.46 0.47 0.40
C ASP B 290 16.75 1.37 1.60
N PHE B 291 17.89 2.04 1.57
CA PHE B 291 18.28 2.87 2.72
C PHE B 291 18.91 4.16 2.23
N ILE B 292 18.89 5.15 3.12
CA ILE B 292 19.50 6.45 2.89
C ILE B 292 20.20 6.86 4.17
N THR B 293 21.40 7.43 4.02
CA THR B 293 22.14 7.95 5.15
C THR B 293 22.92 9.17 4.69
N SER B 294 23.61 9.82 5.64
CA SER B 294 24.36 11.02 5.33
C SER B 294 25.70 10.98 6.07
N PHE B 295 26.67 11.70 5.52
CA PHE B 295 28.01 11.73 6.09
C PHE B 295 28.70 13.01 5.64
N ASN B 296 29.78 13.34 6.32
CA ASN B 296 30.57 14.54 6.05
C ASN B 296 31.98 14.26 5.57
N SER B 297 32.63 13.25 6.12
CA SER B 297 34.04 12.97 5.84
C SER B 297 34.20 11.51 5.43
N PRO B 298 35.29 11.17 4.73
CA PRO B 298 35.48 9.78 4.32
C PRO B 298 35.50 8.81 5.49
N ALA B 299 35.96 9.23 6.67
CA ALA B 299 35.93 8.34 7.83
C ALA B 299 34.51 7.94 8.18
N GLU B 300 33.56 8.89 8.12
CA GLU B 300 32.17 8.57 8.37
C GLU B 300 31.64 7.59 7.32
N LEU B 301 32.08 7.74 6.06
CA LEU B 301 31.66 6.81 5.03
C LEU B 301 32.20 5.41 5.30
N ARG B 302 33.45 5.31 5.76
CA ARG B 302 34.00 4.01 6.10
C ARG B 302 33.25 3.39 7.28
N GLU B 303 32.89 4.21 8.27
CA GLU B 303 32.09 3.70 9.39
C GLU B 303 30.74 3.20 8.91
N ILE B 304 30.12 3.94 7.98
CA ILE B 304 28.83 3.51 7.43
C ILE B 304 28.98 2.19 6.70
N GLU B 305 30.05 2.04 5.92
CA GLU B 305 30.28 0.79 5.20
C GLU B 305 30.49 -0.37 6.16
N ASP B 306 31.25 -0.14 7.23
CA ASP B 306 31.46 -1.19 8.23
C ASP B 306 30.15 -1.57 8.90
N LEU B 307 29.32 -0.58 9.23
CA LEU B 307 28.02 -0.88 9.83
C LEU B 307 27.15 -1.69 8.88
N LEU B 308 27.16 -1.33 7.59
CA LEU B 308 26.39 -2.10 6.62
C LEU B 308 26.89 -3.52 6.51
N PHE B 309 28.21 -3.71 6.48
CA PHE B 309 28.76 -5.06 6.35
C PHE B 309 28.43 -5.90 7.58
N ALA B 310 28.60 -5.33 8.78
CA ALA B 310 28.36 -6.09 9.99
C ALA B 310 26.89 -6.50 10.15
N SER B 311 25.98 -5.83 9.45
CA SER B 311 24.56 -6.10 9.55
C SER B 311 24.06 -6.99 8.41
N CYS B 312 24.96 -7.59 7.64
CA CYS B 312 24.60 -8.46 6.52
C CYS B 312 23.80 -7.69 5.46
N HIS B 313 24.09 -6.39 5.33
CA HIS B 313 23.49 -5.54 4.30
C HIS B 313 24.59 -5.24 3.29
N ASN B 314 24.74 -6.13 2.32
CA ASN B 314 25.83 -6.03 1.34
C ASN B 314 25.49 -4.93 0.36
N LEU B 315 26.27 -3.85 0.38
CA LEU B 315 26.02 -2.71 -0.50
C LEU B 315 26.05 -3.15 -1.96
N SER B 316 25.07 -2.66 -2.72
CA SER B 316 25.01 -2.93 -4.15
C SER B 316 25.88 -1.90 -4.87
N LEU B 317 27.08 -2.32 -5.29
CA LEU B 317 27.99 -1.40 -5.95
C LEU B 317 27.46 -0.94 -7.30
N LYS B 318 26.49 -1.66 -7.88
CA LYS B 318 25.94 -1.27 -9.16
C LYS B 318 25.01 -0.08 -9.04
N LYS B 319 24.18 -0.05 -7.99
CA LYS B 319 23.11 0.93 -7.87
C LYS B 319 23.35 2.00 -6.82
N SER B 320 24.00 1.66 -5.70
CA SER B 320 24.21 2.64 -4.64
C SER B 320 25.09 3.78 -5.13
N TYR B 321 24.79 5.00 -4.68
CA TYR B 321 25.59 6.13 -5.11
C TYR B 321 25.47 7.28 -4.11
N ILE B 322 26.44 8.19 -4.21
CA ILE B 322 26.53 9.36 -3.34
C ILE B 322 26.07 10.58 -4.12
N SER B 323 25.40 11.50 -3.44
CA SER B 323 24.93 12.74 -4.05
C SER B 323 25.09 13.88 -3.05
N VAL B 324 25.00 15.10 -3.57
CA VAL B 324 25.05 16.29 -2.73
C VAL B 324 23.92 17.26 -2.98
N ALA B 325 23.28 17.25 -4.15
CA ALA B 325 22.23 18.19 -4.48
C ALA B 325 20.84 17.59 -4.40
N SER B 326 20.73 16.29 -4.13
CA SER B 326 19.42 15.65 -4.07
C SER B 326 19.53 14.39 -3.24
N LEU B 327 18.37 13.87 -2.85
CA LEU B 327 18.27 12.60 -2.15
C LEU B 327 17.18 11.77 -2.81
N GLU B 328 17.28 10.46 -2.68
CA GLU B 328 16.35 9.56 -3.33
C GLU B 328 16.13 8.32 -2.45
N ILE B 329 14.88 7.93 -2.32
CA ILE B 329 14.53 6.69 -1.61
C ILE B 329 13.21 6.18 -2.16
N ASN B 330 13.13 4.86 -2.34
CA ASN B 330 11.93 4.21 -2.87
C ASN B 330 11.49 4.86 -4.17
N SER B 331 12.46 5.19 -5.02
CA SER B 331 12.23 5.75 -6.34
C SER B 331 11.62 7.15 -6.29
N CYS B 332 11.66 7.80 -5.13
CA CYS B 332 11.21 9.19 -4.99
C CYS B 332 12.41 10.07 -4.74
N THR B 333 12.56 11.11 -5.55
CA THR B 333 13.71 12.01 -5.52
C THR B 333 13.27 13.39 -5.09
N LEU B 334 14.01 13.99 -4.15
CA LEU B 334 13.75 15.33 -3.66
C LEU B 334 15.04 16.13 -3.68
N THR B 335 14.90 17.45 -3.78
CA THR B 335 16.03 18.33 -3.57
C THR B 335 16.32 18.42 -2.07
N ARG B 336 17.52 18.90 -1.74
CA ARG B 336 17.95 18.90 -0.34
C ARG B 336 17.05 19.75 0.54
N ASP B 337 16.27 20.67 -0.04
CA ASP B 337 15.34 21.47 0.72
C ASP B 337 13.96 20.84 0.84
N GLY B 338 13.83 19.55 0.47
CA GLY B 338 12.57 18.85 0.61
C GLY B 338 11.59 19.06 -0.51
N ASP B 339 11.99 19.73 -1.59
CA ASP B 339 11.10 19.96 -2.72
C ASP B 339 11.20 18.81 -3.72
N LEU B 340 10.07 18.48 -4.32
CA LEU B 340 10.06 17.42 -5.34
C LEU B 340 10.93 17.82 -6.52
N ALA B 341 11.76 16.90 -6.96
CA ALA B 341 12.62 17.17 -8.11
C ALA B 341 11.79 17.35 -9.37
N THR B 342 12.15 18.35 -10.16
CA THR B 342 11.40 18.63 -11.39
C THR B 342 11.53 17.45 -12.34
N GLY B 343 10.44 17.19 -13.07
CA GLY B 343 10.38 16.11 -14.04
C GLY B 343 9.24 15.16 -13.75
N LEU B 344 9.12 14.16 -14.62
CA LEU B 344 8.06 13.16 -14.45
C LEU B 344 8.33 12.25 -13.26
N GLY B 345 9.60 12.10 -12.87
CA GLY B 345 9.92 11.27 -11.73
C GLY B 345 9.49 9.83 -11.98
N CYS B 346 8.74 9.28 -11.03
CA CYS B 346 8.30 7.90 -11.08
C CYS B 346 6.89 7.75 -11.66
N THR B 347 6.35 8.80 -12.25
CA THR B 347 5.01 8.73 -12.82
C THR B 347 4.92 7.58 -13.82
N ALA B 348 3.89 6.76 -13.69
CA ALA B 348 3.70 5.58 -14.51
C ALA B 348 2.47 5.73 -15.38
N GLY B 349 2.55 5.25 -16.62
CA GLY B 349 1.43 5.28 -17.52
C GLY B 349 0.38 4.26 -17.16
N VAL B 350 -0.77 4.39 -17.81
CA VAL B 350 -1.93 3.51 -17.58
C VAL B 350 -2.15 2.72 -18.87
N PRO B 351 -2.09 1.39 -18.83
CA PRO B 351 -2.39 0.61 -20.03
C PRO B 351 -3.89 0.43 -20.23
N PHE B 352 -4.24 -0.08 -21.41
CA PHE B 352 -5.64 -0.30 -21.77
C PHE B 352 -6.08 -1.63 -21.18
N ARG B 353 -6.78 -1.58 -20.04
CA ARG B 353 -7.25 -2.76 -19.35
C ARG B 353 -8.75 -2.68 -19.07
N GLY B 354 -9.48 -1.93 -19.90
CA GLY B 354 -10.90 -1.79 -19.76
C GLY B 354 -11.35 -0.37 -20.06
N PRO B 355 -12.54 -0.22 -20.66
CA PRO B 355 -13.01 1.12 -21.03
C PRO B 355 -13.01 2.11 -19.88
N LEU B 356 -13.74 1.78 -18.80
CA LEU B 356 -13.90 2.71 -17.69
C LEU B 356 -12.82 2.59 -16.65
N VAL B 357 -12.27 1.39 -16.43
CA VAL B 357 -11.21 1.22 -15.45
C VAL B 357 -9.96 1.97 -15.88
N THR B 358 -9.67 1.98 -17.18
CA THR B 358 -8.53 2.74 -17.68
C THR B 358 -8.70 4.23 -17.42
N LEU B 359 -9.90 4.75 -17.66
CA LEU B 359 -10.16 6.17 -17.39
C LEU B 359 -10.06 6.47 -15.90
N LYS B 360 -10.56 5.58 -15.06
CA LYS B 360 -10.47 5.78 -13.62
C LYS B 360 -9.02 5.80 -13.16
N GLN B 361 -8.21 4.86 -13.65
CA GLN B 361 -6.80 4.83 -13.27
C GLN B 361 -6.05 6.05 -13.80
N THR B 362 -6.38 6.50 -15.01
CA THR B 362 -5.77 7.71 -15.54
C THR B 362 -6.14 8.92 -14.70
N ALA B 363 -7.40 9.00 -14.26
CA ALA B 363 -7.82 10.10 -13.41
C ALA B 363 -7.07 10.08 -12.09
N ALA B 364 -6.90 8.91 -11.50
CA ALA B 364 -6.15 8.81 -10.24
C ALA B 364 -4.70 9.25 -10.46
N MET B 365 -4.07 8.76 -11.53
CA MET B 365 -2.68 9.11 -11.80
C MET B 365 -2.53 10.62 -12.03
N LEU B 366 -3.43 11.22 -12.80
CA LEU B 366 -3.33 12.64 -13.08
C LEU B 366 -3.61 13.48 -11.84
N SER B 367 -4.54 13.02 -10.99
CA SER B 367 -4.78 13.71 -9.72
C SER B 367 -3.53 13.70 -8.87
N GLY B 368 -2.88 12.54 -8.76
CA GLY B 368 -1.63 12.48 -8.02
C GLY B 368 -0.56 13.38 -8.60
N ALA B 369 -0.46 13.41 -9.93
CA ALA B 369 0.56 14.24 -10.57
C ALA B 369 0.31 15.73 -10.33
N VAL B 370 -0.95 16.17 -10.45
CA VAL B 370 -1.24 17.60 -10.33
C VAL B 370 -1.22 18.04 -8.87
N ASP B 371 -1.57 17.16 -7.93
CA ASP B 371 -1.53 17.54 -6.52
C ASP B 371 -0.12 17.96 -6.12
N SER B 372 0.88 17.23 -6.58
CA SER B 372 2.27 17.66 -6.44
C SER B 372 2.58 18.65 -7.57
N GLY B 373 3.84 19.01 -7.73
CA GLY B 373 4.23 19.96 -8.76
C GLY B 373 4.68 19.30 -10.04
N VAL B 374 4.33 18.02 -10.22
CA VAL B 374 4.81 17.28 -11.40
C VAL B 374 4.26 17.91 -12.68
N MET B 375 2.98 18.26 -12.69
CA MET B 375 2.29 18.66 -13.90
C MET B 375 1.34 19.82 -13.63
N PRO B 376 1.29 20.83 -14.49
CA PRO B 376 0.24 21.84 -14.37
C PRO B 376 -1.13 21.26 -14.73
N PHE B 377 -2.16 21.90 -14.21
CA PHE B 377 -3.51 21.35 -14.34
C PHE B 377 -3.96 21.31 -15.80
N HIS B 378 -3.63 22.35 -16.58
CA HIS B 378 -4.08 22.38 -17.97
C HIS B 378 -3.48 21.23 -18.76
N SER B 379 -2.21 20.90 -18.50
CA SER B 379 -1.60 19.74 -19.16
C SER B 379 -2.32 18.46 -18.78
N ALA B 380 -2.71 18.33 -17.50
CA ALA B 380 -3.43 17.14 -17.07
C ALA B 380 -4.79 17.05 -17.76
N GLU B 381 -5.48 18.19 -17.92
CA GLU B 381 -6.75 18.20 -18.61
C GLU B 381 -6.59 17.76 -20.07
N ARG B 382 -5.56 18.29 -20.74
CA ARG B 382 -5.30 17.89 -22.12
C ARG B 382 -5.00 16.39 -22.20
N LEU B 383 -4.21 15.88 -21.26
CA LEU B 383 -3.88 14.46 -21.27
C LEU B 383 -5.11 13.60 -21.04
N PHE B 384 -6.01 14.04 -20.15
CA PHE B 384 -7.23 13.28 -19.91
C PHE B 384 -8.11 13.27 -21.15
N GLN B 385 -8.21 14.41 -21.84
CA GLN B 385 -8.97 14.43 -23.09
C GLN B 385 -8.35 13.48 -24.12
N ILE B 386 -7.03 13.47 -24.23
CA ILE B 386 -6.36 12.58 -25.17
C ILE B 386 -6.63 11.12 -24.79
N LYS B 387 -6.57 10.81 -23.50
CA LYS B 387 -6.82 9.44 -23.06
C LYS B 387 -8.24 9.02 -23.37
N GLN B 388 -9.20 9.92 -23.20
CA GLN B 388 -10.58 9.60 -23.58
C GLN B 388 -10.67 9.32 -25.07
N GLN B 389 -9.98 10.11 -25.89
CA GLN B 389 -10.02 9.88 -27.34
C GLN B 389 -9.44 8.53 -27.70
N GLU B 390 -8.30 8.16 -27.10
CA GLU B 390 -7.71 6.85 -27.40
C GLU B 390 -8.59 5.71 -26.89
N CYS B 391 -9.20 5.87 -25.72
CA CYS B 391 -10.13 4.85 -25.23
C CYS B 391 -11.30 4.70 -26.19
N ALA B 392 -11.78 5.80 -26.75
CA ALA B 392 -12.84 5.72 -27.76
C ALA B 392 -12.35 4.97 -28.99
N TYR B 393 -11.12 5.25 -29.43
CA TYR B 393 -10.57 4.55 -30.59
C TYR B 393 -10.45 3.05 -30.34
N ARG B 394 -10.18 2.67 -29.08
CA ARG B 394 -9.92 1.26 -28.77
C ARG B 394 -11.16 0.46 -28.41
N TYR B 395 -12.20 1.11 -27.86
CA TYR B 395 -13.31 0.38 -27.26
C TYR B 395 -14.67 0.66 -27.86
N ASN B 396 -14.81 1.68 -28.72
CA ASN B 396 -16.11 2.03 -29.29
C ASN B 396 -16.42 1.09 -30.45
N ASN B 397 -16.74 -0.14 -30.10
CA ASN B 397 -17.04 -1.21 -31.05
C ASN B 397 -18.28 -1.95 -30.57
N PRO B 398 -18.95 -2.67 -31.47
CA PRO B 398 -20.11 -3.46 -31.03
C PRO B 398 -19.76 -4.52 -30.01
N THR B 399 -18.49 -4.93 -29.93
CA THR B 399 -18.09 -5.96 -28.99
C THR B 399 -18.24 -5.52 -27.54
N TYR B 400 -18.32 -4.21 -27.28
CA TYR B 400 -18.24 -3.70 -25.92
C TYR B 400 -19.49 -2.97 -25.44
N THR B 401 -20.10 -2.12 -26.26
CA THR B 401 -21.11 -1.19 -25.77
C THR B 401 -22.52 -1.51 -26.27
N THR B 402 -22.74 -1.54 -27.58
CA THR B 402 -24.09 -1.69 -28.14
C THR B 402 -25.04 -0.68 -27.46
N ARG B 403 -24.59 0.56 -27.37
CA ARG B 403 -25.37 1.61 -26.73
C ARG B 403 -25.04 2.94 -27.40
N ASN B 404 -25.95 3.90 -27.26
CA ASN B 404 -25.76 5.20 -27.89
C ASN B 404 -26.22 6.37 -27.02
N GLU B 405 -26.40 6.16 -25.72
CA GLU B 405 -26.87 7.25 -24.86
C GLU B 405 -25.91 8.43 -24.90
N ASP B 406 -26.46 9.64 -24.96
CA ASP B 406 -25.64 10.83 -25.13
C ASP B 406 -24.68 11.02 -23.96
N PHE B 407 -25.15 10.81 -22.73
CA PHE B 407 -24.33 11.05 -21.56
C PHE B 407 -23.19 10.06 -21.41
N LEU B 408 -23.19 8.97 -22.17
CA LEU B 408 -22.14 7.97 -22.04
C LEU B 408 -20.82 8.51 -22.57
N PRO B 409 -19.70 7.94 -22.14
CA PRO B 409 -18.40 8.31 -22.73
C PRO B 409 -18.35 7.93 -24.20
N THR B 410 -17.54 8.67 -24.96
CA THR B 410 -17.41 8.39 -26.39
C THR B 410 -16.93 6.98 -26.65
N CYS B 411 -16.27 6.34 -25.68
CA CYS B 411 -15.81 4.97 -25.83
C CYS B 411 -16.90 3.95 -25.57
N LEU B 412 -18.09 4.37 -25.15
CA LEU B 412 -19.22 3.48 -24.95
C LEU B 412 -20.40 3.88 -25.83
N GLY B 413 -20.13 4.55 -26.95
CA GLY B 413 -21.16 4.94 -27.89
C GLY B 413 -21.77 6.30 -27.64
N GLY B 414 -21.41 6.96 -26.54
CA GLY B 414 -21.94 8.27 -26.24
C GLY B 414 -21.21 9.38 -26.99
N LYS B 415 -21.58 10.61 -26.66
CA LYS B 415 -21.00 11.81 -27.25
C LYS B 415 -20.42 12.73 -26.19
N THR B 416 -20.06 12.18 -25.04
CA THR B 416 -19.58 12.95 -23.91
C THR B 416 -18.09 12.72 -23.71
N VAL B 417 -17.31 13.80 -23.77
CA VAL B 417 -15.90 13.79 -23.41
C VAL B 417 -15.78 14.69 -22.19
N ILE B 418 -15.70 14.08 -21.00
CA ILE B 418 -15.79 14.84 -19.77
C ILE B 418 -14.53 15.65 -19.55
N SER B 419 -14.70 16.86 -19.02
CA SER B 419 -13.56 17.66 -18.59
C SER B 419 -12.97 17.09 -17.31
N PHE B 420 -11.64 17.17 -17.19
CA PHE B 420 -10.99 16.65 -16.00
C PHE B 420 -11.46 17.39 -14.76
N GLN B 421 -11.54 18.72 -14.83
CA GLN B 421 -12.00 19.50 -13.69
C GLN B 421 -13.45 19.19 -13.37
N SER B 422 -14.29 19.04 -14.39
CA SER B 422 -15.70 18.71 -14.15
C SER B 422 -15.83 17.38 -13.44
N LEU B 423 -15.07 16.37 -13.87
CA LEU B 423 -15.12 15.07 -13.21
C LEU B 423 -14.62 15.17 -11.78
N LEU B 424 -13.53 15.90 -11.56
CA LEU B 424 -12.96 15.98 -10.22
C LEU B 424 -13.86 16.72 -9.25
N THR B 425 -14.67 17.65 -9.76
CA THR B 425 -15.56 18.45 -8.92
C THR B 425 -16.96 17.88 -8.83
N TRP B 426 -17.18 16.66 -9.31
CA TRP B 426 -18.47 15.99 -9.27
C TRP B 426 -19.53 16.71 -10.07
N ASP B 427 -19.11 17.54 -11.03
CA ASP B 427 -20.04 18.25 -11.91
C ASP B 427 -20.23 17.45 -13.20
N CYS B 428 -20.88 16.29 -13.05
CA CYS B 428 -21.01 15.36 -14.16
C CYS B 428 -22.25 14.51 -13.95
N HIS B 429 -22.61 13.77 -14.99
CA HIS B 429 -23.72 12.84 -14.90
C HIS B 429 -23.39 11.75 -13.88
N PRO B 430 -24.39 11.23 -13.16
CA PRO B 430 -24.10 10.18 -12.17
C PRO B 430 -23.33 9.00 -12.75
N PHE B 431 -23.43 8.75 -14.04
CA PHE B 431 -22.69 7.66 -14.66
C PHE B 431 -21.20 7.85 -14.50
N TRP B 432 -20.74 9.09 -14.39
CA TRP B 432 -19.31 9.39 -14.30
C TRP B 432 -18.76 9.29 -12.89
N TYR B 433 -19.60 9.00 -11.89
CA TYR B 433 -19.10 8.89 -10.53
C TYR B 433 -18.08 7.77 -10.40
N GLN B 434 -18.34 6.63 -11.05
CA GLN B 434 -17.41 5.51 -10.96
C GLN B 434 -16.05 5.86 -11.55
N VAL B 435 -16.02 6.76 -12.54
CA VAL B 435 -14.75 7.16 -13.13
C VAL B 435 -13.95 8.05 -12.18
N HIS B 436 -14.60 8.68 -11.21
CA HIS B 436 -13.87 9.48 -10.25
C HIS B 436 -12.97 8.57 -9.42
N PRO B 437 -11.73 9.00 -9.12
CA PRO B 437 -10.84 8.13 -8.33
C PRO B 437 -11.44 7.66 -7.02
N ASP B 438 -12.17 8.53 -6.33
CA ASP B 438 -12.79 8.20 -5.05
C ASP B 438 -14.19 7.61 -5.21
N GLY B 439 -14.70 7.48 -6.43
CA GLY B 439 -16.03 6.99 -6.64
C GLY B 439 -16.12 5.49 -6.48
N PRO B 440 -17.31 4.95 -6.75
CA PRO B 440 -17.52 3.51 -6.61
C PRO B 440 -16.72 2.72 -7.63
N ASP B 441 -16.75 1.41 -7.46
CA ASP B 441 -16.05 0.52 -8.39
C ASP B 441 -16.64 0.64 -9.78
N THR B 442 -15.80 0.57 -10.81
CA THR B 442 -16.23 0.68 -12.23
C THR B 442 -16.87 -0.65 -12.65
N ILE B 443 -17.77 -0.61 -13.64
CA ILE B 443 -18.51 -1.80 -14.19
C ILE B 443 -17.51 -2.90 -14.55
N ASP B 444 -16.43 -2.54 -15.26
CA ASP B 444 -15.36 -3.46 -15.70
C ASP B 444 -14.76 -4.16 -14.48
N GLN B 445 -14.48 -3.38 -13.42
CA GLN B 445 -13.88 -3.87 -12.14
C GLN B 445 -14.81 -4.89 -11.48
N LYS B 446 -16.11 -4.60 -11.41
CA LYS B 446 -17.08 -5.49 -10.78
C LYS B 446 -17.21 -6.80 -11.56
N VAL B 447 -17.34 -6.71 -12.88
CA VAL B 447 -17.50 -7.93 -13.68
C VAL B 447 -16.23 -8.78 -13.59
N LEU B 448 -15.05 -8.14 -13.62
CA LEU B 448 -13.81 -8.89 -13.53
C LEU B 448 -13.68 -9.59 -12.18
N SER B 449 -14.06 -8.91 -11.09
CA SER B 449 -14.00 -9.53 -9.78
C SER B 449 -14.96 -10.71 -9.68
N VAL B 450 -16.18 -10.54 -10.19
CA VAL B 450 -17.15 -11.63 -10.14
C VAL B 450 -16.65 -12.82 -10.94
N LEU B 451 -16.08 -12.58 -12.13
CA LEU B 451 -15.54 -13.67 -12.93
C LEU B 451 -14.36 -14.33 -12.23
N ALA B 452 -13.49 -13.54 -11.61
CA ALA B 452 -12.33 -14.10 -10.91
C ALA B 452 -12.76 -14.95 -9.74
N SER B 453 -13.91 -14.65 -9.13
CA SER B 453 -14.41 -15.47 -8.04
C SER B 453 -14.79 -16.88 -8.48
N LYS B 454 -14.87 -17.14 -9.78
CA LYS B 454 -15.32 -18.43 -10.29
C LYS B 454 -14.20 -19.29 -10.86
N THR B 455 -12.94 -18.92 -10.63
CA THR B 455 -11.84 -19.73 -11.14
C THR B 455 -11.75 -21.05 -10.38
N ARG B 456 -10.99 -21.98 -10.94
CA ARG B 456 -10.87 -23.30 -10.33
C ARG B 456 -10.27 -23.21 -8.92
N ARG B 457 -9.32 -22.31 -8.73
CA ARG B 457 -8.65 -22.16 -7.44
C ARG B 457 -9.48 -21.37 -6.43
N ARG B 458 -10.60 -20.77 -6.85
CA ARG B 458 -11.40 -19.92 -5.96
C ARG B 458 -12.88 -20.27 -5.93
N ARG B 459 -13.40 -21.01 -6.91
CA ARG B 459 -14.82 -21.31 -6.92
C ARG B 459 -15.21 -22.18 -5.73
N THR B 460 -16.42 -21.97 -5.22
CA THR B 460 -16.92 -22.75 -4.11
C THR B 460 -18.44 -22.75 -4.15
N ARG B 461 -19.04 -23.78 -3.58
CA ARG B 461 -20.49 -23.89 -3.49
C ARG B 461 -21.04 -23.37 -2.17
N LEU B 462 -20.18 -22.92 -1.26
CA LEU B 462 -20.63 -22.40 0.02
C LEU B 462 -21.49 -21.16 -0.18
N GLU B 463 -22.59 -21.09 0.56
CA GLU B 463 -23.49 -19.95 0.47
C GLU B 463 -22.89 -18.76 1.21
N ALA B 464 -22.88 -17.60 0.56
CA ALA B 464 -22.28 -16.41 1.13
C ALA B 464 -23.06 -15.94 2.34
N LEU B 465 -22.33 -15.58 3.41
CA LEU B 465 -22.93 -15.04 4.62
C LEU B 465 -22.78 -13.52 4.59
N SER B 466 -23.66 -12.88 3.83
CA SER B 466 -23.60 -11.45 3.59
C SER B 466 -24.62 -10.70 4.45
N ASP B 467 -24.52 -9.38 4.43
CA ASP B 467 -25.48 -8.49 5.08
C ASP B 467 -25.60 -8.81 6.57
N LEU B 468 -24.49 -8.62 7.27
CA LEU B 468 -24.39 -8.94 8.69
C LEU B 468 -24.57 -7.70 9.55
N ASP B 469 -24.92 -7.94 10.81
CA ASP B 469 -25.08 -6.85 11.76
C ASP B 469 -23.73 -6.15 11.96
N PRO B 470 -23.67 -4.82 11.89
CA PRO B 470 -22.38 -4.13 12.05
C PRO B 470 -21.79 -4.27 13.45
N LEU B 471 -22.53 -4.85 14.39
CA LEU B 471 -22.07 -4.98 15.76
C LEU B 471 -21.46 -6.33 16.08
N VAL B 472 -21.93 -7.41 15.45
CA VAL B 472 -21.44 -8.75 15.78
C VAL B 472 -19.98 -8.84 15.35
N PRO B 473 -19.05 -9.16 16.24
CA PRO B 473 -17.65 -9.33 15.82
C PRO B 473 -17.49 -10.52 14.90
N HIS B 474 -16.53 -10.42 13.99
CA HIS B 474 -16.27 -11.50 13.04
C HIS B 474 -15.49 -12.65 13.64
N ARG B 475 -15.00 -12.51 14.88
CA ARG B 475 -14.28 -13.59 15.54
C ARG B 475 -15.21 -14.59 16.21
N LEU B 476 -16.52 -14.37 16.19
CA LEU B 476 -17.46 -15.29 16.78
C LEU B 476 -17.62 -16.52 15.91
N LEU B 477 -17.99 -17.64 16.55
CA LEU B 477 -18.08 -18.92 15.87
C LEU B 477 -19.52 -19.23 15.47
N VAL B 478 -19.68 -19.75 14.25
CA VAL B 478 -20.99 -20.11 13.73
C VAL B 478 -20.91 -21.50 13.10
N SER B 479 -22.05 -22.17 13.07
CA SER B 479 -22.23 -23.46 12.42
C SER B 479 -23.18 -23.31 11.24
N GLU B 480 -23.48 -24.43 10.58
CA GLU B 480 -24.41 -24.40 9.46
C GLU B 480 -25.79 -23.92 9.90
N SER B 481 -26.27 -24.42 11.04
CA SER B 481 -27.57 -23.97 11.55
C SER B 481 -27.54 -22.50 11.89
N ASP B 482 -26.43 -22.01 12.45
CA ASP B 482 -26.32 -20.60 12.81
C ASP B 482 -26.44 -19.71 11.57
N VAL B 483 -25.73 -20.05 10.51
CA VAL B 483 -25.78 -19.23 9.30
C VAL B 483 -27.16 -19.33 8.67
N SER B 484 -27.77 -20.52 8.69
CA SER B 484 -29.13 -20.66 8.18
C SER B 484 -30.09 -19.74 8.93
N LYS B 485 -29.99 -19.73 10.26
CA LYS B 485 -30.88 -18.89 11.07
C LYS B 485 -30.63 -17.41 10.79
N ILE B 486 -29.35 -17.01 10.67
CA ILE B 486 -29.03 -15.62 10.43
C ILE B 486 -29.60 -15.16 9.09
N ARG B 487 -29.40 -15.97 8.05
CA ARG B 487 -29.93 -15.62 6.73
C ARG B 487 -31.45 -15.56 6.76
N ALA B 488 -32.09 -16.52 7.44
CA ALA B 488 -33.55 -16.52 7.51
C ALA B 488 -34.06 -15.26 8.21
N ALA B 489 -33.43 -14.89 9.32
CA ALA B 489 -33.86 -13.70 10.05
C ALA B 489 -33.69 -12.44 9.20
N ARG B 490 -32.55 -12.31 8.52
CA ARG B 490 -32.33 -11.12 7.70
C ARG B 490 -33.32 -11.06 6.55
N GLN B 491 -33.59 -12.20 5.91
CA GLN B 491 -34.56 -12.21 4.82
C GLN B 491 -35.96 -11.87 5.32
N ALA B 492 -36.31 -12.38 6.50
CA ALA B 492 -37.61 -12.05 7.07
C ALA B 492 -37.73 -10.56 7.34
N HIS B 493 -36.69 -9.95 7.90
CA HIS B 493 -36.72 -8.51 8.15
C HIS B 493 -36.86 -7.73 6.85
N LEU B 494 -36.06 -8.10 5.84
CA LEU B 494 -36.12 -7.38 4.57
C LEU B 494 -37.50 -7.50 3.94
N LYS B 495 -38.08 -8.71 3.96
CA LYS B 495 -39.41 -8.89 3.39
C LYS B 495 -40.45 -8.11 4.18
N SER B 496 -40.34 -8.08 5.51
CA SER B 496 -41.24 -7.26 6.31
C SER B 496 -41.11 -5.79 5.95
N LEU B 497 -39.94 -5.36 5.51
CA LEU B 497 -39.74 -4.01 5.00
C LEU B 497 -39.95 -3.92 3.50
N GLY B 498 -40.58 -4.92 2.89
CA GLY B 498 -40.89 -4.88 1.48
C GLY B 498 -39.67 -4.85 0.58
N LEU B 499 -38.64 -5.63 0.91
CA LEU B 499 -37.44 -5.71 0.10
C LEU B 499 -36.97 -7.16 0.06
N GLU B 500 -36.27 -7.50 -1.03
CA GLU B 500 -35.71 -8.85 -1.19
C GLU B 500 -34.20 -8.88 -1.09
N GLN B 501 -33.51 -7.77 -1.34
CA GLN B 501 -32.09 -7.64 -1.11
C GLN B 501 -31.80 -6.32 -0.41
N PRO B 502 -30.71 -6.24 0.33
CA PRO B 502 -30.42 -4.99 1.07
C PRO B 502 -30.11 -3.85 0.12
N THR B 503 -30.46 -2.65 0.57
CA THR B 503 -30.18 -1.46 -0.23
C THR B 503 -28.68 -1.24 -0.38
N ASN B 504 -28.27 -0.79 -1.56
CA ASN B 504 -26.86 -0.50 -1.80
C ASN B 504 -26.44 0.73 -1.00
N PHE B 505 -25.22 0.70 -0.49
CA PHE B 505 -24.70 1.76 0.35
C PHE B 505 -23.35 2.24 -0.17
N ASN B 506 -23.22 3.55 -0.35
CA ASN B 506 -21.95 4.19 -0.67
C ASN B 506 -21.74 5.32 0.34
N TYR B 507 -20.69 5.20 1.15
CA TYR B 507 -20.55 6.09 2.29
C TYR B 507 -20.10 7.48 1.88
N ALA B 508 -19.26 7.58 0.84
CA ALA B 508 -18.82 8.90 0.38
C ALA B 508 -19.99 9.71 -0.16
N ILE B 509 -20.78 9.11 -1.06
CA ILE B 509 -21.95 9.80 -1.60
C ILE B 509 -22.96 10.05 -0.48
N TYR B 510 -23.07 9.12 0.46
CA TYR B 510 -23.98 9.30 1.58
C TYR B 510 -23.60 10.54 2.39
N LYS B 511 -22.31 10.71 2.68
CA LYS B 511 -21.85 11.89 3.39
C LYS B 511 -22.09 13.15 2.56
N ALA B 512 -21.81 13.08 1.26
CA ALA B 512 -22.02 14.25 0.40
C ALA B 512 -23.49 14.67 0.39
N VAL B 513 -24.41 13.70 0.49
CA VAL B 513 -25.83 14.02 0.42
C VAL B 513 -26.30 14.73 1.68
N GLN B 514 -25.71 14.41 2.84
CA GLN B 514 -26.19 14.97 4.09
C GLN B 514 -26.14 16.49 4.03
N PRO B 515 -27.19 17.20 4.49
CA PRO B 515 -27.17 18.67 4.43
C PRO B 515 -25.98 19.26 5.19
N MET C 1 -26.67 -27.50 0.82
CA MET C 1 -27.43 -28.33 1.82
C MET C 1 -26.46 -29.07 2.73
N SER C 2 -25.30 -29.43 2.20
CA SER C 2 -24.28 -30.11 3.00
C SER C 2 -22.87 -29.59 2.71
N GLN C 3 -22.73 -28.47 1.99
CA GLN C 3 -21.41 -27.98 1.64
C GLN C 3 -20.61 -27.52 2.85
N PHE C 4 -21.29 -27.21 3.97
CA PHE C 4 -20.56 -26.80 5.17
C PHE C 4 -19.66 -27.93 5.66
N GLY C 5 -20.16 -29.17 5.64
CA GLY C 5 -19.35 -30.29 6.07
C GLY C 5 -18.16 -30.55 5.17
N LYS C 6 -18.36 -30.37 3.85
CA LYS C 6 -17.26 -30.59 2.91
C LYS C 6 -16.19 -29.51 3.04
N SER C 7 -16.61 -28.24 3.09
CA SER C 7 -15.64 -27.15 3.20
C SER C 7 -14.88 -27.22 4.51
N PHE C 8 -15.59 -27.49 5.61
CA PHE C 8 -14.98 -27.58 6.94
C PHE C 8 -15.23 -28.99 7.46
N LYS C 9 -14.23 -29.85 7.33
CA LYS C 9 -14.33 -31.25 7.72
C LYS C 9 -13.70 -31.44 9.09
N GLY C 10 -14.42 -32.13 9.98
CA GLY C 10 -13.96 -32.33 11.34
C GLY C 10 -14.22 -31.17 12.28
N ARG C 11 -14.83 -30.10 11.80
CA ARG C 11 -15.17 -28.95 12.61
C ARG C 11 -16.65 -28.64 12.47
N THR C 12 -17.29 -28.35 13.60
CA THR C 12 -18.71 -28.01 13.60
C THR C 12 -18.97 -26.52 13.59
N GLU C 13 -18.01 -25.72 14.06
CA GLU C 13 -18.16 -24.27 14.10
C GLU C 13 -16.89 -23.61 13.59
N VAL C 14 -17.05 -22.53 12.83
CA VAL C 14 -15.94 -21.75 12.30
C VAL C 14 -16.23 -20.27 12.51
N THR C 15 -15.17 -19.48 12.49
CA THR C 15 -15.33 -18.03 12.69
C THR C 15 -16.01 -17.41 11.48
N ILE C 16 -16.59 -16.22 11.72
CA ILE C 16 -17.24 -15.49 10.62
C ILE C 16 -16.20 -15.08 9.58
N THR C 17 -15.00 -14.70 10.03
CA THR C 17 -13.97 -14.27 9.09
C THR C 17 -13.62 -15.39 8.11
N GLU C 18 -13.41 -16.60 8.63
CA GLU C 18 -13.09 -17.72 7.75
C GLU C 18 -14.23 -18.02 6.80
N TYR C 19 -15.46 -18.01 7.30
CA TYR C 19 -16.60 -18.31 6.44
C TYR C 19 -16.75 -17.29 5.32
N ARG C 20 -16.58 -16.00 5.64
CA ARG C 20 -16.71 -14.97 4.62
C ARG C 20 -15.50 -14.90 3.69
N SER C 21 -14.34 -15.42 4.11
CA SER C 21 -13.19 -15.44 3.24
C SER C 21 -13.33 -16.42 2.09
N HIS C 22 -14.27 -17.36 2.19
CA HIS C 22 -14.44 -18.38 1.15
C HIS C 22 -15.27 -17.90 -0.03
N THR C 23 -15.97 -16.77 0.10
CA THR C 23 -16.87 -16.29 -0.94
C THR C 23 -16.57 -14.84 -1.29
N VAL C 24 -15.28 -14.51 -1.40
CA VAL C 24 -14.87 -13.16 -1.76
C VAL C 24 -15.04 -12.98 -3.27
N LYS C 25 -15.79 -11.95 -3.66
CA LYS C 25 -16.02 -11.68 -5.08
C LYS C 25 -15.97 -10.18 -5.40
N ASP C 26 -15.39 -9.36 -4.53
CA ASP C 26 -15.35 -7.92 -4.72
C ASP C 26 -13.92 -7.39 -4.79
N VAL C 27 -12.96 -8.23 -5.14
CA VAL C 27 -11.56 -7.83 -5.24
C VAL C 27 -11.18 -7.78 -6.72
N HIS C 28 -10.66 -6.63 -7.15
CA HIS C 28 -10.28 -6.42 -8.54
C HIS C 28 -8.77 -6.32 -8.64
N ARG C 29 -8.19 -7.09 -9.57
CA ARG C 29 -6.77 -7.05 -9.85
C ARG C 29 -6.57 -6.70 -11.32
N SER C 30 -5.76 -5.68 -11.58
CA SER C 30 -5.46 -5.26 -12.95
C SER C 30 -4.41 -6.20 -13.53
N LEU C 31 -4.77 -6.91 -14.59
CA LEU C 31 -3.92 -7.93 -15.19
C LEU C 31 -3.88 -7.75 -16.70
N LEU C 32 -2.96 -8.46 -17.34
CA LEU C 32 -2.83 -8.39 -18.79
C LEU C 32 -4.07 -8.96 -19.49
N THR C 33 -4.75 -9.91 -18.85
CA THR C 33 -5.87 -10.63 -19.46
C THR C 33 -7.20 -9.89 -19.31
N ALA C 34 -7.18 -8.59 -19.00
CA ALA C 34 -8.44 -7.88 -18.77
C ALA C 34 -9.28 -7.80 -20.03
N ASP C 35 -8.67 -7.43 -21.16
CA ASP C 35 -9.42 -7.26 -22.39
C ASP C 35 -10.04 -8.57 -22.84
N LYS C 36 -9.28 -9.67 -22.78
CA LYS C 36 -9.82 -10.96 -23.19
C LYS C 36 -10.98 -11.37 -22.31
N SER C 37 -10.86 -11.18 -20.99
CA SER C 37 -11.94 -11.55 -20.09
C SER C 37 -13.18 -10.71 -20.36
N LEU C 38 -13.02 -9.42 -20.60
CA LEU C 38 -14.17 -8.57 -20.89
C LEU C 38 -14.81 -8.92 -22.21
N ARG C 39 -14.02 -9.36 -23.20
CA ARG C 39 -14.58 -9.74 -24.49
C ARG C 39 -15.30 -11.07 -24.43
N LYS C 40 -14.81 -12.01 -23.62
CA LYS C 40 -15.38 -13.36 -23.62
C LYS C 40 -16.86 -13.34 -23.27
N SER C 41 -17.69 -13.81 -24.20
CA SER C 41 -19.13 -13.93 -24.02
C SER C 41 -19.81 -12.59 -23.78
N PHE C 42 -19.21 -11.50 -24.25
CA PHE C 42 -19.80 -10.16 -24.10
C PHE C 42 -20.15 -9.87 -22.65
N CYS C 43 -19.25 -10.27 -21.75
CA CYS C 43 -19.48 -10.06 -20.32
C CYS C 43 -19.67 -8.58 -20.02
N PHE C 44 -18.76 -7.73 -20.50
CA PHE C 44 -18.86 -6.31 -20.22
C PHE C 44 -20.06 -5.68 -20.91
N ARG C 45 -20.37 -6.11 -22.12
CA ARG C 45 -21.53 -5.55 -22.82
C ARG C 45 -22.81 -5.85 -22.05
N ASN C 46 -22.98 -7.10 -21.62
CA ASN C 46 -24.16 -7.44 -20.84
C ASN C 46 -24.18 -6.71 -19.50
N ALA C 47 -23.02 -6.57 -18.86
CA ALA C 47 -22.96 -5.85 -17.60
C ALA C 47 -23.35 -4.39 -17.78
N LEU C 48 -22.90 -3.77 -18.86
CA LEU C 48 -23.28 -2.38 -19.14
C LEU C 48 -24.77 -2.26 -19.39
N ASN C 49 -25.33 -3.21 -20.15
CA ASN C 49 -26.78 -3.20 -20.37
C ASN C 49 -27.52 -3.26 -19.04
N GLN C 50 -27.12 -4.20 -18.18
CA GLN C 50 -27.81 -4.35 -16.90
C GLN C 50 -27.64 -3.12 -16.02
N PHE C 51 -26.43 -2.55 -16.00
CA PHE C 51 -26.19 -1.37 -15.19
C PHE C 51 -27.04 -0.19 -15.65
N LEU C 52 -27.14 0.01 -16.97
CA LEU C 52 -27.96 1.11 -17.47
C LEU C 52 -29.45 0.84 -17.23
N ASP C 53 -29.88 -0.42 -17.28
CA ASP C 53 -31.30 -0.71 -17.11
C ASP C 53 -31.73 -0.58 -15.65
N LYS C 54 -30.92 -1.09 -14.72
CA LYS C 54 -31.36 -1.28 -13.34
C LYS C 54 -30.53 -0.49 -12.34
N ASP C 55 -29.20 -0.55 -12.43
CA ASP C 55 -28.35 0.03 -11.39
C ASP C 55 -28.31 1.56 -11.46
N LEU C 56 -28.20 2.12 -12.66
CA LEU C 56 -27.98 3.55 -12.78
C LEU C 56 -29.11 4.38 -12.18
N PRO C 57 -30.39 4.08 -12.42
CA PRO C 57 -31.44 4.94 -11.86
C PRO C 57 -31.41 5.04 -10.34
N LEU C 58 -30.87 4.04 -9.65
CA LEU C 58 -30.82 4.07 -8.19
C LEU C 58 -29.63 4.83 -7.66
N LEU C 59 -28.71 5.29 -8.50
CA LEU C 59 -27.56 6.05 -8.03
C LEU C 59 -28.02 7.44 -7.59
N PRO C 60 -27.84 7.81 -6.32
CA PRO C 60 -28.24 9.15 -5.90
C PRO C 60 -27.32 10.23 -6.47
N ILE C 61 -27.89 11.41 -6.67
CA ILE C 61 -27.14 12.56 -7.14
C ILE C 61 -26.52 13.26 -5.93
N ARG C 62 -25.37 13.88 -6.13
CA ARG C 62 -24.67 14.62 -5.10
C ARG C 62 -24.27 15.98 -5.65
N PRO C 63 -24.07 16.97 -4.79
CA PRO C 63 -23.70 18.30 -5.26
C PRO C 63 -22.24 18.36 -5.70
N LYS C 64 -21.92 19.44 -6.40
CA LYS C 64 -20.58 19.64 -6.93
C LYS C 64 -19.80 20.62 -6.05
N LEU C 65 -18.48 20.47 -6.08
CA LEU C 65 -17.61 21.34 -5.29
C LEU C 65 -17.55 22.72 -5.93
N GLU C 66 -17.70 23.76 -5.10
CA GLU C 66 -17.76 25.13 -5.60
C GLU C 66 -16.77 26.03 -4.87
N SER C 67 -16.51 25.76 -3.60
CA SER C 67 -15.67 26.64 -2.81
C SER C 67 -14.22 26.59 -3.30
N ARG C 68 -13.62 27.77 -3.48
CA ARG C 68 -12.26 27.87 -3.96
C ARG C 68 -11.53 28.97 -3.20
N VAL C 69 -10.21 28.80 -3.08
CA VAL C 69 -9.33 29.80 -2.49
C VAL C 69 -8.09 29.92 -3.36
N ALA C 70 -7.38 31.04 -3.20
CA ALA C 70 -6.16 31.27 -3.94
C ALA C 70 -5.03 30.45 -3.34
N VAL C 71 -4.32 29.70 -4.19
CA VAL C 71 -3.24 28.82 -3.74
C VAL C 71 -1.94 29.27 -4.41
N LYS C 72 -0.83 28.85 -3.82
CA LYS C 72 0.50 29.14 -4.34
C LYS C 72 1.33 27.88 -4.31
N LYS C 73 2.30 27.80 -5.23
CA LYS C 73 3.25 26.70 -5.24
C LYS C 73 4.06 26.70 -3.95
N SER C 74 4.24 25.52 -3.37
CA SER C 74 4.91 25.40 -2.08
C SER C 74 5.65 24.07 -2.02
N LYS C 75 6.50 23.95 -1.00
CA LYS C 75 7.28 22.73 -0.80
C LYS C 75 6.37 21.53 -0.61
N LEU C 76 6.77 20.39 -1.16
CA LEU C 76 5.98 19.18 -1.04
C LEU C 76 5.79 18.80 0.42
N ARG C 77 4.55 18.52 0.80
CA ARG C 77 4.23 18.16 2.17
C ARG C 77 3.07 17.17 2.16
N SER C 78 2.98 16.38 3.22
CA SER C 78 1.92 15.39 3.35
C SER C 78 0.69 16.05 3.96
N GLN C 79 -0.44 15.95 3.27
CA GLN C 79 -1.72 16.42 3.77
C GLN C 79 -2.51 15.21 4.27
N LEU C 80 -2.96 15.30 5.52
CA LEU C 80 -3.71 14.23 6.17
C LEU C 80 -5.19 14.62 6.18
N SER C 81 -5.98 13.93 5.38
CA SER C 81 -7.41 14.23 5.25
C SER C 81 -8.17 13.12 5.97
N PHE C 82 -8.38 13.31 7.27
CA PHE C 82 -9.05 12.30 8.07
C PHE C 82 -10.55 12.30 7.78
N ARG C 83 -11.08 11.12 7.43
CA ARG C 83 -12.49 10.95 7.14
C ARG C 83 -13.13 10.14 8.26
N PRO C 84 -14.04 10.72 9.05
CA PRO C 84 -14.63 9.97 10.16
C PRO C 84 -15.57 8.89 9.67
N GLY C 85 -15.68 7.82 10.46
CA GLY C 85 -16.55 6.72 10.13
C GLY C 85 -17.92 6.87 10.74
N LEU C 86 -18.85 6.05 10.25
CA LEU C 86 -20.20 6.05 10.78
C LEU C 86 -20.19 5.72 12.27
N THR C 87 -20.99 6.46 13.04
CA THR C 87 -21.09 6.17 14.46
C THR C 87 -21.92 4.90 14.69
N GLN C 88 -21.80 4.35 15.90
CA GLN C 88 -22.49 3.10 16.21
C GLN C 88 -24.00 3.26 16.08
N GLU C 89 -24.55 4.35 16.61
CA GLU C 89 -26.00 4.56 16.55
C GLU C 89 -26.46 4.74 15.11
N GLU C 90 -25.74 5.54 14.33
CA GLU C 90 -26.10 5.75 12.93
C GLU C 90 -25.98 4.45 12.14
N ALA C 91 -24.93 3.67 12.40
CA ALA C 91 -24.78 2.39 11.71
C ALA C 91 -25.93 1.45 12.06
N ILE C 92 -26.32 1.40 13.33
CA ILE C 92 -27.44 0.55 13.73
C ILE C 92 -28.72 0.99 13.04
N ASP C 93 -28.97 2.30 12.99
CA ASP C 93 -30.16 2.80 12.34
C ASP C 93 -30.16 2.45 10.86
N LEU C 94 -29.04 2.66 10.19
CA LEU C 94 -28.97 2.36 8.75
C LEU C 94 -29.20 0.88 8.51
N TYR C 95 -28.59 0.02 9.32
CA TYR C 95 -28.81 -1.42 9.16
C TYR C 95 -30.28 -1.77 9.36
N ASN C 96 -30.91 -1.18 10.39
CA ASN C 96 -32.33 -1.44 10.61
C ASN C 96 -33.18 -0.97 9.45
N LYS C 97 -32.74 0.06 8.72
CA LYS C 97 -33.46 0.55 7.56
C LYS C 97 -33.19 -0.27 6.31
N GLY C 98 -32.66 -1.48 6.44
CA GLY C 98 -32.50 -2.37 5.31
C GLY C 98 -31.30 -2.10 4.43
N TYR C 99 -30.29 -1.41 4.93
CA TYR C 99 -29.10 -1.14 4.15
C TYR C 99 -28.14 -2.32 4.20
N ASP C 100 -27.24 -2.39 3.22
CA ASP C 100 -26.29 -3.49 3.14
C ASP C 100 -25.42 -3.52 4.38
N GLY C 101 -25.45 -4.64 5.09
CA GLY C 101 -24.71 -4.75 6.34
C GLY C 101 -23.21 -4.67 6.15
N ASP C 102 -22.70 -5.29 5.08
CA ASP C 102 -21.26 -5.34 4.89
C ASP C 102 -20.67 -3.96 4.63
N SER C 103 -21.32 -3.18 3.77
CA SER C 103 -20.80 -1.84 3.47
C SER C 103 -20.87 -0.95 4.71
N VAL C 104 -21.98 -1.00 5.44
CA VAL C 104 -22.10 -0.20 6.66
C VAL C 104 -21.05 -0.61 7.67
N SER C 105 -20.78 -1.93 7.77
CA SER C 105 -19.73 -2.40 8.66
C SER C 105 -18.38 -1.82 8.25
N GLY C 106 -18.11 -1.81 6.95
CA GLY C 106 -16.86 -1.23 6.48
C GLY C 106 -16.79 0.27 6.70
N ALA C 107 -17.94 0.93 6.81
CA ALA C 107 -17.97 2.38 6.97
C ALA C 107 -17.77 2.87 8.39
N LEU C 108 -17.83 1.97 9.39
CA LEU C 108 -17.68 2.42 10.77
C LEU C 108 -16.26 2.84 11.10
N GLN C 109 -15.28 2.35 10.34
CA GLN C 109 -13.88 2.60 10.67
C GLN C 109 -13.46 3.96 10.14
N ASP C 110 -13.02 4.84 11.03
CA ASP C 110 -12.43 6.10 10.62
C ASP C 110 -11.21 5.81 9.76
N ARG C 111 -11.04 6.57 8.67
CA ARG C 111 -9.97 6.31 7.72
C ARG C 111 -9.11 7.56 7.54
N VAL C 112 -7.80 7.38 7.66
CA VAL C 112 -6.83 8.46 7.51
C VAL C 112 -6.08 8.24 6.20
N VAL C 113 -6.07 9.26 5.35
CA VAL C 113 -5.37 9.21 4.07
C VAL C 113 -4.38 10.36 4.02
N ASN C 114 -3.12 10.02 3.74
CA ASN C 114 -2.05 10.99 3.56
C ASN C 114 -1.72 11.08 2.08
N GLU C 115 -1.70 12.31 1.55
CA GLU C 115 -1.40 12.52 0.15
C GLU C 115 -0.37 13.63 -0.02
N PRO C 116 0.58 13.49 -0.95
CA PRO C 116 1.50 14.61 -1.21
C PRO C 116 0.78 15.78 -1.84
N VAL C 117 1.14 16.98 -1.40
CA VAL C 117 0.56 18.21 -1.92
C VAL C 117 1.68 19.24 -2.03
N ALA C 118 1.66 20.02 -3.11
CA ALA C 118 2.67 21.03 -3.37
C ALA C 118 2.06 22.43 -3.48
N TYR C 119 0.86 22.62 -2.97
CA TYR C 119 0.19 23.92 -2.99
C TYR C 119 -0.27 24.27 -1.58
N SER C 120 -0.22 25.55 -1.26
CA SER C 120 -0.56 26.04 0.06
C SER C 120 -1.51 27.22 -0.04
N SER C 121 -2.39 27.34 0.94
CA SER C 121 -3.35 28.43 1.02
C SER C 121 -2.94 29.40 2.13
N ALA C 122 -3.54 30.58 2.10
CA ALA C 122 -3.23 31.59 3.11
C ALA C 122 -3.64 31.15 4.50
N ASP C 123 -4.62 30.26 4.63
CA ASP C 123 -5.09 29.78 5.91
C ASP C 123 -4.79 28.29 6.13
N ASN C 124 -3.85 27.73 5.35
CA ASN C 124 -3.47 26.34 5.48
C ASN C 124 -4.68 25.41 5.29
N ASP C 125 -5.53 25.75 4.33
CA ASP C 125 -6.71 24.95 4.06
C ASP C 125 -6.33 23.60 3.47
N LYS C 126 -7.17 22.60 3.73
CA LYS C 126 -7.07 21.32 3.07
C LYS C 126 -7.84 21.37 1.76
N PHE C 127 -7.44 20.52 0.81
CA PHE C 127 -7.97 20.54 -0.54
C PHE C 127 -8.56 19.18 -0.91
N HIS C 128 -9.53 19.21 -1.81
CA HIS C 128 -10.09 17.98 -2.34
C HIS C 128 -9.05 17.26 -3.21
N ARG C 129 -9.28 15.97 -3.42
CA ARG C 129 -8.34 15.16 -4.17
C ARG C 129 -8.18 15.70 -5.59
N GLY C 130 -6.93 15.91 -6.00
CA GLY C 130 -6.62 16.33 -7.35
C GLY C 130 -6.91 17.78 -7.65
N LEU C 131 -7.43 18.56 -6.69
CA LEU C 131 -7.81 19.94 -6.93
C LEU C 131 -7.02 20.91 -6.07
N ALA C 132 -5.86 20.48 -5.55
CA ALA C 132 -5.02 21.39 -4.77
C ALA C 132 -4.52 22.54 -5.64
N ALA C 133 -4.21 22.26 -6.91
CA ALA C 133 -3.73 23.31 -7.80
C ALA C 133 -4.78 24.39 -8.00
N LEU C 134 -6.04 24.00 -8.16
CA LEU C 134 -7.11 24.97 -8.35
C LEU C 134 -7.62 25.56 -7.04
N GLY C 135 -7.26 24.99 -5.90
CA GLY C 135 -7.63 25.56 -4.63
C GLY C 135 -9.01 25.20 -4.13
N TYR C 136 -9.60 24.10 -4.59
CA TYR C 136 -10.86 23.65 -4.05
C TYR C 136 -10.64 23.10 -2.65
N THR C 137 -11.32 23.70 -1.66
CA THR C 137 -11.08 23.39 -0.26
C THR C 137 -12.13 22.44 0.28
N LEU C 138 -11.76 21.68 1.31
CA LEU C 138 -12.72 20.81 1.98
C LEU C 138 -13.76 21.59 2.77
N ALA C 139 -13.45 22.84 3.13
CA ALA C 139 -14.40 23.69 3.84
C ALA C 139 -15.33 24.38 2.86
N ASP C 140 -16.35 25.01 3.42
CA ASP C 140 -17.31 25.81 2.66
C ASP C 140 -17.34 27.23 3.22
N ARG C 141 -17.65 28.19 2.36
CA ARG C 141 -17.70 29.58 2.78
C ARG C 141 -18.70 29.73 3.94
N ALA C 142 -18.27 30.43 4.99
CA ALA C 142 -19.11 30.63 6.15
C ALA C 142 -20.10 31.77 5.91
N PHE C 143 -21.22 31.70 6.62
CA PHE C 143 -22.26 32.73 6.52
C PHE C 143 -21.98 33.90 7.45
N ASP C 144 -21.86 33.63 8.74
CA ASP C 144 -21.62 34.66 9.74
C ASP C 144 -20.13 34.81 10.03
N THR C 145 -19.78 35.93 10.67
CA THR C 145 -18.38 36.23 10.93
C THR C 145 -17.82 35.38 12.08
N CYS C 146 -18.66 35.03 13.05
CA CYS C 146 -18.16 34.29 14.20
C CYS C 146 -17.68 32.90 13.80
N GLU C 147 -18.38 32.23 12.88
CA GLU C 147 -17.92 30.94 12.39
C GLU C 147 -16.56 31.08 11.73
N SER C 148 -16.38 32.09 10.89
CA SER C 148 -15.10 32.28 10.21
C SER C 148 -13.99 32.57 11.20
N GLY C 149 -14.29 33.36 12.24
CA GLY C 149 -13.27 33.71 13.21
C GLY C 149 -12.91 32.58 14.16
N PHE C 150 -13.86 31.69 14.44
CA PHE C 150 -13.58 30.60 15.35
C PHE C 150 -12.49 29.68 14.81
N VAL C 151 -12.56 29.36 13.52
CA VAL C 151 -11.55 28.48 12.93
C VAL C 151 -10.25 29.23 12.69
N ARG C 152 -10.31 30.53 12.43
CA ARG C 152 -9.12 31.31 12.14
C ARG C 152 -8.20 31.35 13.36
N ALA C 153 -6.91 31.14 13.12
CA ALA C 153 -5.92 31.32 14.18
C ALA C 153 -5.84 32.78 14.61
N ILE C 154 -5.91 33.70 13.67
CA ILE C 154 -5.91 35.13 13.96
C ILE C 154 -7.15 35.74 13.35
N PRO C 155 -8.27 35.81 14.06
CA PRO C 155 -9.48 36.42 13.50
C PRO C 155 -9.25 37.89 13.16
N THR C 156 -9.87 38.32 12.06
CA THR C 156 -9.69 39.70 11.62
C THR C 156 -10.42 40.68 12.53
N THR C 157 -11.66 40.37 12.89
CA THR C 157 -12.51 41.28 13.67
C THR C 157 -12.94 40.62 14.97
N PRO C 158 -12.30 40.93 16.11
CA PRO C 158 -12.78 40.38 17.38
C PRO C 158 -14.16 40.91 17.71
N CYS C 159 -14.94 40.08 18.40
CA CYS C 159 -16.30 40.44 18.81
C CYS C 159 -16.44 40.52 20.33
N GLY C 160 -15.35 40.44 21.08
CA GLY C 160 -15.43 40.48 22.53
C GLY C 160 -15.85 39.19 23.18
N PHE C 161 -15.77 38.07 22.46
CA PHE C 161 -16.14 36.77 22.98
C PHE C 161 -15.05 35.76 22.65
N ILE C 162 -15.11 34.60 23.31
CA ILE C 162 -14.02 33.63 23.24
C ILE C 162 -13.82 33.12 21.82
N CYS C 163 -14.87 33.14 21.00
CA CYS C 163 -14.76 32.56 19.66
C CYS C 163 -13.75 33.32 18.81
N CYS C 164 -13.80 34.65 18.84
CA CYS C 164 -12.98 35.49 17.97
C CYS C 164 -11.95 36.31 18.74
N GLY C 165 -11.72 36.00 20.01
CA GLY C 165 -10.78 36.73 20.81
C GLY C 165 -10.99 36.46 22.28
N PRO C 166 -10.25 37.14 23.16
CA PRO C 166 -10.50 37.00 24.59
C PRO C 166 -11.91 37.44 24.95
N GLY C 167 -12.55 36.70 25.84
CA GLY C 167 -13.89 37.02 26.26
C GLY C 167 -14.60 35.80 26.81
N SER C 168 -15.93 35.94 26.92
CA SER C 168 -16.79 34.93 27.49
C SER C 168 -17.48 34.13 26.38
N PHE C 169 -18.42 33.27 26.76
CA PHE C 169 -19.06 32.37 25.83
C PHE C 169 -20.35 32.96 25.28
N LYS C 170 -20.52 32.82 23.96
CA LYS C 170 -21.78 33.17 23.30
C LYS C 170 -22.77 32.02 23.42
N ASP C 171 -23.99 32.22 22.91
CA ASP C 171 -24.99 31.17 22.95
C ASP C 171 -24.73 30.06 21.94
N SER C 172 -23.94 30.34 20.90
CA SER C 172 -23.64 29.35 19.87
C SER C 172 -22.41 28.51 20.19
N LEU C 173 -21.81 28.69 21.37
CA LEU C 173 -20.62 27.95 21.78
C LEU C 173 -20.95 27.03 22.95
N GLY C 174 -20.07 26.07 23.16
CA GLY C 174 -20.16 25.19 24.32
C GLY C 174 -18.76 24.82 24.75
N PHE C 175 -18.66 24.20 25.92
CA PHE C 175 -17.37 23.76 26.42
C PHE C 175 -17.50 22.43 27.15
N VAL C 176 -16.38 21.72 27.18
CA VAL C 176 -16.24 20.48 27.95
C VAL C 176 -15.01 20.61 28.83
N ILE C 177 -15.18 20.38 30.13
CA ILE C 177 -14.10 20.49 31.10
C ILE C 177 -14.10 19.27 32.00
N LYS C 178 -12.91 18.79 32.35
CA LYS C 178 -12.78 17.69 33.30
C LYS C 178 -12.67 18.27 34.71
N ILE C 179 -13.69 18.02 35.53
CA ILE C 179 -13.70 18.44 36.92
C ILE C 179 -13.57 17.19 37.77
N GLY C 180 -12.45 17.07 38.47
CA GLY C 180 -12.20 15.88 39.27
C GLY C 180 -12.23 14.62 38.43
N GLU C 181 -13.29 13.83 38.58
CA GLU C 181 -13.45 12.58 37.87
C GLU C 181 -14.50 12.65 36.76
N PHE C 182 -15.26 13.74 36.67
CA PHE C 182 -16.41 13.83 35.78
C PHE C 182 -16.17 14.85 34.67
N TRP C 183 -16.63 14.53 33.48
CA TRP C 183 -16.57 15.45 32.34
C TRP C 183 -17.85 16.27 32.31
N HIS C 184 -17.74 17.58 32.53
CA HIS C 184 -18.88 18.48 32.50
C HIS C 184 -18.97 19.11 31.12
N MET C 185 -20.12 18.94 30.47
CA MET C 185 -20.39 19.49 29.14
C MET C 185 -21.48 20.55 29.31
N TYR C 186 -21.12 21.81 29.04
CA TYR C 186 -22.05 22.92 29.20
C TYR C 186 -22.21 23.64 27.87
N ASP C 187 -23.44 23.68 27.37
CA ASP C 187 -23.77 24.41 26.16
C ASP C 187 -24.17 25.85 26.47
N GLY C 188 -24.72 26.09 27.66
CA GLY C 188 -25.29 27.37 28.04
C GLY C 188 -26.78 27.28 28.37
N PHE C 189 -27.49 26.39 27.68
CA PHE C 189 -28.89 26.10 27.97
C PHE C 189 -29.07 24.77 28.68
N GLN C 190 -28.23 23.78 28.37
CA GLN C 190 -28.29 22.46 28.99
C GLN C 190 -26.93 22.09 29.53
N HIS C 191 -26.92 21.46 30.71
CA HIS C 191 -25.69 21.03 31.37
C HIS C 191 -25.75 19.51 31.58
N PHE C 192 -24.64 18.83 31.29
CA PHE C 192 -24.59 17.39 31.41
C PHE C 192 -23.26 16.96 32.01
N VAL C 193 -23.26 15.78 32.60
CA VAL C 193 -22.08 15.18 33.20
C VAL C 193 -21.89 13.79 32.65
N ALA C 194 -20.64 13.42 32.38
CA ALA C 194 -20.31 12.14 31.77
C ALA C 194 -19.13 11.51 32.51
N VAL C 195 -19.04 10.18 32.39
CA VAL C 195 -17.96 9.40 32.98
C VAL C 195 -17.76 8.16 32.12
N GLU C 196 -16.53 7.66 32.12
CA GLU C 196 -16.17 6.45 31.40
C GLU C 196 -16.06 5.30 32.39
N ASP C 197 -16.83 4.24 32.17
CA ASP C 197 -16.76 3.08 33.07
C ASP C 197 -15.63 2.14 32.66
N ALA C 198 -15.76 1.48 31.52
CA ALA C 198 -14.68 0.67 30.96
C ALA C 198 -14.28 1.15 29.57
N LYS C 199 -15.23 1.23 28.63
CA LYS C 199 -14.94 1.73 27.30
C LYS C 199 -16.07 2.58 26.74
N PHE C 200 -17.13 2.83 27.51
CA PHE C 200 -18.22 3.69 27.09
C PHE C 200 -18.05 5.08 27.71
N LEU C 201 -18.88 6.00 27.26
CA LEU C 201 -18.98 7.34 27.84
C LEU C 201 -20.37 7.46 28.44
N ALA C 202 -20.51 7.03 29.69
CA ALA C 202 -21.81 7.05 30.36
C ALA C 202 -22.29 8.49 30.51
N SER C 203 -23.56 8.74 30.17
CA SER C 203 -24.13 10.07 30.28
C SER C 203 -25.64 9.95 30.27
N LYS C 204 -26.29 11.03 30.73
CA LYS C 204 -27.75 11.06 30.72
C LYS C 204 -28.30 11.19 29.31
N SER C 205 -27.69 12.06 28.50
CA SER C 205 -28.15 12.35 27.14
C SER C 205 -26.97 12.20 26.18
N PRO C 206 -26.67 10.97 25.75
CA PRO C 206 -25.56 10.79 24.80
C PRO C 206 -25.77 11.53 23.49
N SER C 207 -27.02 11.80 23.11
CA SER C 207 -27.30 12.53 21.88
C SER C 207 -26.87 13.99 21.95
N PHE C 208 -26.53 14.49 23.13
CA PHE C 208 -26.07 15.86 23.27
C PHE C 208 -24.85 16.09 22.37
N TRP C 209 -24.86 17.19 21.62
CA TRP C 209 -23.79 17.42 20.66
C TRP C 209 -22.44 17.52 21.33
N LEU C 210 -22.37 18.23 22.46
CA LEU C 210 -21.12 18.28 23.21
C LEU C 210 -20.72 16.89 23.69
N ALA C 211 -21.71 16.06 24.04
CA ALA C 211 -21.40 14.69 24.45
C ALA C 211 -20.80 13.91 23.29
N LYS C 212 -21.34 14.08 22.08
CA LYS C 212 -20.76 13.41 20.91
C LYS C 212 -19.33 13.87 20.66
N ARG C 213 -19.09 15.19 20.77
CA ARG C 213 -17.73 15.71 20.56
C ARG C 213 -16.78 15.14 21.61
N LEU C 214 -17.21 15.08 22.87
CA LEU C 214 -16.37 14.54 23.93
C LEU C 214 -16.09 13.05 23.70
N ALA C 215 -17.10 12.31 23.25
CA ALA C 215 -16.89 10.89 22.96
C ALA C 215 -15.89 10.70 21.84
N LYS C 216 -15.98 11.53 20.80
CA LYS C 216 -15.00 11.45 19.72
C LYS C 216 -13.60 11.77 20.23
N ARG C 217 -13.46 12.82 21.04
CA ARG C 217 -12.15 13.19 21.54
C ARG C 217 -11.55 12.09 22.42
N LEU C 218 -12.36 11.51 23.30
CA LEU C 218 -11.88 10.49 24.23
C LEU C 218 -11.83 9.10 23.60
N ASN C 219 -12.41 8.92 22.42
CA ASN C 219 -12.43 7.62 21.74
C ASN C 219 -13.15 6.58 22.59
N LEU C 220 -14.42 6.85 22.85
CA LEU C 220 -15.28 5.96 23.62
C LEU C 220 -16.60 5.77 22.86
N VAL C 221 -17.46 4.92 23.41
CA VAL C 221 -18.75 4.59 22.83
C VAL C 221 -19.83 5.26 23.68
N PRO C 222 -20.65 6.16 23.13
CA PRO C 222 -21.71 6.77 23.95
C PRO C 222 -22.65 5.71 24.51
N LYS C 223 -23.08 5.92 25.76
CA LYS C 223 -23.94 4.97 26.44
C LYS C 223 -24.81 5.73 27.44
N GLU C 224 -26.10 5.44 27.43
CA GLU C 224 -27.03 6.09 28.35
C GLU C 224 -26.87 5.53 29.75
N ASP C 225 -26.78 6.42 30.74
CA ASP C 225 -26.62 6.02 32.13
C ASP C 225 -27.16 7.14 33.00
N PRO C 226 -28.42 7.04 33.46
CA PRO C 226 -28.98 8.10 34.32
C PRO C 226 -28.33 8.17 35.70
N SER C 227 -27.57 7.15 36.11
CA SER C 227 -26.98 7.14 37.44
C SER C 227 -25.83 8.12 37.59
N VAL C 228 -25.34 8.70 36.50
CA VAL C 228 -24.18 9.58 36.56
C VAL C 228 -24.62 10.93 37.11
N ALA C 229 -23.95 11.38 38.17
CA ALA C 229 -24.24 12.66 38.80
C ALA C 229 -22.96 13.23 39.39
N ALA C 230 -22.95 14.55 39.59
CA ALA C 230 -21.79 15.25 40.10
C ALA C 230 -22.23 16.24 41.17
N ALA C 231 -21.28 16.58 42.05
CA ALA C 231 -21.53 17.51 43.15
C ALA C 231 -20.92 18.88 42.88
N GLU C 232 -19.62 18.95 42.60
CA GLU C 232 -18.99 20.21 42.25
C GLU C 232 -19.22 20.50 40.77
N CYS C 233 -19.67 21.71 40.46
CA CYS C 233 -20.00 22.07 39.09
C CYS C 233 -19.98 23.59 38.91
N PRO C 234 -18.80 24.20 38.72
CA PRO C 234 -18.73 25.63 38.43
C PRO C 234 -18.84 25.95 36.95
N CYS C 235 -19.85 25.38 36.29
CA CYS C 235 -20.00 25.59 34.86
C CYS C 235 -20.54 26.98 34.56
N LYS C 236 -21.48 27.48 35.37
CA LYS C 236 -22.00 28.82 35.15
C LYS C 236 -20.91 29.87 35.33
N LYS C 237 -20.07 29.70 36.34
CA LYS C 237 -19.02 30.68 36.61
C LYS C 237 -18.05 30.77 35.44
N VAL C 238 -17.54 29.63 34.97
CA VAL C 238 -16.61 29.65 33.85
C VAL C 238 -17.31 30.13 32.57
N TRP C 239 -18.58 29.78 32.41
CA TRP C 239 -19.33 30.26 31.25
C TRP C 239 -19.39 31.78 31.23
N GLU C 240 -19.64 32.40 32.39
CA GLU C 240 -19.68 33.84 32.49
C GLU C 240 -18.29 34.46 32.63
N ALA C 241 -17.25 33.65 32.77
CA ALA C 241 -15.88 34.16 32.88
C ALA C 241 -15.31 34.44 31.49
N SER C 242 -14.15 35.08 31.48
CA SER C 242 -13.44 35.41 30.25
C SER C 242 -12.08 34.72 30.26
N PHE C 243 -11.73 34.10 29.13
CA PHE C 243 -10.47 33.38 28.99
C PHE C 243 -9.73 33.87 27.76
N ALA C 244 -8.41 33.80 27.82
CA ALA C 244 -7.58 34.20 26.68
C ALA C 244 -7.76 33.21 25.54
N ARG C 245 -7.80 33.74 24.32
CA ARG C 245 -7.93 32.93 23.11
C ARG C 245 -6.56 32.74 22.49
N ALA C 246 -6.14 31.49 22.34
CA ALA C 246 -4.83 31.20 21.79
C ALA C 246 -4.79 31.57 20.30
N PRO C 247 -3.62 31.95 19.76
CA PRO C 247 -3.49 32.26 18.34
C PRO C 247 -3.23 31.02 17.48
N THR C 248 -4.04 29.98 17.69
CA THR C 248 -3.86 28.70 17.05
C THR C 248 -5.14 28.26 16.37
N ALA C 249 -4.99 27.52 15.28
CA ALA C 249 -6.14 26.97 14.58
C ALA C 249 -6.72 25.79 15.37
N LEU C 250 -7.93 25.38 14.98
CA LEU C 250 -8.62 24.32 15.69
C LEU C 250 -7.87 23.00 15.56
N ASP C 251 -7.97 22.17 16.60
CA ASP C 251 -7.40 20.85 16.57
C ASP C 251 -8.24 19.97 15.64
N PRO C 252 -7.79 18.75 15.34
CA PRO C 252 -8.54 17.92 14.39
C PRO C 252 -9.99 17.69 14.80
N PHE C 253 -10.29 17.68 16.10
CA PHE C 253 -11.65 17.49 16.56
C PHE C 253 -12.52 18.73 16.41
N GLY C 254 -11.93 19.87 16.04
CA GLY C 254 -12.69 21.08 15.84
C GLY C 254 -12.87 21.93 17.09
N GLY C 255 -12.06 21.72 18.12
CA GLY C 255 -12.13 22.49 19.34
C GLY C 255 -10.83 23.23 19.61
N ARG C 256 -10.90 24.17 20.55
CA ARG C 256 -9.75 24.97 20.96
C ARG C 256 -9.66 24.95 22.48
N ALA C 257 -8.48 24.61 22.99
CA ALA C 257 -8.30 24.54 24.43
C ALA C 257 -8.31 25.93 25.05
N PHE C 258 -8.97 26.04 26.21
CA PHE C 258 -9.00 27.28 26.96
C PHE C 258 -8.57 27.11 28.41
N CYS C 259 -8.49 25.90 28.92
CA CYS C 259 -8.03 25.65 30.28
C CYS C 259 -7.54 24.21 30.36
N ASP C 260 -6.99 23.85 31.51
CA ASP C 260 -6.47 22.51 31.72
C ASP C 260 -7.56 21.47 31.49
N GLN C 261 -7.40 20.65 30.47
CA GLN C 261 -8.40 19.64 30.11
C GLN C 261 -9.75 20.28 29.85
N GLY C 262 -9.75 21.43 29.19
CA GLY C 262 -10.98 22.11 28.83
C GLY C 262 -10.94 22.59 27.39
N TRP C 263 -12.01 22.33 26.64
CA TRP C 263 -12.06 22.65 25.22
C TRP C 263 -13.37 23.35 24.88
N VAL C 264 -13.27 24.26 23.91
CA VAL C 264 -14.40 25.04 23.41
C VAL C 264 -14.80 24.50 22.05
N TYR C 265 -16.11 24.35 21.84
CA TYR C 265 -16.66 23.83 20.60
C TYR C 265 -17.71 24.79 20.08
N HIS C 266 -17.87 24.80 18.76
CA HIS C 266 -18.90 25.59 18.08
C HIS C 266 -19.95 24.64 17.51
N ARG C 267 -21.22 25.03 17.66
CA ARG C 267 -22.31 24.12 17.28
C ARG C 267 -22.27 23.82 15.78
N ASP C 268 -22.01 24.83 14.95
CA ASP C 268 -22.10 24.68 13.50
C ASP C 268 -20.75 24.38 12.85
N VAL C 269 -19.71 24.13 13.63
CA VAL C 269 -18.39 23.78 13.11
C VAL C 269 -18.11 22.34 13.46
N GLY C 270 -17.73 21.55 12.47
CA GLY C 270 -17.42 20.14 12.64
C GLY C 270 -15.93 19.89 12.74
N TYR C 271 -15.49 18.80 12.13
CA TYR C 271 -14.08 18.46 12.14
C TYR C 271 -13.26 19.52 11.40
N ALA C 272 -12.03 19.73 11.85
CA ALA C 272 -11.19 20.75 11.26
C ALA C 272 -11.00 20.51 9.76
N THR C 273 -11.17 21.57 8.98
CA THR C 273 -10.97 21.53 7.54
C THR C 273 -9.69 22.24 7.11
N ALA C 274 -8.83 22.60 8.06
CA ALA C 274 -7.56 23.26 7.78
C ALA C 274 -6.44 22.51 8.47
N ASN C 275 -5.23 22.69 7.96
CA ASN C 275 -4.07 21.99 8.50
C ASN C 275 -3.76 22.49 9.90
N HIS C 276 -3.86 21.58 10.87
CA HIS C 276 -3.65 21.97 12.27
C HIS C 276 -2.18 22.24 12.56
N ILE C 277 -1.29 21.37 12.08
CA ILE C 277 0.14 21.45 12.39
C ILE C 277 0.90 21.76 11.11
N SER C 278 1.89 22.64 11.24
CA SER C 278 2.75 23.00 10.11
C SER C 278 4.09 23.46 10.67
N GLN C 279 5.06 23.61 9.76
CA GLN C 279 6.38 24.08 10.18
C GLN C 279 6.28 25.45 10.84
N GLU C 280 5.48 26.35 10.25
CA GLU C 280 5.26 27.68 10.81
C GLU C 280 4.32 27.65 12.01
N THR C 281 3.63 26.54 12.26
CA THR C 281 2.58 26.48 13.26
C THR C 281 2.89 25.54 14.42
N LEU C 282 3.84 24.61 14.26
CA LEU C 282 4.03 23.56 15.25
C LEU C 282 4.36 24.15 16.63
N PHE C 283 5.33 25.07 16.68
CA PHE C 283 5.84 25.52 17.98
C PHE C 283 4.87 26.44 18.70
N GLN C 284 4.12 27.27 17.96
CA GLN C 284 3.07 28.06 18.60
C GLN C 284 2.01 27.15 19.20
N GLN C 285 1.64 26.09 18.48
CA GLN C 285 0.67 25.13 19.00
C GLN C 285 1.21 24.46 20.26
N ALA C 286 2.49 24.08 20.25
CA ALA C 286 3.08 23.46 21.43
C ALA C 286 3.08 24.42 22.61
N LEU C 287 3.43 25.69 22.38
CA LEU C 287 3.45 26.65 23.47
C LEU C 287 2.05 26.93 24.01
N SER C 288 1.03 26.86 23.14
CA SER C 288 -0.32 27.18 23.58
C SER C 288 -0.85 26.20 24.61
N VAL C 289 -0.34 24.96 24.65
CA VAL C 289 -0.88 23.94 25.53
C VAL C 289 0.20 23.39 26.45
N ARG C 290 1.19 24.23 26.77
CA ARG C 290 2.26 23.77 27.65
C ARG C 290 1.77 23.45 29.05
N ASN C 291 0.68 24.11 29.50
CA ASN C 291 0.15 23.91 30.84
C ASN C 291 -1.31 23.48 30.82
N LEU C 292 -1.79 22.93 29.69
CA LEU C 292 -3.19 22.56 29.54
C LEU C 292 -3.43 21.05 29.55
N GLY C 293 -2.39 20.25 29.81
CA GLY C 293 -2.55 18.82 29.86
C GLY C 293 -2.59 18.19 28.48
N PRO C 294 -2.73 16.87 28.43
CA PRO C 294 -2.72 16.18 27.13
C PRO C 294 -3.85 16.65 26.22
N GLN C 295 -3.56 16.70 24.94
CA GLN C 295 -4.51 17.17 23.93
C GLN C 295 -4.88 16.11 22.91
N GLY C 296 -3.91 15.31 22.45
CA GLY C 296 -4.21 14.32 21.44
C GLY C 296 -4.49 14.90 20.07
N SER C 297 -4.00 16.10 19.78
CA SER C 297 -4.28 16.78 18.53
C SER C 297 -3.17 16.62 17.50
N ALA C 298 -2.14 15.83 17.79
CA ALA C 298 -1.03 15.63 16.88
C ALA C 298 -0.71 14.15 16.77
N ASN C 299 -0.48 13.70 15.54
CA ASN C 299 -0.12 12.31 15.26
C ASN C 299 1.39 12.19 15.18
N VAL C 300 1.94 11.19 15.87
CA VAL C 300 3.38 10.97 15.93
C VAL C 300 3.67 9.64 15.25
N SER C 301 4.73 9.62 14.43
CA SER C 301 5.12 8.41 13.72
C SER C 301 5.95 7.54 14.65
N GLY C 302 5.42 6.39 15.01
CA GLY C 302 6.08 5.47 15.92
C GLY C 302 5.33 5.36 17.23
N SER C 303 5.99 4.72 18.19
CA SER C 303 5.41 4.53 19.50
C SER C 303 5.30 5.86 20.24
N ILE C 304 4.13 6.12 20.82
CA ILE C 304 3.95 7.32 21.63
C ILE C 304 4.81 7.23 22.88
N HIS C 305 4.95 6.03 23.44
CA HIS C 305 5.78 5.86 24.63
C HIS C 305 7.24 6.21 24.35
N THR C 306 7.76 5.76 23.20
CA THR C 306 9.14 6.10 22.85
C THR C 306 9.31 7.60 22.64
N ALA C 307 8.35 8.23 21.99
CA ALA C 307 8.42 9.68 21.78
C ALA C 307 8.41 10.40 23.12
N LEU C 308 7.56 9.97 24.05
CA LEU C 308 7.52 10.60 25.37
C LEU C 308 8.82 10.36 26.13
N ASP C 309 9.42 9.18 25.99
CA ASP C 309 10.69 8.90 26.64
C ASP C 309 11.79 9.81 26.11
N ARG C 310 11.85 10.00 24.78
CA ARG C 310 12.83 10.89 24.21
C ARG C 310 12.57 12.34 24.65
N LEU C 311 11.31 12.73 24.72
CA LEU C 311 10.96 14.06 25.19
C LEU C 311 11.44 14.27 26.63
N ARG C 312 11.23 13.27 27.49
CA ARG C 312 11.71 13.38 28.87
C ARG C 312 13.22 13.46 28.92
N ALA C 313 13.90 12.63 28.12
CA ALA C 313 15.37 12.65 28.12
C ALA C 313 15.89 14.02 27.71
N ALA C 314 15.29 14.63 26.68
CA ALA C 314 15.68 15.99 26.32
C ALA C 314 15.32 16.98 27.42
N TYR C 315 14.16 16.78 28.06
CA TYR C 315 13.72 17.67 29.13
C TYR C 315 14.69 17.68 30.29
N SER C 316 15.39 16.57 30.51
CA SER C 316 16.31 16.49 31.65
C SER C 316 17.39 17.57 31.57
N ARG C 317 17.95 17.79 30.39
CA ARG C 317 19.07 18.72 30.20
C ARG C 317 18.65 20.05 29.61
N GLY C 318 17.34 20.32 29.49
CA GLY C 318 16.88 21.52 28.85
C GLY C 318 16.81 22.72 29.79
N THR C 319 16.52 23.86 29.19
CA THR C 319 16.31 25.13 29.88
C THR C 319 14.82 25.37 30.06
N PRO C 320 14.44 26.34 30.90
CA PRO C 320 13.00 26.56 31.15
C PRO C 320 12.20 26.82 29.88
N ALA C 321 12.73 27.59 28.93
CA ALA C 321 12.02 27.81 27.68
C ALA C 321 11.93 26.53 26.86
N SER C 322 13.08 25.85 26.68
CA SER C 322 13.09 24.57 25.99
C SER C 322 12.26 23.54 26.75
N ARG C 323 12.30 23.59 28.08
CA ARG C 323 11.49 22.67 28.87
C ARG C 323 10.01 22.89 28.61
N SER C 324 9.58 24.16 28.56
CA SER C 324 8.18 24.45 28.24
C SER C 324 7.83 23.97 26.83
N ILE C 325 8.74 24.16 25.87
CA ILE C 325 8.49 23.70 24.52
C ILE C 325 8.31 22.19 24.49
N LEU C 326 9.17 21.46 25.19
CA LEU C 326 9.09 20.01 25.22
C LEU C 326 7.82 19.54 25.89
N GLN C 327 7.42 20.19 27.00
CA GLN C 327 6.18 19.84 27.66
C GLN C 327 4.98 20.10 26.74
N GLY C 328 5.01 21.21 26.02
CA GLY C 328 3.95 21.46 25.06
C GLY C 328 3.87 20.41 23.98
N LEU C 329 5.03 19.97 23.48
CA LEU C 329 5.04 18.89 22.49
C LEU C 329 4.45 17.62 23.06
N ALA C 330 4.85 17.26 24.29
CA ALA C 330 4.33 16.05 24.92
C ALA C 330 2.83 16.12 25.09
N ASN C 331 2.31 17.28 25.52
CA ASN C 331 0.87 17.44 25.63
C ASN C 331 0.21 17.34 24.26
N LEU C 332 0.85 17.89 23.23
CA LEU C 332 0.27 17.87 21.89
C LEU C 332 0.11 16.45 21.38
N ILE C 333 1.12 15.59 21.61
CA ILE C 333 1.11 14.26 21.01
C ILE C 333 0.43 13.20 21.89
N THR C 334 -0.02 13.56 23.09
CA THR C 334 -0.56 12.55 23.99
C THR C 334 -2.07 12.43 23.84
N PRO C 335 -2.61 11.24 23.64
CA PRO C 335 -4.08 11.09 23.61
C PRO C 335 -4.71 11.43 24.94
N VAL C 336 -5.95 11.91 24.88
CA VAL C 336 -6.66 12.34 26.07
C VAL C 336 -7.24 11.12 26.78
N GLY C 337 -6.89 10.96 28.05
CA GLY C 337 -7.49 9.92 28.88
C GLY C 337 -7.18 8.50 28.44
N GLU C 338 -5.92 8.22 28.12
CA GLU C 338 -5.49 6.88 27.76
C GLU C 338 -4.36 6.39 28.66
N ASN C 339 -4.30 6.92 29.88
CA ASN C 339 -3.28 6.55 30.87
C ASN C 339 -1.88 6.70 30.29
N PHE C 340 -1.56 7.95 29.94
CA PHE C 340 -0.23 8.33 29.46
C PHE C 340 0.36 9.35 30.42
N GLU C 341 1.62 9.12 30.81
CA GLU C 341 2.30 10.04 31.73
C GLU C 341 2.99 11.12 30.90
N CYS C 342 2.17 12.04 30.40
CA CYS C 342 2.68 13.12 29.57
C CYS C 342 3.39 14.20 30.38
N ASP C 343 3.13 14.29 31.67
CA ASP C 343 3.81 15.27 32.52
C ASP C 343 5.28 14.91 32.63
N LEU C 344 6.13 15.68 31.95
CA LEU C 344 7.55 15.36 31.91
C LEU C 344 8.21 15.50 33.28
N ASP C 345 7.59 16.25 34.20
CA ASP C 345 8.15 16.37 35.55
C ASP C 345 7.94 15.07 36.33
N LYS C 346 6.77 14.46 36.21
CA LYS C 346 6.44 13.25 36.96
C LYS C 346 6.79 11.97 36.21
N ARG C 347 7.21 12.06 34.96
CA ARG C 347 7.55 10.87 34.19
C ARG C 347 8.91 10.34 34.62
N LYS C 348 9.00 9.04 34.85
CA LYS C 348 10.26 8.42 35.26
C LYS C 348 11.20 8.36 34.07
N LEU C 349 12.35 9.03 34.20
CA LEU C 349 13.35 9.01 33.14
C LEU C 349 14.03 7.66 33.07
N ASN C 350 14.16 7.12 31.86
CA ASN C 350 14.93 5.90 31.62
C ASN C 350 16.28 6.27 31.03
N ILE C 351 17.31 5.51 31.40
CA ILE C 351 18.66 5.77 30.91
C ILE C 351 18.92 5.12 29.56
N LYS C 352 18.09 4.18 29.14
CA LYS C 352 18.28 3.53 27.85
C LYS C 352 17.94 4.45 26.68
N ALA C 353 17.22 5.54 26.94
CA ALA C 353 16.91 6.53 25.92
C ALA C 353 17.95 7.64 25.85
N LEU C 354 18.94 7.63 26.75
CA LEU C 354 19.97 8.65 26.80
C LEU C 354 21.24 8.27 26.06
N ARG C 355 21.31 7.06 25.50
CA ARG C 355 22.54 6.57 24.90
C ARG C 355 22.71 7.03 23.47
N SER C 356 21.59 7.14 22.74
CA SER C 356 21.54 7.64 21.34
C SER C 356 22.12 9.06 21.27
N PRO C 357 22.82 9.48 20.20
CA PRO C 357 23.41 10.82 20.12
C PRO C 357 22.51 11.97 19.63
N GLU C 358 21.25 11.67 19.29
CA GLU C 358 20.26 12.60 18.79
C GLU C 358 18.90 12.03 19.18
N ARG C 359 18.00 12.89 19.63
CA ARG C 359 16.63 12.49 19.92
C ARG C 359 15.74 13.06 18.83
N TYR C 360 15.08 12.17 18.08
CA TYR C 360 14.25 12.55 16.96
C TYR C 360 12.79 12.21 17.26
N ILE C 361 11.90 13.11 16.89
CA ILE C 361 10.46 12.86 16.99
C ILE C 361 9.79 13.40 15.74
N THR C 362 8.88 12.63 15.16
CA THR C 362 8.18 13.00 13.94
C THR C 362 6.73 13.29 14.30
N ILE C 363 6.32 14.54 14.17
CA ILE C 363 4.95 14.97 14.42
C ILE C 363 4.34 15.43 13.11
N GLU C 364 3.32 14.72 12.65
CA GLU C 364 2.61 15.08 11.42
C GLU C 364 3.57 15.24 10.25
N GLY C 365 4.52 14.31 10.16
CA GLY C 365 5.49 14.32 9.08
C GLY C 365 6.62 15.30 9.23
N LEU C 366 6.69 16.02 10.35
CA LEU C 366 7.75 16.98 10.62
C LEU C 366 8.74 16.34 11.58
N VAL C 367 9.99 16.19 11.15
CA VAL C 367 11.03 15.58 11.97
C VAL C 367 11.73 16.68 12.76
N VAL C 368 11.78 16.52 14.07
CA VAL C 368 12.38 17.50 14.97
C VAL C 368 13.41 16.80 15.84
N ASN C 369 14.61 17.37 15.92
CA ASN C 369 15.66 16.88 16.79
C ASN C 369 15.54 17.60 18.13
N LEU C 370 15.19 16.86 19.18
CA LEU C 370 14.98 17.49 20.48
C LEU C 370 16.28 18.05 21.04
N ASP C 371 17.42 17.41 20.76
CA ASP C 371 18.69 17.94 21.22
C ASP C 371 18.95 19.31 20.61
N ASP C 372 18.65 19.47 19.32
CA ASP C 372 18.80 20.78 18.68
C ASP C 372 17.83 21.79 19.28
N VAL C 373 16.61 21.36 19.58
CA VAL C 373 15.64 22.26 20.21
C VAL C 373 16.17 22.74 21.55
N VAL C 374 16.81 21.86 22.31
CA VAL C 374 17.38 22.25 23.59
C VAL C 374 18.48 23.28 23.39
N ARG C 375 19.24 23.18 22.30
CA ARG C 375 20.29 24.14 22.00
C ARG C 375 19.78 25.42 21.37
N GLY C 376 18.46 25.63 21.34
CA GLY C 376 17.91 26.84 20.79
C GLY C 376 18.16 27.02 19.31
N PHE C 377 17.92 25.96 18.52
CA PHE C 377 18.15 26.03 17.08
C PHE C 377 16.88 26.42 16.33
N TYR C 378 15.77 25.71 16.57
CA TYR C 378 14.56 25.97 15.81
C TYR C 378 13.94 27.33 16.13
N LEU C 379 14.36 27.99 17.22
CA LEU C 379 13.73 29.24 17.65
C LEU C 379 14.69 30.42 17.76
N ASP C 380 15.98 30.20 17.92
CA ASP C 380 16.93 31.29 18.11
C ASP C 380 17.96 31.39 16.99
N LYS C 381 18.66 30.30 16.68
CA LYS C 381 19.71 30.33 15.67
C LYS C 381 19.47 29.25 14.64
N ALA C 382 19.64 29.60 13.36
CA ALA C 382 19.44 28.65 12.29
C ALA C 382 20.66 27.74 12.14
N LYS C 383 20.45 26.61 11.48
CA LYS C 383 21.50 25.62 11.24
C LYS C 383 21.99 25.75 9.81
N VAL C 384 23.31 25.71 9.63
CA VAL C 384 23.95 25.90 8.33
C VAL C 384 24.88 24.73 8.07
N THR C 385 24.82 24.18 6.86
CA THR C 385 25.77 23.18 6.39
C THR C 385 26.16 23.51 4.97
N VAL C 386 27.47 23.50 4.69
CA VAL C 386 27.96 23.89 3.38
C VAL C 386 27.87 22.68 2.44
N LEU C 387 27.13 22.83 1.34
CA LEU C 387 26.97 21.76 0.38
C LEU C 387 28.09 21.73 -0.65
N SER C 388 28.52 22.88 -1.14
CA SER C 388 29.58 22.94 -2.12
C SER C 388 30.21 24.33 -2.11
N ARG C 389 31.40 24.42 -2.69
CA ARG C 389 32.09 25.69 -2.87
C ARG C 389 31.80 26.31 -4.23
N SER C 390 30.98 25.68 -5.05
CA SER C 390 30.68 26.15 -6.39
C SER C 390 29.29 26.76 -6.44
N LYS C 391 29.12 27.72 -7.35
CA LYS C 391 27.83 28.38 -7.56
C LYS C 391 26.95 27.47 -8.41
N TRP C 392 25.78 27.09 -7.87
CA TRP C 392 24.83 26.28 -8.60
C TRP C 392 23.84 27.17 -9.34
N MET C 393 23.49 26.78 -10.56
CA MET C 393 22.57 27.55 -11.37
C MET C 393 21.14 27.35 -10.87
N GLY C 394 20.37 28.43 -10.88
CA GLY C 394 18.96 28.37 -10.54
C GLY C 394 18.64 28.57 -9.08
N TYR C 395 19.62 28.95 -8.25
CA TYR C 395 19.41 29.12 -6.82
C TYR C 395 19.58 30.59 -6.45
N GLU C 396 18.69 31.09 -5.60
CA GLU C 396 18.69 32.49 -5.21
C GLU C 396 19.82 32.77 -4.22
N ASP C 397 20.10 34.06 -4.04
CA ASP C 397 21.11 34.48 -3.09
C ASP C 397 20.61 34.30 -1.66
N LEU C 398 21.54 34.32 -0.72
CA LEU C 398 21.20 34.16 0.69
C LEU C 398 20.54 35.43 1.23
N PRO C 399 19.30 35.36 1.74
CA PRO C 399 18.70 36.55 2.34
C PRO C 399 19.36 36.94 3.66
N GLN C 400 18.94 38.07 4.23
CA GLN C 400 19.53 38.54 5.48
C GLN C 400 19.27 37.56 6.61
N LYS C 401 18.00 37.15 6.77
CA LYS C 401 17.60 36.18 7.79
C LYS C 401 16.94 35.02 7.03
N PRO C 402 17.71 34.03 6.60
CA PRO C 402 17.19 33.05 5.64
C PRO C 402 16.19 32.11 6.30
N PRO C 403 15.15 31.69 5.57
CA PRO C 403 14.35 30.55 6.00
C PRO C 403 15.02 29.25 5.54
N ASN C 404 14.36 28.14 5.80
CA ASN C 404 14.89 26.85 5.37
C ASN C 404 14.99 26.81 3.84
N GLY C 405 16.10 26.29 3.35
CA GLY C 405 16.28 26.13 1.91
C GLY C 405 17.72 26.24 1.51
N THR C 406 17.96 26.10 0.21
CA THR C 406 19.29 26.14 -0.36
C THR C 406 19.53 27.49 -1.02
N PHE C 407 20.61 28.17 -0.63
CA PHE C 407 20.91 29.49 -1.14
C PHE C 407 22.40 29.62 -1.41
N TYR C 408 22.75 30.52 -2.33
CA TYR C 408 24.14 30.82 -2.62
C TYR C 408 24.58 32.01 -1.78
N CYS C 409 25.55 31.79 -0.90
CA CYS C 409 26.14 32.87 -0.11
C CYS C 409 27.35 33.39 -0.85
N ARG C 410 27.28 34.65 -1.29
CA ARG C 410 28.38 35.26 -2.03
C ARG C 410 29.53 35.65 -1.11
N LYS C 411 29.26 35.98 0.16
CA LYS C 411 30.33 36.29 1.09
C LYS C 411 31.25 35.09 1.27
N ARG C 412 30.67 33.92 1.47
CA ARG C 412 31.44 32.68 1.55
C ARG C 412 31.62 32.01 0.19
N LYS C 413 30.97 32.52 -0.86
CA LYS C 413 31.08 31.95 -2.19
C LYS C 413 30.78 30.45 -2.17
N ALA C 414 29.69 30.09 -1.49
CA ALA C 414 29.38 28.68 -1.29
C ALA C 414 27.88 28.47 -1.27
N MET C 415 27.47 27.25 -1.58
CA MET C 415 26.07 26.86 -1.51
C MET C 415 25.78 26.35 -0.10
N LEU C 416 24.80 26.94 0.56
CA LEU C 416 24.47 26.64 1.95
C LEU C 416 23.04 26.12 2.03
N LEU C 417 22.82 25.17 2.93
CA LEU C 417 21.50 24.63 3.23
C LEU C 417 21.12 25.06 4.63
N ILE C 418 20.08 25.90 4.72
CA ILE C 418 19.60 26.42 5.98
C ILE C 418 18.46 25.54 6.47
N SER C 419 18.57 25.07 7.72
CA SER C 419 17.56 24.24 8.34
C SER C 419 17.36 24.70 9.78
N CYS C 420 16.19 24.37 10.33
CA CYS C 420 15.83 24.77 11.69
C CYS C 420 15.92 26.29 11.85
N SER C 421 15.51 27.01 10.82
CA SER C 421 15.64 28.47 10.80
C SER C 421 14.44 29.11 11.49
N PRO C 422 14.64 30.02 12.44
CA PRO C 422 13.50 30.74 13.03
C PRO C 422 12.65 31.43 11.98
N GLY C 423 13.25 31.74 10.82
CA GLY C 423 12.52 32.36 9.74
C GLY C 423 11.44 31.48 9.15
N THR C 424 11.44 30.18 9.47
CA THR C 424 10.40 29.26 9.03
C THR C 424 9.51 28.79 10.16
N TYR C 425 10.05 28.60 11.36
CA TYR C 425 9.28 28.10 12.50
C TYR C 425 8.76 29.21 13.41
N ALA C 426 9.39 30.38 13.40
CA ALA C 426 9.05 31.48 14.31
C ALA C 426 8.98 32.79 13.54
N LYS C 427 8.26 32.79 12.42
CA LYS C 427 8.21 33.96 11.56
C LYS C 427 7.83 35.21 12.36
N LYS C 428 6.75 35.14 13.13
CA LYS C 428 6.31 36.27 13.94
C LYS C 428 6.89 36.21 15.35
N ARG C 429 8.21 36.12 15.43
CA ARG C 429 8.90 36.06 16.71
C ARG C 429 8.35 34.92 17.57
N1 CTP F 1 11.29 -7.70 -2.65
C2 CTP F 1 10.19 -8.56 -2.76
N3 CTP F 1 9.39 -8.47 -3.84
C4 CTP F 1 9.64 -7.57 -4.80
C5 CTP F 1 10.76 -6.69 -4.71
C6 CTP F 1 11.55 -6.80 -3.62
O2 CTP F 1 9.98 -9.39 -1.84
N4 CTP F 1 8.83 -7.52 -5.84
C1' CTP F 1 12.15 -7.83 -1.44
C2' CTP F 1 13.04 -9.08 -1.47
O2' CTP F 1 13.37 -9.43 -0.14
C3' CTP F 1 14.24 -8.53 -2.24
C4' CTP F 1 14.39 -7.17 -1.56
O4' CTP F 1 13.02 -6.71 -1.41
O3' CTP F 1 15.41 -9.32 -2.13
C5' CTP F 1 15.21 -6.14 -2.30
O5' CTP F 1 14.70 -6.00 -3.65
PA CTP F 1 15.55 -5.18 -4.73
O1A CTP F 1 16.21 -4.02 -4.06
O2A CTP F 1 14.69 -4.88 -5.92
O3A CTP F 1 16.67 -6.24 -5.17
PB CTP F 1 17.72 -7.17 -4.39
O1B CTP F 1 18.41 -6.33 -3.38
O2B CTP F 1 17.02 -8.41 -3.95
O3B CTP F 1 18.75 -7.52 -5.56
PG CTP F 1 19.56 -6.59 -6.60
O1G CTP F 1 20.10 -5.45 -5.78
O2G CTP F 1 20.64 -7.47 -7.17
O3G CTP F 1 18.56 -6.15 -7.63
H5 CTP F 1 10.95 -6.07 -5.38
H6 CTP F 1 12.29 -6.23 -3.53
HN41 CTP F 1 8.98 -6.95 -6.48
HN42 CTP F 1 8.15 -8.08 -5.89
H1' CTP F 1 11.59 -7.84 -0.63
H2' CTP F 1 12.60 -9.81 -1.94
HO2' CTP F 1 13.87 -10.12 -0.15
H3' CTP F 1 13.99 -8.41 -3.20
H4' CTP F 1 14.78 -7.30 -0.68
HO3' CTP F 1 15.24 -10.09 -2.44
H5'1 CTP F 1 16.15 -6.42 -2.33
H5'2 CTP F 1 15.15 -5.27 -1.83
ZN ZN G . 12.28 -7.33 -44.59
MG MG H . 15.94 -2.11 -3.19
ZN ZN I . -20.67 21.30 35.29
ZN ZN J . -17.18 35.70 17.74
MG MG K . 18.76 -4.74 -3.76
#